data_2D9B
#
_entry.id   2D9B
#
_entity_poly.entity_id   1
_entity_poly.type   'polypeptide(L)'
_entity_poly.pdbx_seq_one_letter_code
;GSSGSSGMSVDAVEIETLRKTVEDYFCFCYGKALGKSTVVPVPYEKMLRDQSAVVVQGLPEGVAFKHPENYDLATLKWIL
ENKAGISFIIKRPFLEPKKHVGGSGPSSG
;
_entity_poly.pdbx_strand_id   A
#
# COMPACT_ATOMS: atom_id res chain seq x y z
N GLY A 1 1.39 -22.05 35.30
CA GLY A 1 0.82 -22.37 34.01
C GLY A 1 -0.49 -21.63 33.76
N SER A 2 -0.96 -21.65 32.52
CA SER A 2 -2.20 -20.98 32.16
C SER A 2 -3.40 -21.90 32.35
N SER A 3 -4.56 -21.31 32.60
CA SER A 3 -5.78 -22.07 32.81
C SER A 3 -6.72 -21.93 31.61
N GLY A 4 -7.12 -20.70 31.33
CA GLY A 4 -8.01 -20.45 30.21
C GLY A 4 -7.34 -19.67 29.09
N SER A 5 -6.19 -20.17 28.64
CA SER A 5 -5.44 -19.51 27.57
C SER A 5 -6.37 -19.13 26.42
N SER A 6 -6.41 -17.83 26.13
CA SER A 6 -7.26 -17.32 25.05
C SER A 6 -6.42 -16.86 23.87
N GLY A 7 -6.47 -17.62 22.78
CA GLY A 7 -5.70 -17.28 21.60
C GLY A 7 -6.36 -16.18 20.78
N MET A 8 -6.33 -16.32 19.46
CA MET A 8 -6.93 -15.33 18.57
C MET A 8 -7.98 -15.97 17.66
N SER A 9 -8.93 -15.17 17.22
CA SER A 9 -9.99 -15.67 16.34
C SER A 9 -9.40 -16.36 15.12
N VAL A 10 -10.13 -17.35 14.60
CA VAL A 10 -9.68 -18.10 13.44
C VAL A 10 -9.81 -17.27 12.17
N ASP A 11 -10.85 -16.44 12.11
CA ASP A 11 -11.09 -15.59 10.96
C ASP A 11 -10.13 -14.39 10.96
N ALA A 12 -9.53 -14.13 12.11
CA ALA A 12 -8.60 -13.02 12.24
C ALA A 12 -7.49 -13.10 11.21
N VAL A 13 -6.92 -14.28 11.04
CA VAL A 13 -5.85 -14.49 10.08
C VAL A 13 -6.27 -14.03 8.69
N GLU A 14 -7.57 -13.88 8.48
CA GLU A 14 -8.11 -13.45 7.20
C GLU A 14 -7.94 -11.94 7.02
N ILE A 15 -8.61 -11.18 7.89
CA ILE A 15 -8.53 -9.72 7.83
C ILE A 15 -7.09 -9.25 7.76
N GLU A 16 -6.19 -10.00 8.37
CA GLU A 16 -4.78 -9.64 8.37
C GLU A 16 -4.13 -9.98 7.04
N THR A 17 -4.51 -11.12 6.47
CA THR A 17 -3.98 -11.57 5.19
C THR A 17 -4.42 -10.65 4.06
N LEU A 18 -5.64 -10.15 4.17
CA LEU A 18 -6.20 -9.26 3.15
C LEU A 18 -5.41 -7.95 3.09
N ARG A 19 -5.13 -7.38 4.26
CA ARG A 19 -4.39 -6.13 4.35
C ARG A 19 -3.03 -6.26 3.68
N LYS A 20 -2.43 -7.45 3.78
CA LYS A 20 -1.13 -7.70 3.18
C LYS A 20 -1.21 -7.66 1.66
N THR A 21 -2.15 -8.42 1.11
CA THR A 21 -2.35 -8.48 -0.33
C THR A 21 -2.44 -7.08 -0.93
N VAL A 22 -3.28 -6.23 -0.33
CA VAL A 22 -3.46 -4.87 -0.80
C VAL A 22 -2.18 -4.05 -0.64
N GLU A 23 -1.45 -4.32 0.44
CA GLU A 23 -0.21 -3.61 0.72
C GLU A 23 0.80 -3.82 -0.41
N ASP A 24 0.89 -5.06 -0.88
CA ASP A 24 1.82 -5.40 -1.96
C ASP A 24 1.36 -4.80 -3.28
N TYR A 25 0.09 -4.99 -3.61
CA TYR A 25 -0.47 -4.46 -4.85
C TYR A 25 0.01 -3.04 -5.10
N PHE A 26 -0.36 -2.13 -4.22
CA PHE A 26 0.02 -0.73 -4.34
C PHE A 26 1.48 -0.61 -4.76
N CYS A 27 2.31 -1.54 -4.29
CA CYS A 27 3.73 -1.54 -4.61
C CYS A 27 3.96 -1.97 -6.05
N PHE A 28 3.16 -2.92 -6.52
CA PHE A 28 3.27 -3.41 -7.88
C PHE A 28 2.89 -2.33 -8.89
N CYS A 29 1.75 -1.70 -8.66
CA CYS A 29 1.27 -0.64 -9.55
C CYS A 29 2.23 0.55 -9.55
N TYR A 30 2.75 0.88 -8.38
CA TYR A 30 3.68 2.00 -8.26
C TYR A 30 5.00 1.70 -8.96
N GLY A 31 5.59 0.55 -8.63
CA GLY A 31 6.86 0.17 -9.24
C GLY A 31 6.69 -0.17 -10.71
N LYS A 32 5.52 -0.65 -11.09
CA LYS A 32 5.25 -1.01 -12.48
C LYS A 32 5.20 0.23 -13.36
N ALA A 33 4.51 1.26 -12.89
CA ALA A 33 4.40 2.51 -13.64
C ALA A 33 5.75 3.21 -13.75
N LEU A 34 6.61 2.97 -12.78
CA LEU A 34 7.94 3.58 -12.77
C LEU A 34 8.79 3.06 -13.92
N GLY A 35 8.58 1.79 -14.28
CA GLY A 35 9.33 1.20 -15.37
C GLY A 35 10.50 0.36 -14.88
N LYS A 36 10.42 -0.06 -13.63
CA LYS A 36 11.48 -0.87 -13.03
C LYS A 36 11.17 -2.36 -13.18
N SER A 37 12.08 -3.20 -12.69
CA SER A 37 11.90 -4.64 -12.77
C SER A 37 11.60 -5.24 -11.40
N THR A 38 11.14 -4.38 -10.48
CA THR A 38 10.81 -4.82 -9.13
C THR A 38 9.73 -3.94 -8.52
N VAL A 39 9.11 -4.42 -7.45
CA VAL A 39 8.06 -3.68 -6.77
C VAL A 39 8.65 -2.62 -5.84
N VAL A 40 7.98 -1.46 -5.79
CA VAL A 40 8.44 -0.36 -4.96
C VAL A 40 7.42 -0.05 -3.86
N PRO A 41 7.92 0.15 -2.63
CA PRO A 41 7.07 0.47 -1.47
C PRO A 41 6.45 1.85 -1.56
N VAL A 42 5.13 1.89 -1.60
CA VAL A 42 4.40 3.16 -1.69
C VAL A 42 4.45 3.91 -0.36
N PRO A 43 5.16 5.05 -0.34
CA PRO A 43 5.30 5.87 0.86
C PRO A 43 3.99 6.56 1.24
N TYR A 44 3.10 5.83 1.90
CA TYR A 44 1.81 6.38 2.31
C TYR A 44 1.99 7.66 3.10
N GLU A 45 2.91 7.63 4.07
CA GLU A 45 3.18 8.80 4.90
C GLU A 45 3.42 10.04 4.05
N LYS A 46 4.22 9.87 2.99
CA LYS A 46 4.53 10.98 2.09
C LYS A 46 3.34 11.30 1.19
N MET A 47 2.91 10.31 0.41
CA MET A 47 1.77 10.49 -0.49
C MET A 47 0.62 11.20 0.22
N LEU A 48 0.48 10.93 1.52
CA LEU A 48 -0.59 11.55 2.31
C LEU A 48 -0.46 13.07 2.31
N ARG A 49 0.75 13.55 2.58
CA ARG A 49 1.01 14.99 2.61
C ARG A 49 1.02 15.57 1.21
N ASP A 50 1.54 14.80 0.26
CA ASP A 50 1.61 15.24 -1.13
C ASP A 50 1.00 14.20 -2.06
N GLN A 51 -0.26 14.40 -2.45
CA GLN A 51 -0.96 13.48 -3.34
C GLN A 51 -0.85 13.94 -4.78
N SER A 52 0.36 14.30 -5.21
CA SER A 52 0.57 14.77 -6.57
C SER A 52 1.66 13.94 -7.26
N ALA A 53 2.72 13.64 -6.52
CA ALA A 53 3.81 12.84 -7.05
C ALA A 53 3.30 11.58 -7.72
N VAL A 54 2.24 11.00 -7.17
CA VAL A 54 1.64 9.79 -7.71
C VAL A 54 0.15 9.73 -7.45
N VAL A 55 -0.62 9.55 -8.52
CA VAL A 55 -2.08 9.48 -8.39
C VAL A 55 -2.56 8.04 -8.38
N VAL A 56 -3.76 7.83 -7.84
CA VAL A 56 -4.33 6.49 -7.76
C VAL A 56 -5.74 6.46 -8.35
N GLN A 57 -5.96 5.54 -9.29
CA GLN A 57 -7.27 5.41 -9.93
C GLN A 57 -7.84 4.02 -9.71
N GLY A 58 -9.14 3.87 -9.99
CA GLY A 58 -9.79 2.58 -9.81
C GLY A 58 -10.33 2.39 -8.41
N LEU A 59 -10.33 3.46 -7.62
CA LEU A 59 -10.82 3.41 -6.25
C LEU A 59 -12.34 3.57 -6.21
N PRO A 60 -12.96 3.05 -5.14
CA PRO A 60 -14.41 3.12 -4.95
C PRO A 60 -14.88 4.54 -4.66
N GLU A 61 -16.15 4.67 -4.29
CA GLU A 61 -16.73 5.97 -3.98
C GLU A 61 -16.63 6.28 -2.49
N GLY A 62 -16.69 7.56 -2.14
CA GLY A 62 -16.61 7.96 -0.75
C GLY A 62 -15.34 7.48 -0.08
N VAL A 63 -14.36 7.10 -0.89
CA VAL A 63 -13.09 6.60 -0.37
C VAL A 63 -11.97 7.61 -0.60
N ALA A 64 -10.80 7.31 -0.07
CA ALA A 64 -9.64 8.19 -0.22
C ALA A 64 -8.33 7.42 -0.05
N PHE A 65 -7.50 7.43 -1.09
CA PHE A 65 -6.23 6.74 -1.06
C PHE A 65 -5.61 6.78 0.34
N LYS A 66 -5.41 5.61 0.93
CA LYS A 66 -4.83 5.50 2.26
C LYS A 66 -4.39 4.07 2.56
N HIS A 67 -3.68 3.89 3.66
CA HIS A 67 -3.20 2.58 4.06
C HIS A 67 -4.31 1.53 3.93
N PRO A 68 -3.94 0.33 3.49
CA PRO A 68 -4.88 -0.77 3.30
C PRO A 68 -5.40 -1.32 4.63
N GLU A 69 -4.92 -0.75 5.73
CA GLU A 69 -5.33 -1.17 7.06
C GLU A 69 -6.44 -0.26 7.60
N ASN A 70 -6.58 0.90 7.00
CA ASN A 70 -7.60 1.87 7.41
C ASN A 70 -8.96 1.50 6.83
N TYR A 71 -8.95 0.63 5.82
CA TYR A 71 -10.19 0.20 5.18
C TYR A 71 -10.80 -0.99 5.89
N ASP A 72 -12.11 -0.94 6.10
CA ASP A 72 -12.81 -2.03 6.77
C ASP A 72 -12.74 -3.32 5.96
N LEU A 73 -12.74 -4.45 6.66
CA LEU A 73 -12.68 -5.75 6.00
C LEU A 73 -13.54 -5.76 4.73
N ALA A 74 -14.71 -5.13 4.81
CA ALA A 74 -15.62 -5.08 3.68
C ALA A 74 -14.97 -4.37 2.49
N THR A 75 -14.51 -3.14 2.72
CA THR A 75 -13.88 -2.35 1.66
C THR A 75 -12.65 -3.06 1.11
N LEU A 76 -11.82 -3.58 2.02
CA LEU A 76 -10.60 -4.29 1.63
C LEU A 76 -10.89 -5.28 0.50
N LYS A 77 -11.92 -6.10 0.69
CA LYS A 77 -12.31 -7.10 -0.30
C LYS A 77 -12.56 -6.44 -1.65
N TRP A 78 -13.27 -5.32 -1.64
CA TRP A 78 -13.59 -4.59 -2.87
C TRP A 78 -12.31 -4.30 -3.66
N ILE A 79 -11.39 -3.57 -3.05
CA ILE A 79 -10.13 -3.23 -3.71
C ILE A 79 -9.57 -4.42 -4.48
N LEU A 80 -9.43 -5.54 -3.79
CA LEU A 80 -8.90 -6.75 -4.40
C LEU A 80 -9.80 -7.21 -5.56
N GLU A 81 -11.10 -7.04 -5.38
CA GLU A 81 -12.07 -7.44 -6.41
C GLU A 81 -11.87 -6.62 -7.68
N ASN A 82 -11.88 -5.30 -7.54
CA ASN A 82 -11.71 -4.41 -8.68
C ASN A 82 -10.28 -3.88 -8.74
N LYS A 83 -9.32 -4.71 -8.35
CA LYS A 83 -7.92 -4.33 -8.37
C LYS A 83 -7.37 -4.30 -9.80
N ALA A 84 -7.57 -5.40 -10.52
CA ALA A 84 -7.11 -5.49 -11.90
C ALA A 84 -7.26 -4.16 -12.62
N GLY A 85 -8.27 -3.39 -12.23
CA GLY A 85 -8.51 -2.10 -12.85
C GLY A 85 -7.67 -1.00 -12.23
N ILE A 86 -7.51 -1.05 -10.91
CA ILE A 86 -6.73 -0.05 -10.20
C ILE A 86 -5.41 0.25 -10.92
N SER A 87 -5.20 1.52 -11.23
CA SER A 87 -3.98 1.94 -11.93
C SER A 87 -3.24 3.02 -11.14
N PHE A 88 -2.01 3.32 -11.55
CA PHE A 88 -1.21 4.33 -10.88
C PHE A 88 -0.51 5.22 -11.90
N ILE A 89 -0.65 6.53 -11.72
CA ILE A 89 -0.03 7.50 -12.62
C ILE A 89 1.06 8.30 -11.91
N ILE A 90 2.30 8.07 -12.32
CA ILE A 90 3.44 8.75 -11.73
C ILE A 90 3.63 10.13 -12.36
N LYS A 91 3.42 11.17 -11.56
CA LYS A 91 3.56 12.55 -12.04
C LYS A 91 4.98 13.05 -11.80
N ARG A 92 5.63 12.53 -10.76
CA ARG A 92 6.99 12.93 -10.42
C ARG A 92 7.49 12.17 -9.20
N PRO A 93 8.74 11.68 -9.28
CA PRO A 93 9.36 10.92 -8.18
C PRO A 93 9.68 11.81 -6.98
N PHE A 94 9.26 11.36 -5.80
CA PHE A 94 9.51 12.11 -4.58
C PHE A 94 10.97 12.53 -4.47
N LEU A 95 11.24 13.54 -3.65
CA LEU A 95 12.59 14.04 -3.46
C LEU A 95 13.33 13.24 -2.40
N GLU A 96 14.40 12.58 -2.79
CA GLU A 96 15.20 11.77 -1.87
C GLU A 96 16.55 11.43 -2.47
N PRO A 97 17.59 11.43 -1.62
CA PRO A 97 18.96 11.11 -2.05
C PRO A 97 19.14 9.65 -2.42
N LYS A 98 19.84 9.40 -3.51
CA LYS A 98 20.09 8.03 -3.97
C LYS A 98 20.95 7.26 -2.97
N LYS A 99 21.05 5.96 -3.18
CA LYS A 99 21.85 5.10 -2.29
C LYS A 99 23.12 4.64 -3.00
N HIS A 100 24.22 4.62 -2.26
CA HIS A 100 25.51 4.21 -2.81
C HIS A 100 25.51 2.70 -3.08
N VAL A 101 26.29 2.28 -4.07
CA VAL A 101 26.38 0.86 -4.42
C VAL A 101 26.93 0.05 -3.27
N GLY A 102 26.23 -1.03 -2.92
CA GLY A 102 26.66 -1.88 -1.83
C GLY A 102 26.81 -3.33 -2.26
N GLY A 103 25.78 -4.12 -1.99
CA GLY A 103 25.82 -5.54 -2.35
C GLY A 103 24.61 -5.96 -3.16
N SER A 104 24.86 -6.53 -4.33
CA SER A 104 23.78 -6.98 -5.21
C SER A 104 23.44 -8.44 -4.95
N GLY A 105 22.23 -8.84 -5.32
CA GLY A 105 21.80 -10.21 -5.13
C GLY A 105 20.79 -10.34 -4.00
N PRO A 106 19.59 -9.80 -4.22
CA PRO A 106 18.51 -9.85 -3.22
C PRO A 106 17.95 -11.25 -3.03
N SER A 107 18.08 -11.78 -1.81
CA SER A 107 17.58 -13.11 -1.50
C SER A 107 16.84 -13.12 -0.17
N SER A 108 16.19 -14.24 0.13
CA SER A 108 15.44 -14.38 1.37
C SER A 108 16.08 -15.43 2.28
N GLY A 109 15.84 -15.29 3.59
CA GLY A 109 16.40 -16.24 4.54
C GLY A 109 16.81 -15.56 5.83
N GLY A 1 -0.65 -29.19 19.14
CA GLY A 1 -0.87 -30.07 20.27
C GLY A 1 -2.34 -30.27 20.59
N SER A 2 -2.62 -30.81 21.77
CA SER A 2 -4.00 -31.05 22.20
C SER A 2 -4.87 -29.85 21.86
N SER A 3 -4.51 -28.69 22.39
CA SER A 3 -5.28 -27.47 22.15
C SER A 3 -4.68 -26.67 21.00
N GLY A 4 -5.54 -25.90 20.32
CA GLY A 4 -5.08 -25.11 19.19
C GLY A 4 -4.48 -23.78 19.63
N SER A 5 -4.39 -22.85 18.69
CA SER A 5 -3.83 -21.52 18.99
C SER A 5 -4.84 -20.65 19.72
N SER A 6 -4.43 -20.10 20.86
CA SER A 6 -5.30 -19.24 21.65
C SER A 6 -4.85 -17.79 21.56
N GLY A 7 -5.72 -16.88 22.04
CA GLY A 7 -5.39 -15.47 22.00
C GLY A 7 -5.94 -14.78 20.77
N MET A 8 -5.74 -15.40 19.61
CA MET A 8 -6.21 -14.84 18.35
C MET A 8 -7.46 -15.56 17.87
N SER A 9 -8.11 -15.02 16.85
CA SER A 9 -9.32 -15.61 16.30
C SER A 9 -9.02 -16.37 15.00
N VAL A 10 -9.95 -17.22 14.59
CA VAL A 10 -9.78 -18.01 13.37
C VAL A 10 -9.88 -17.12 12.14
N ASP A 11 -10.82 -16.17 12.16
CA ASP A 11 -11.02 -15.27 11.04
C ASP A 11 -10.00 -14.13 11.07
N ALA A 12 -9.29 -14.01 12.19
CA ALA A 12 -8.28 -12.98 12.35
C ALA A 12 -7.22 -13.07 11.26
N VAL A 13 -6.78 -14.28 10.96
CA VAL A 13 -5.77 -14.50 9.94
C VAL A 13 -6.23 -13.98 8.59
N GLU A 14 -7.54 -14.00 8.36
CA GLU A 14 -8.10 -13.51 7.11
C GLU A 14 -7.95 -12.00 6.99
N ILE A 15 -8.62 -11.26 7.87
CA ILE A 15 -8.55 -9.82 7.86
C ILE A 15 -7.10 -9.33 7.82
N GLU A 16 -6.21 -10.10 8.45
CA GLU A 16 -4.79 -9.75 8.49
C GLU A 16 -4.12 -10.05 7.16
N THR A 17 -4.54 -11.14 6.52
CA THR A 17 -3.98 -11.54 5.23
C THR A 17 -4.41 -10.59 4.13
N LEU A 18 -5.65 -10.10 4.24
CA LEU A 18 -6.18 -9.18 3.23
C LEU A 18 -5.37 -7.88 3.18
N ARG A 19 -5.10 -7.32 4.35
CA ARG A 19 -4.34 -6.09 4.44
C ARG A 19 -2.99 -6.22 3.73
N LYS A 20 -2.35 -7.37 3.91
CA LYS A 20 -1.06 -7.64 3.28
C LYS A 20 -1.20 -7.74 1.76
N THR A 21 -2.14 -8.57 1.31
CA THR A 21 -2.37 -8.76 -0.11
C THR A 21 -2.51 -7.42 -0.82
N VAL A 22 -3.32 -6.52 -0.27
CA VAL A 22 -3.53 -5.21 -0.85
C VAL A 22 -2.26 -4.36 -0.76
N GLU A 23 -1.54 -4.50 0.35
CA GLU A 23 -0.32 -3.75 0.56
C GLU A 23 0.67 -3.98 -0.58
N ASP A 24 0.79 -5.23 -1.00
CA ASP A 24 1.70 -5.58 -2.09
C ASP A 24 1.24 -4.96 -3.40
N TYR A 25 -0.03 -5.12 -3.72
CA TYR A 25 -0.59 -4.58 -4.96
C TYR A 25 -0.13 -3.15 -5.18
N PHE A 26 -0.52 -2.25 -4.27
CA PHE A 26 -0.14 -0.85 -4.38
C PHE A 26 1.33 -0.71 -4.77
N CYS A 27 2.17 -1.58 -4.20
CA CYS A 27 3.60 -1.55 -4.49
C CYS A 27 3.87 -1.94 -5.94
N PHE A 28 3.11 -2.91 -6.43
CA PHE A 28 3.27 -3.38 -7.81
C PHE A 28 2.92 -2.29 -8.80
N CYS A 29 1.69 -1.76 -8.69
CA CYS A 29 1.23 -0.71 -9.59
C CYS A 29 2.20 0.47 -9.58
N TYR A 30 2.70 0.81 -8.41
CA TYR A 30 3.64 1.92 -8.27
C TYR A 30 4.96 1.62 -8.99
N GLY A 31 5.67 0.60 -8.50
CA GLY A 31 6.93 0.23 -9.11
C GLY A 31 6.78 -0.17 -10.57
N LYS A 32 5.59 -0.62 -10.93
CA LYS A 32 5.32 -1.03 -12.31
C LYS A 32 5.26 0.17 -13.24
N ALA A 33 4.63 1.24 -12.78
CA ALA A 33 4.51 2.46 -13.58
C ALA A 33 5.86 3.17 -13.70
N LEU A 34 6.69 3.02 -12.67
CA LEU A 34 8.01 3.65 -12.66
C LEU A 34 8.88 3.10 -13.79
N GLY A 35 8.70 1.83 -14.10
CA GLY A 35 9.48 1.20 -15.17
C GLY A 35 10.64 0.38 -14.64
N LYS A 36 10.53 -0.06 -13.39
CA LYS A 36 11.58 -0.86 -12.77
C LYS A 36 11.32 -2.34 -12.97
N SER A 37 12.23 -3.17 -12.44
CA SER A 37 12.10 -4.62 -12.57
C SER A 37 11.75 -5.26 -11.22
N THR A 38 11.24 -4.44 -10.31
CA THR A 38 10.88 -4.92 -8.98
C THR A 38 9.79 -4.05 -8.36
N VAL A 39 9.11 -4.58 -7.35
CA VAL A 39 8.05 -3.85 -6.67
C VAL A 39 8.62 -2.77 -5.77
N VAL A 40 7.91 -1.64 -5.68
CA VAL A 40 8.34 -0.53 -4.85
C VAL A 40 7.31 -0.21 -3.78
N PRO A 41 7.78 0.02 -2.54
CA PRO A 41 6.92 0.34 -1.41
C PRO A 41 6.29 1.72 -1.53
N VAL A 42 4.96 1.77 -1.58
CA VAL A 42 4.24 3.02 -1.70
C VAL A 42 4.33 3.83 -0.41
N PRO A 43 5.03 4.97 -0.46
CA PRO A 43 5.21 5.84 0.69
C PRO A 43 3.92 6.56 1.08
N TYR A 44 3.05 5.85 1.79
CA TYR A 44 1.77 6.41 2.23
C TYR A 44 1.99 7.69 3.02
N GLU A 45 2.92 7.63 3.97
CA GLU A 45 3.21 8.79 4.82
C GLU A 45 3.48 10.03 3.97
N LYS A 46 4.30 9.86 2.93
CA LYS A 46 4.63 10.97 2.04
C LYS A 46 3.44 11.34 1.16
N MET A 47 2.92 10.36 0.44
CA MET A 47 1.77 10.59 -0.44
C MET A 47 0.65 11.30 0.31
N LEU A 48 0.54 11.03 1.61
CA LEU A 48 -0.49 11.65 2.44
C LEU A 48 -0.29 13.16 2.50
N ARG A 49 0.96 13.61 2.41
CA ARG A 49 1.27 15.03 2.46
C ARG A 49 1.16 15.65 1.07
N ASP A 50 1.58 14.92 0.06
CA ASP A 50 1.54 15.40 -1.32
C ASP A 50 0.96 14.34 -2.25
N GLN A 51 -0.35 14.42 -2.50
CA GLN A 51 -1.02 13.46 -3.35
C GLN A 51 -0.90 13.87 -4.82
N SER A 52 0.28 14.35 -5.19
CA SER A 52 0.53 14.78 -6.56
C SER A 52 1.56 13.87 -7.25
N ALA A 53 2.75 13.79 -6.65
CA ALA A 53 3.80 12.95 -7.20
C ALA A 53 3.24 11.70 -7.87
N VAL A 54 2.16 11.17 -7.30
CA VAL A 54 1.51 9.99 -7.85
C VAL A 54 0.02 10.00 -7.58
N VAL A 55 -0.76 9.50 -8.54
CA VAL A 55 -2.21 9.46 -8.42
C VAL A 55 -2.72 8.02 -8.45
N VAL A 56 -3.70 7.73 -7.60
CA VAL A 56 -4.27 6.40 -7.54
C VAL A 56 -5.69 6.38 -8.11
N GLN A 57 -5.93 5.50 -9.07
CA GLN A 57 -7.24 5.37 -9.69
C GLN A 57 -7.81 3.98 -9.51
N GLY A 58 -9.13 3.87 -9.63
CA GLY A 58 -9.79 2.58 -9.47
C GLY A 58 -10.30 2.37 -8.06
N LEU A 59 -10.39 3.45 -7.29
CA LEU A 59 -10.87 3.38 -5.92
C LEU A 59 -12.40 3.49 -5.87
N PRO A 60 -13.00 2.94 -4.82
CA PRO A 60 -14.46 2.97 -4.62
C PRO A 60 -14.97 4.38 -4.30
N GLU A 61 -16.22 4.46 -3.89
CA GLU A 61 -16.83 5.74 -3.54
C GLU A 61 -16.56 6.10 -2.09
N GLY A 62 -16.78 7.36 -1.74
CA GLY A 62 -16.56 7.81 -0.38
C GLY A 62 -15.27 7.25 0.21
N VAL A 63 -14.30 6.99 -0.65
CA VAL A 63 -13.02 6.45 -0.20
C VAL A 63 -11.87 7.41 -0.53
N ALA A 64 -10.78 7.28 0.22
CA ALA A 64 -9.62 8.13 0.02
C ALA A 64 -8.32 7.34 0.13
N PHE A 65 -7.55 7.30 -0.96
CA PHE A 65 -6.30 6.57 -0.97
C PHE A 65 -5.60 6.63 0.38
N LYS A 66 -5.45 5.46 1.01
CA LYS A 66 -4.80 5.38 2.31
C LYS A 66 -4.39 3.95 2.63
N HIS A 67 -3.69 3.76 3.74
CA HIS A 67 -3.24 2.45 4.16
C HIS A 67 -4.36 1.42 4.01
N PRO A 68 -4.00 0.21 3.56
CA PRO A 68 -4.96 -0.89 3.36
C PRO A 68 -5.50 -1.43 4.68
N GLU A 69 -5.07 -0.82 5.78
CA GLU A 69 -5.51 -1.25 7.11
C GLU A 69 -6.66 -0.38 7.60
N ASN A 70 -6.78 0.82 7.04
CA ASN A 70 -7.83 1.74 7.42
C ASN A 70 -9.14 1.40 6.72
N TYR A 71 -9.05 0.53 5.71
CA TYR A 71 -10.23 0.13 4.95
C TYR A 71 -10.91 -1.07 5.60
N ASP A 72 -12.15 -0.88 6.03
CA ASP A 72 -12.92 -1.94 6.66
C ASP A 72 -12.85 -3.22 5.84
N LEU A 73 -12.82 -4.36 6.53
CA LEU A 73 -12.75 -5.65 5.86
C LEU A 73 -13.56 -5.65 4.58
N ALA A 74 -14.81 -5.20 4.68
CA ALA A 74 -15.69 -5.15 3.51
C ALA A 74 -15.05 -4.37 2.38
N THR A 75 -14.55 -3.17 2.68
CA THR A 75 -13.91 -2.33 1.67
C THR A 75 -12.68 -3.02 1.09
N LEU A 76 -11.85 -3.57 1.97
CA LEU A 76 -10.63 -4.26 1.54
C LEU A 76 -10.93 -5.22 0.40
N LYS A 77 -11.87 -6.13 0.62
CA LYS A 77 -12.26 -7.11 -0.38
C LYS A 77 -12.50 -6.44 -1.72
N TRP A 78 -13.27 -5.35 -1.72
CA TRP A 78 -13.57 -4.62 -2.95
C TRP A 78 -12.31 -4.34 -3.74
N ILE A 79 -11.38 -3.60 -3.14
CA ILE A 79 -10.13 -3.27 -3.80
C ILE A 79 -9.56 -4.46 -4.55
N LEU A 80 -9.44 -5.59 -3.86
CA LEU A 80 -8.92 -6.81 -4.46
C LEU A 80 -9.78 -7.25 -5.64
N GLU A 81 -11.09 -7.08 -5.51
CA GLU A 81 -12.02 -7.44 -6.57
C GLU A 81 -11.78 -6.61 -7.82
N ASN A 82 -11.82 -5.29 -7.67
CA ASN A 82 -11.60 -4.39 -8.79
C ASN A 82 -10.18 -3.84 -8.80
N LYS A 83 -9.23 -4.70 -8.41
CA LYS A 83 -7.82 -4.31 -8.38
C LYS A 83 -7.25 -4.19 -9.79
N ALA A 84 -7.41 -5.24 -10.58
CA ALA A 84 -6.91 -5.24 -11.95
C ALA A 84 -7.15 -3.91 -12.63
N GLY A 85 -8.26 -3.25 -12.26
CA GLY A 85 -8.59 -1.97 -12.85
C GLY A 85 -7.79 -0.83 -12.23
N ILE A 86 -7.49 -0.95 -10.94
CA ILE A 86 -6.72 0.07 -10.24
C ILE A 86 -5.42 0.38 -10.96
N SER A 87 -5.21 1.66 -11.25
CA SER A 87 -4.01 2.10 -11.95
C SER A 87 -3.26 3.16 -11.15
N PHE A 88 -2.05 3.47 -11.57
CA PHE A 88 -1.23 4.48 -10.89
C PHE A 88 -0.54 5.40 -11.89
N ILE A 89 -0.74 6.70 -11.71
CA ILE A 89 -0.14 7.68 -12.61
C ILE A 89 0.99 8.45 -11.91
N ILE A 90 2.21 8.18 -12.32
CA ILE A 90 3.38 8.85 -11.73
C ILE A 90 3.59 10.23 -12.35
N LYS A 91 3.41 11.26 -11.55
CA LYS A 91 3.58 12.63 -12.02
C LYS A 91 5.01 13.12 -11.76
N ARG A 92 5.61 12.61 -10.69
CA ARG A 92 6.98 12.99 -10.33
C ARG A 92 7.44 12.24 -9.09
N PRO A 93 8.63 11.64 -9.18
CA PRO A 93 9.22 10.88 -8.06
C PRO A 93 9.65 11.78 -6.91
N PHE A 94 9.06 11.56 -5.75
CA PHE A 94 9.39 12.36 -4.56
C PHE A 94 10.86 12.74 -4.55
N LEU A 95 11.17 13.90 -3.99
CA LEU A 95 12.55 14.38 -3.92
C LEU A 95 13.51 13.22 -3.68
N GLU A 96 14.63 13.23 -4.40
CA GLU A 96 15.63 12.18 -4.27
C GLU A 96 16.82 12.66 -3.43
N PRO A 97 17.33 11.78 -2.57
CA PRO A 97 18.47 12.09 -1.70
C PRO A 97 19.77 12.23 -2.48
N LYS A 98 20.77 12.80 -1.83
CA LYS A 98 22.08 13.00 -2.45
C LYS A 98 22.52 11.75 -3.20
N LYS A 99 22.35 10.59 -2.57
CA LYS A 99 22.73 9.32 -3.18
C LYS A 99 21.49 8.50 -3.51
N HIS A 100 21.16 8.43 -4.80
CA HIS A 100 20.00 7.66 -5.26
C HIS A 100 20.00 6.26 -4.65
N VAL A 101 21.17 5.64 -4.61
CA VAL A 101 21.31 4.30 -4.05
C VAL A 101 22.45 4.24 -3.05
N GLY A 102 22.14 4.48 -1.78
CA GLY A 102 23.14 4.44 -0.74
C GLY A 102 23.44 3.03 -0.27
N GLY A 103 24.71 2.75 0.01
CA GLY A 103 25.10 1.43 0.47
C GLY A 103 25.53 0.52 -0.67
N SER A 104 26.45 -0.38 -0.39
CA SER A 104 26.96 -1.31 -1.40
C SER A 104 26.92 -2.74 -0.89
N GLY A 105 27.41 -2.94 0.34
CA GLY A 105 27.43 -4.27 0.92
C GLY A 105 28.82 -4.72 1.30
N PRO A 106 29.28 -4.31 2.49
CA PRO A 106 30.61 -4.67 2.99
C PRO A 106 30.72 -6.15 3.34
N SER A 107 29.65 -6.90 3.09
CA SER A 107 29.63 -8.32 3.39
C SER A 107 29.61 -9.14 2.08
N SER A 108 30.71 -9.85 1.84
CA SER A 108 30.81 -10.68 0.63
C SER A 108 30.85 -12.15 0.99
N GLY A 109 29.98 -12.93 0.33
CA GLY A 109 29.94 -14.36 0.59
C GLY A 109 30.08 -15.18 -0.67
N GLY A 1 2.45 -12.47 23.79
CA GLY A 1 1.12 -12.30 23.23
C GLY A 1 0.05 -12.96 24.09
N SER A 2 -1.05 -13.36 23.45
CA SER A 2 -2.15 -14.00 24.15
C SER A 2 -1.99 -15.52 24.15
N SER A 3 -1.67 -16.07 25.31
CA SER A 3 -1.49 -17.52 25.43
C SER A 3 -2.83 -18.24 25.36
N GLY A 4 -3.16 -18.74 24.17
CA GLY A 4 -4.41 -19.45 23.98
C GLY A 4 -5.19 -18.94 22.79
N SER A 5 -6.51 -18.78 22.97
CA SER A 5 -7.37 -18.30 21.91
C SER A 5 -7.80 -16.86 22.16
N SER A 6 -8.21 -16.58 23.39
CA SER A 6 -8.65 -15.24 23.77
C SER A 6 -7.66 -14.19 23.28
N GLY A 7 -7.96 -13.57 22.14
CA GLY A 7 -7.09 -12.56 21.60
C GLY A 7 -6.99 -12.63 20.08
N MET A 8 -6.88 -13.85 19.55
CA MET A 8 -6.78 -14.04 18.12
C MET A 8 -7.93 -14.90 17.60
N SER A 9 -8.85 -14.27 16.88
CA SER A 9 -10.02 -14.98 16.34
C SER A 9 -9.62 -15.81 15.11
N VAL A 10 -10.36 -16.88 14.87
CA VAL A 10 -10.10 -17.76 13.74
C VAL A 10 -10.08 -16.97 12.43
N ASP A 11 -10.98 -15.99 12.32
CA ASP A 11 -11.06 -15.16 11.12
C ASP A 11 -10.09 -13.98 11.20
N ALA A 12 -9.26 -13.98 12.24
CA ALA A 12 -8.28 -12.92 12.43
C ALA A 12 -7.20 -12.95 11.36
N VAL A 13 -6.72 -14.16 11.04
CA VAL A 13 -5.70 -14.32 10.02
C VAL A 13 -6.18 -13.86 8.66
N GLU A 14 -7.50 -13.97 8.43
CA GLU A 14 -8.08 -13.57 7.17
C GLU A 14 -8.00 -12.05 6.99
N ILE A 15 -8.67 -11.32 7.86
CA ILE A 15 -8.66 -9.86 7.80
C ILE A 15 -7.24 -9.32 7.71
N GLU A 16 -6.33 -9.94 8.44
CA GLU A 16 -4.93 -9.52 8.45
C GLU A 16 -4.27 -9.81 7.11
N THR A 17 -4.50 -11.02 6.58
CA THR A 17 -3.93 -11.41 5.30
C THR A 17 -4.41 -10.52 4.18
N LEU A 18 -5.65 -10.05 4.30
CA LEU A 18 -6.24 -9.18 3.28
C LEU A 18 -5.42 -7.90 3.12
N ARG A 19 -5.09 -7.28 4.24
CA ARG A 19 -4.31 -6.05 4.23
C ARG A 19 -2.97 -6.27 3.53
N LYS A 20 -2.28 -7.35 3.91
CA LYS A 20 -0.98 -7.67 3.33
C LYS A 20 -1.07 -7.75 1.80
N THR A 21 -2.01 -8.54 1.31
CA THR A 21 -2.22 -8.71 -0.12
C THR A 21 -2.33 -7.35 -0.82
N VAL A 22 -3.17 -6.48 -0.27
CA VAL A 22 -3.38 -5.16 -0.83
C VAL A 22 -2.13 -4.30 -0.68
N GLU A 23 -1.43 -4.45 0.44
CA GLU A 23 -0.21 -3.69 0.70
C GLU A 23 0.81 -3.90 -0.41
N ASP A 24 0.86 -5.12 -0.92
CA ASP A 24 1.80 -5.47 -2.00
C ASP A 24 1.32 -4.89 -3.32
N TYR A 25 0.06 -5.10 -3.65
CA TYR A 25 -0.51 -4.61 -4.89
C TYR A 25 -0.07 -3.17 -5.16
N PHE A 26 -0.47 -2.26 -4.27
CA PHE A 26 -0.13 -0.86 -4.41
C PHE A 26 1.33 -0.70 -4.85
N CYS A 27 2.19 -1.59 -4.38
CA CYS A 27 3.61 -1.55 -4.71
C CYS A 27 3.83 -1.97 -6.17
N PHE A 28 3.08 -2.97 -6.60
CA PHE A 28 3.19 -3.47 -7.97
C PHE A 28 2.78 -2.41 -8.97
N CYS A 29 1.63 -1.77 -8.73
CA CYS A 29 1.13 -0.73 -9.61
C CYS A 29 2.05 0.49 -9.62
N TYR A 30 2.53 0.85 -8.43
CA TYR A 30 3.42 2.00 -8.29
C TYR A 30 4.76 1.74 -8.97
N GLY A 31 5.33 0.57 -8.70
CA GLY A 31 6.62 0.21 -9.29
C GLY A 31 6.49 -0.10 -10.77
N LYS A 32 5.35 -0.67 -11.16
CA LYS A 32 5.12 -1.03 -12.55
C LYS A 32 5.06 0.22 -13.43
N ALA A 33 4.39 1.25 -12.94
CA ALA A 33 4.27 2.50 -13.68
C ALA A 33 5.60 3.22 -13.78
N LEU A 34 6.44 3.04 -12.76
CA LEU A 34 7.75 3.68 -12.74
C LEU A 34 8.62 3.20 -13.90
N GLY A 35 8.47 1.92 -14.26
CA GLY A 35 9.24 1.37 -15.36
C GLY A 35 10.40 0.53 -14.88
N LYS A 36 10.31 0.04 -13.64
CA LYS A 36 11.37 -0.78 -13.07
C LYS A 36 11.08 -2.26 -13.27
N SER A 37 11.99 -3.11 -12.80
CA SER A 37 11.83 -4.55 -12.92
C SER A 37 11.52 -5.20 -11.57
N THR A 38 11.02 -4.39 -10.65
CA THR A 38 10.68 -4.87 -9.31
C THR A 38 9.62 -3.99 -8.67
N VAL A 39 8.97 -4.50 -7.63
CA VAL A 39 7.94 -3.75 -6.92
C VAL A 39 8.56 -2.70 -6.00
N VAL A 40 7.80 -1.67 -5.70
CA VAL A 40 8.27 -0.59 -4.83
C VAL A 40 7.23 -0.25 -3.77
N PRO A 41 7.69 -0.10 -2.51
CA PRO A 41 6.81 0.24 -1.38
C PRO A 41 6.28 1.67 -1.47
N VAL A 42 4.95 1.79 -1.56
CA VAL A 42 4.32 3.10 -1.65
C VAL A 42 4.50 3.88 -0.34
N PRO A 43 5.18 5.03 -0.44
CA PRO A 43 5.44 5.90 0.72
C PRO A 43 4.17 6.59 1.22
N TYR A 44 3.37 5.85 1.99
CA TYR A 44 2.13 6.38 2.53
C TYR A 44 2.36 7.72 3.22
N GLU A 45 3.32 7.73 4.15
CA GLU A 45 3.65 8.94 4.89
C GLU A 45 3.70 10.15 3.96
N LYS A 46 4.53 10.06 2.93
CA LYS A 46 4.67 11.14 1.96
C LYS A 46 3.38 11.34 1.16
N MET A 47 2.91 10.28 0.53
CA MET A 47 1.68 10.33 -0.26
C MET A 47 0.55 10.96 0.55
N LEU A 48 0.67 10.89 1.87
CA LEU A 48 -0.35 11.46 2.75
C LEU A 48 -0.23 12.98 2.82
N ARG A 49 0.98 13.49 2.65
CA ARG A 49 1.23 14.93 2.68
C ARG A 49 0.96 15.55 1.32
N ASP A 50 1.42 14.87 0.27
CA ASP A 50 1.23 15.36 -1.09
C ASP A 50 0.65 14.27 -1.99
N GLN A 51 -0.66 14.27 -2.13
CA GLN A 51 -1.35 13.28 -2.96
C GLN A 51 -1.29 13.68 -4.43
N SER A 52 -0.12 14.06 -4.90
CA SER A 52 0.06 14.47 -6.29
C SER A 52 1.17 13.66 -6.96
N ALA A 53 2.36 13.68 -6.37
CA ALA A 53 3.49 12.94 -6.91
C ALA A 53 3.04 11.65 -7.58
N VAL A 54 2.01 11.02 -7.02
CA VAL A 54 1.48 9.78 -7.58
C VAL A 54 -0.01 9.64 -7.30
N VAL A 55 -0.80 9.56 -8.35
CA VAL A 55 -2.25 9.42 -8.23
C VAL A 55 -2.67 7.96 -8.31
N VAL A 56 -3.82 7.65 -7.70
CA VAL A 56 -4.34 6.29 -7.71
C VAL A 56 -5.76 6.24 -8.25
N GLN A 57 -5.96 5.51 -9.33
CA GLN A 57 -7.27 5.39 -9.94
C GLN A 57 -7.82 3.97 -9.80
N GLY A 58 -9.13 3.83 -9.91
CA GLY A 58 -9.75 2.53 -9.79
C GLY A 58 -10.33 2.29 -8.40
N LEU A 59 -10.44 3.36 -7.61
CA LEU A 59 -10.97 3.25 -6.25
C LEU A 59 -12.49 3.36 -6.26
N PRO A 60 -13.12 2.82 -5.21
CA PRO A 60 -14.58 2.84 -5.07
C PRO A 60 -15.12 4.24 -4.80
N GLU A 61 -16.41 4.33 -4.50
CA GLU A 61 -17.04 5.61 -4.23
C GLU A 61 -16.90 5.98 -2.76
N GLY A 62 -17.03 7.28 -2.47
CA GLY A 62 -16.91 7.75 -1.10
C GLY A 62 -15.66 7.22 -0.42
N VAL A 63 -14.63 6.96 -1.20
CA VAL A 63 -13.37 6.45 -0.67
C VAL A 63 -12.22 7.41 -0.94
N ALA A 64 -11.07 7.14 -0.35
CA ALA A 64 -9.89 7.98 -0.54
C ALA A 64 -8.60 7.19 -0.31
N PHE A 65 -7.76 7.12 -1.34
CA PHE A 65 -6.51 6.39 -1.26
C PHE A 65 -5.91 6.51 0.15
N LYS A 66 -5.69 5.37 0.79
CA LYS A 66 -5.12 5.34 2.12
C LYS A 66 -4.69 3.93 2.51
N HIS A 67 -3.99 3.80 3.62
CA HIS A 67 -3.52 2.51 4.10
C HIS A 67 -4.58 1.44 3.88
N PRO A 68 -4.15 0.23 3.49
CA PRO A 68 -5.04 -0.90 3.24
C PRO A 68 -5.67 -1.43 4.53
N GLU A 69 -5.17 -0.96 5.67
CA GLU A 69 -5.67 -1.39 6.96
C GLU A 69 -6.81 -0.48 7.44
N ASN A 70 -6.92 0.69 6.83
CA ASN A 70 -7.95 1.64 7.19
C ASN A 70 -9.26 1.32 6.48
N TYR A 71 -9.19 0.45 5.48
CA TYR A 71 -10.37 0.05 4.74
C TYR A 71 -11.07 -1.13 5.40
N ASP A 72 -12.34 -0.93 5.77
CA ASP A 72 -13.12 -1.97 6.41
C ASP A 72 -12.99 -3.30 5.66
N LEU A 73 -13.05 -4.41 6.40
CA LEU A 73 -12.93 -5.73 5.81
C LEU A 73 -13.69 -5.79 4.48
N ALA A 74 -14.93 -5.33 4.49
CA ALA A 74 -15.77 -5.34 3.29
C ALA A 74 -15.09 -4.57 2.16
N THR A 75 -14.56 -3.39 2.49
CA THR A 75 -13.88 -2.56 1.49
C THR A 75 -12.65 -3.25 0.93
N LEU A 76 -11.73 -3.61 1.81
CA LEU A 76 -10.50 -4.29 1.39
C LEU A 76 -10.79 -5.30 0.30
N LYS A 77 -11.81 -6.12 0.49
CA LYS A 77 -12.19 -7.14 -0.49
C LYS A 77 -12.43 -6.50 -1.85
N TRP A 78 -13.18 -5.41 -1.87
CA TRP A 78 -13.49 -4.71 -3.11
C TRP A 78 -12.21 -4.35 -3.86
N ILE A 79 -11.34 -3.58 -3.22
CA ILE A 79 -10.08 -3.17 -3.83
C ILE A 79 -9.44 -4.32 -4.59
N LEU A 80 -9.26 -5.45 -3.91
CA LEU A 80 -8.65 -6.63 -4.53
C LEU A 80 -9.49 -7.12 -5.71
N GLU A 81 -10.81 -7.09 -5.54
CA GLU A 81 -11.73 -7.52 -6.59
C GLU A 81 -11.54 -6.70 -7.85
N ASN A 82 -11.64 -5.38 -7.72
CA ASN A 82 -11.48 -4.49 -8.86
C ASN A 82 -10.08 -3.90 -8.90
N LYS A 83 -9.10 -4.71 -8.49
CA LYS A 83 -7.71 -4.28 -8.48
C LYS A 83 -7.12 -4.31 -9.89
N ALA A 84 -7.30 -5.43 -10.59
CA ALA A 84 -6.79 -5.58 -11.94
C ALA A 84 -6.94 -4.28 -12.73
N GLY A 85 -7.92 -3.48 -12.35
CA GLY A 85 -8.16 -2.23 -13.03
C GLY A 85 -7.41 -1.07 -12.41
N ILE A 86 -7.34 -1.06 -11.08
CA ILE A 86 -6.64 0.00 -10.37
C ILE A 86 -5.30 0.33 -11.03
N SER A 87 -5.14 1.60 -11.40
CA SER A 87 -3.91 2.05 -12.05
C SER A 87 -3.23 3.14 -11.23
N PHE A 88 -1.95 3.37 -11.52
CA PHE A 88 -1.18 4.39 -10.81
C PHE A 88 -0.50 5.34 -11.79
N ILE A 89 -0.73 6.63 -11.62
CA ILE A 89 -0.14 7.64 -12.49
C ILE A 89 0.95 8.42 -11.76
N ILE A 90 2.21 8.20 -12.16
CA ILE A 90 3.33 8.90 -11.55
C ILE A 90 3.52 10.28 -12.15
N LYS A 91 3.29 11.31 -11.34
CA LYS A 91 3.43 12.69 -11.78
C LYS A 91 4.85 13.20 -11.52
N ARG A 92 5.49 12.65 -10.49
CA ARG A 92 6.84 13.05 -10.13
C ARG A 92 7.35 12.23 -8.94
N PRO A 93 8.60 11.75 -9.04
CA PRO A 93 9.23 10.95 -8.00
C PRO A 93 9.56 11.78 -6.75
N PHE A 94 9.13 11.30 -5.59
CA PHE A 94 9.37 11.99 -4.33
C PHE A 94 10.84 12.35 -4.19
N LEU A 95 11.11 13.46 -3.49
CA LEU A 95 12.48 13.92 -3.29
C LEU A 95 13.23 12.97 -2.35
N GLU A 96 14.32 12.39 -2.85
CA GLU A 96 15.13 11.48 -2.06
C GLU A 96 16.43 12.14 -1.62
N PRO A 97 16.69 12.11 -0.31
CA PRO A 97 17.90 12.71 0.28
C PRO A 97 19.16 11.92 -0.08
N LYS A 98 20.31 12.43 0.35
CA LYS A 98 21.58 11.77 0.08
C LYS A 98 21.67 10.43 0.79
N LYS A 99 22.48 9.54 0.25
CA LYS A 99 22.65 8.21 0.84
C LYS A 99 23.74 8.23 1.91
N HIS A 100 23.64 7.33 2.88
CA HIS A 100 24.62 7.25 3.96
C HIS A 100 24.93 5.80 4.29
N VAL A 101 26.17 5.55 4.73
CA VAL A 101 26.60 4.20 5.07
C VAL A 101 25.79 3.64 6.24
N GLY A 102 25.43 2.36 6.16
CA GLY A 102 24.66 1.74 7.21
C GLY A 102 24.51 0.25 7.01
N GLY A 103 23.50 -0.34 7.65
CA GLY A 103 23.26 -1.77 7.52
C GLY A 103 24.03 -2.57 8.55
N SER A 104 23.73 -2.35 9.83
CA SER A 104 24.40 -3.05 10.91
C SER A 104 23.39 -3.82 11.76
N GLY A 105 23.66 -5.10 11.97
CA GLY A 105 22.77 -5.93 12.75
C GLY A 105 22.90 -5.67 14.24
N PRO A 106 22.46 -6.63 15.07
CA PRO A 106 22.53 -6.52 16.52
C PRO A 106 23.95 -6.59 17.05
N SER A 107 24.28 -5.68 17.98
CA SER A 107 25.62 -5.64 18.56
C SER A 107 25.54 -5.44 20.07
N SER A 108 26.70 -5.48 20.72
CA SER A 108 26.77 -5.31 22.17
C SER A 108 28.22 -5.22 22.64
N GLY A 109 28.63 -4.02 23.05
CA GLY A 109 29.98 -3.81 23.51
C GLY A 109 30.31 -2.34 23.71
N GLY A 1 -20.47 0.55 19.62
CA GLY A 1 -21.02 -0.79 19.40
C GLY A 1 -19.94 -1.85 19.30
N SER A 2 -19.79 -2.44 18.12
CA SER A 2 -18.79 -3.47 17.92
C SER A 2 -17.89 -3.14 16.73
N SER A 3 -16.69 -2.65 17.02
CA SER A 3 -15.74 -2.29 15.99
C SER A 3 -14.31 -2.61 16.41
N GLY A 4 -13.60 -3.35 15.56
CA GLY A 4 -12.22 -3.71 15.87
C GLY A 4 -12.07 -5.20 16.11
N SER A 5 -10.92 -5.59 16.67
CA SER A 5 -10.65 -6.99 16.95
C SER A 5 -10.27 -7.18 18.41
N SER A 6 -10.66 -8.33 18.98
CA SER A 6 -10.37 -8.63 20.37
C SER A 6 -9.63 -9.96 20.49
N GLY A 7 -8.30 -9.90 20.59
CA GLY A 7 -7.50 -11.10 20.71
C GLY A 7 -7.42 -11.87 19.40
N MET A 8 -6.71 -13.00 19.43
CA MET A 8 -6.55 -13.82 18.23
C MET A 8 -7.82 -14.62 17.95
N SER A 9 -8.08 -14.88 16.68
CA SER A 9 -9.27 -15.64 16.28
C SER A 9 -9.00 -16.43 15.01
N VAL A 10 -9.98 -17.22 14.60
CA VAL A 10 -9.85 -18.03 13.39
C VAL A 10 -9.97 -17.17 12.13
N ASP A 11 -10.92 -16.25 12.14
CA ASP A 11 -11.14 -15.36 11.00
C ASP A 11 -10.16 -14.19 11.04
N ALA A 12 -9.45 -14.05 12.16
CA ALA A 12 -8.48 -12.96 12.31
C ALA A 12 -7.41 -13.04 11.24
N VAL A 13 -6.81 -14.22 11.08
CA VAL A 13 -5.77 -14.42 10.09
C VAL A 13 -6.22 -13.96 8.70
N GLU A 14 -7.53 -13.89 8.51
CA GLU A 14 -8.11 -13.46 7.24
C GLU A 14 -7.97 -11.95 7.07
N ILE A 15 -8.67 -11.20 7.92
CA ILE A 15 -8.64 -9.75 7.87
C ILE A 15 -7.20 -9.24 7.82
N GLU A 16 -6.28 -9.97 8.43
CA GLU A 16 -4.88 -9.59 8.44
C GLU A 16 -4.22 -9.90 7.10
N THR A 17 -4.57 -11.04 6.52
CA THR A 17 -4.01 -11.45 5.24
C THR A 17 -4.46 -10.52 4.12
N LEU A 18 -5.69 -10.03 4.23
CA LEU A 18 -6.25 -9.13 3.22
C LEU A 18 -5.47 -7.82 3.17
N ARG A 19 -5.10 -7.31 4.34
CA ARG A 19 -4.34 -6.07 4.42
C ARG A 19 -2.96 -6.23 3.78
N LYS A 20 -2.35 -7.39 4.00
CA LYS A 20 -1.02 -7.67 3.44
C LYS A 20 -1.09 -7.82 1.93
N THR A 21 -2.13 -8.51 1.45
CA THR A 21 -2.30 -8.72 0.02
C THR A 21 -2.42 -7.39 -0.73
N VAL A 22 -3.28 -6.51 -0.23
CA VAL A 22 -3.48 -5.21 -0.84
C VAL A 22 -2.22 -4.35 -0.75
N GLU A 23 -1.52 -4.47 0.36
CA GLU A 23 -0.29 -3.70 0.58
C GLU A 23 0.71 -3.94 -0.56
N ASP A 24 0.77 -5.18 -1.03
CA ASP A 24 1.67 -5.54 -2.12
C ASP A 24 1.22 -4.91 -3.43
N TYR A 25 -0.04 -5.13 -3.77
CA TYR A 25 -0.60 -4.59 -5.01
C TYR A 25 -0.15 -3.15 -5.23
N PHE A 26 -0.51 -2.27 -4.30
CA PHE A 26 -0.14 -0.86 -4.40
C PHE A 26 1.32 -0.72 -4.81
N CYS A 27 2.17 -1.56 -4.25
CA CYS A 27 3.60 -1.53 -4.55
C CYS A 27 3.86 -1.95 -5.99
N PHE A 28 3.10 -2.95 -6.45
CA PHE A 28 3.25 -3.45 -7.80
C PHE A 28 2.85 -2.40 -8.84
N CYS A 29 1.70 -1.77 -8.61
CA CYS A 29 1.20 -0.75 -9.51
C CYS A 29 2.13 0.46 -9.54
N TYR A 30 2.64 0.84 -8.37
CA TYR A 30 3.54 1.97 -8.25
C TYR A 30 4.87 1.69 -8.96
N GLY A 31 5.53 0.61 -8.54
CA GLY A 31 6.79 0.24 -9.14
C GLY A 31 6.68 -0.06 -10.62
N LYS A 32 5.51 -0.57 -11.02
CA LYS A 32 5.27 -0.90 -12.42
C LYS A 32 5.19 0.36 -13.29
N ALA A 33 4.51 1.38 -12.77
CA ALA A 33 4.37 2.63 -13.49
C ALA A 33 5.70 3.39 -13.56
N LEU A 34 6.56 3.13 -12.57
CA LEU A 34 7.86 3.78 -12.52
C LEU A 34 8.76 3.31 -13.67
N GLY A 35 8.56 2.06 -14.09
CA GLY A 35 9.35 1.53 -15.17
C GLY A 35 10.50 0.67 -14.68
N LYS A 36 10.37 0.15 -13.46
CA LYS A 36 11.41 -0.68 -12.87
C LYS A 36 11.11 -2.17 -13.09
N SER A 37 12.00 -3.02 -12.61
CA SER A 37 11.83 -4.46 -12.75
C SER A 37 11.47 -5.10 -11.41
N THR A 38 11.25 -4.27 -10.40
CA THR A 38 10.91 -4.75 -9.08
C THR A 38 9.79 -3.91 -8.46
N VAL A 39 9.12 -4.47 -7.45
CA VAL A 39 8.03 -3.77 -6.78
C VAL A 39 8.57 -2.75 -5.79
N VAL A 40 7.96 -1.57 -5.78
CA VAL A 40 8.37 -0.51 -4.87
C VAL A 40 7.29 -0.22 -3.83
N PRO A 41 7.71 -0.02 -2.57
CA PRO A 41 6.79 0.27 -1.47
C PRO A 41 6.18 1.66 -1.58
N VAL A 42 4.84 1.71 -1.54
CA VAL A 42 4.13 2.98 -1.64
C VAL A 42 4.30 3.80 -0.36
N PRO A 43 5.02 4.92 -0.48
CA PRO A 43 5.28 5.82 0.65
C PRO A 43 4.01 6.56 1.10
N TYR A 44 3.18 5.88 1.88
CA TYR A 44 1.94 6.46 2.37
C TYR A 44 2.21 7.79 3.07
N GLU A 45 3.12 7.78 4.03
CA GLU A 45 3.48 8.98 4.77
C GLU A 45 3.71 10.15 3.83
N LYS A 46 4.56 9.94 2.83
CA LYS A 46 4.88 10.98 1.86
C LYS A 46 3.66 11.32 1.01
N MET A 47 3.16 10.33 0.28
CA MET A 47 1.99 10.52 -0.58
C MET A 47 0.91 11.32 0.15
N LEU A 48 0.77 11.06 1.45
CA LEU A 48 -0.23 11.75 2.25
C LEU A 48 -0.05 13.26 2.17
N ARG A 49 1.20 13.70 2.18
CA ARG A 49 1.53 15.12 2.09
C ARG A 49 1.49 15.61 0.65
N ASP A 50 2.00 14.78 -0.26
CA ASP A 50 2.03 15.11 -1.67
C ASP A 50 1.37 14.03 -2.51
N GLN A 51 0.04 14.04 -2.56
CA GLN A 51 -0.71 13.05 -3.32
C GLN A 51 -0.49 13.23 -4.81
N SER A 52 -0.06 14.43 -5.20
CA SER A 52 0.19 14.73 -6.61
C SER A 52 1.28 13.85 -7.18
N ALA A 53 2.46 13.89 -6.55
CA ALA A 53 3.59 13.09 -7.00
C ALA A 53 3.13 11.77 -7.60
N VAL A 54 2.06 11.20 -7.03
CA VAL A 54 1.52 9.94 -7.51
C VAL A 54 0.02 9.84 -7.23
N VAL A 55 -0.76 9.68 -8.29
CA VAL A 55 -2.21 9.57 -8.16
C VAL A 55 -2.66 8.12 -8.23
N VAL A 56 -3.84 7.84 -7.68
CA VAL A 56 -4.39 6.49 -7.69
C VAL A 56 -5.78 6.47 -8.30
N GLN A 57 -5.96 5.64 -9.33
CA GLN A 57 -7.24 5.52 -10.00
C GLN A 57 -7.80 4.11 -9.86
N GLY A 58 -9.12 3.99 -9.92
CA GLY A 58 -9.76 2.69 -9.80
C GLY A 58 -10.30 2.45 -8.40
N LEU A 59 -10.36 3.50 -7.60
CA LEU A 59 -10.88 3.39 -6.23
C LEU A 59 -12.40 3.51 -6.21
N PRO A 60 -13.02 2.94 -5.17
CA PRO A 60 -14.48 2.97 -4.99
C PRO A 60 -14.99 4.37 -4.67
N GLU A 61 -16.31 4.49 -4.53
CA GLU A 61 -16.92 5.77 -4.21
C GLU A 61 -16.85 6.06 -2.72
N GLY A 62 -16.89 7.34 -2.37
CA GLY A 62 -16.82 7.74 -0.97
C GLY A 62 -15.57 7.23 -0.29
N VAL A 63 -14.54 6.95 -1.07
CA VAL A 63 -13.27 6.45 -0.53
C VAL A 63 -12.15 7.44 -0.79
N ALA A 64 -11.03 7.25 -0.07
CA ALA A 64 -9.87 8.13 -0.23
C ALA A 64 -8.57 7.33 -0.08
N PHE A 65 -7.78 7.32 -1.14
CA PHE A 65 -6.50 6.60 -1.13
C PHE A 65 -5.85 6.67 0.25
N LYS A 66 -5.63 5.50 0.85
CA LYS A 66 -5.01 5.43 2.17
C LYS A 66 -4.57 4.01 2.49
N HIS A 67 -3.84 3.84 3.58
CA HIS A 67 -3.36 2.53 4.00
C HIS A 67 -4.47 1.47 3.84
N PRO A 68 -4.07 0.27 3.41
CA PRO A 68 -5.00 -0.85 3.21
C PRO A 68 -5.55 -1.39 4.52
N GLU A 69 -5.05 -0.86 5.63
CA GLU A 69 -5.49 -1.29 6.95
C GLU A 69 -6.61 -0.39 7.47
N ASN A 70 -6.78 0.76 6.83
CA ASN A 70 -7.81 1.71 7.23
C ASN A 70 -9.15 1.35 6.58
N TYR A 71 -9.12 0.45 5.62
CA TYR A 71 -10.33 0.02 4.92
C TYR A 71 -10.97 -1.16 5.63
N ASP A 72 -12.27 -1.04 5.91
CA ASP A 72 -12.99 -2.11 6.59
C ASP A 72 -12.90 -3.41 5.81
N LEU A 73 -12.86 -4.53 6.52
CA LEU A 73 -12.78 -5.84 5.90
C LEU A 73 -13.57 -5.87 4.59
N ALA A 74 -14.81 -5.41 4.65
CA ALA A 74 -15.67 -5.39 3.47
C ALA A 74 -15.01 -4.62 2.32
N THR A 75 -14.58 -3.40 2.61
CA THR A 75 -13.94 -2.57 1.60
C THR A 75 -12.69 -3.25 1.04
N LEU A 76 -11.86 -3.78 1.93
CA LEU A 76 -10.64 -4.46 1.53
C LEU A 76 -10.91 -5.45 0.40
N LYS A 77 -11.94 -6.26 0.56
CA LYS A 77 -12.31 -7.26 -0.44
C LYS A 77 -12.54 -6.59 -1.80
N TRP A 78 -13.31 -5.52 -1.80
CA TRP A 78 -13.60 -4.79 -3.03
C TRP A 78 -12.32 -4.50 -3.80
N ILE A 79 -11.42 -3.75 -3.18
CA ILE A 79 -10.16 -3.40 -3.81
C ILE A 79 -9.58 -4.58 -4.58
N LEU A 80 -9.43 -5.71 -3.89
CA LEU A 80 -8.89 -6.92 -4.52
C LEU A 80 -9.74 -7.35 -5.71
N GLU A 81 -11.05 -7.20 -5.57
CA GLU A 81 -11.97 -7.57 -6.65
C GLU A 81 -11.74 -6.71 -7.88
N ASN A 82 -11.80 -5.40 -7.71
CA ASN A 82 -11.60 -4.47 -8.81
C ASN A 82 -10.17 -3.91 -8.80
N LYS A 83 -9.21 -4.77 -8.47
CA LYS A 83 -7.81 -4.36 -8.43
C LYS A 83 -7.22 -4.27 -9.83
N ALA A 84 -7.50 -5.28 -10.65
CA ALA A 84 -7.01 -5.31 -12.02
C ALA A 84 -7.16 -3.95 -12.69
N GLY A 85 -8.26 -3.26 -12.36
CA GLY A 85 -8.50 -1.95 -12.95
C GLY A 85 -7.70 -0.86 -12.28
N ILE A 86 -7.49 -0.99 -10.98
CA ILE A 86 -6.73 0.00 -10.22
C ILE A 86 -5.41 0.31 -10.90
N SER A 87 -5.18 1.59 -11.20
CA SER A 87 -3.95 2.01 -11.85
C SER A 87 -3.26 3.12 -11.05
N PHE A 88 -2.02 3.41 -11.41
CA PHE A 88 -1.25 4.45 -10.72
C PHE A 88 -0.56 5.37 -11.73
N ILE A 89 -0.76 6.67 -11.55
CA ILE A 89 -0.16 7.66 -12.44
C ILE A 89 0.92 8.46 -11.73
N ILE A 90 2.17 8.25 -12.12
CA ILE A 90 3.29 8.94 -11.52
C ILE A 90 3.49 10.32 -12.17
N LYS A 91 3.24 11.37 -11.39
CA LYS A 91 3.40 12.74 -11.88
C LYS A 91 4.82 13.24 -11.64
N ARG A 92 5.41 12.79 -10.54
CA ARG A 92 6.77 13.21 -10.19
C ARG A 92 7.23 12.54 -8.90
N PRO A 93 8.42 11.93 -8.94
CA PRO A 93 9.00 11.24 -7.77
C PRO A 93 9.42 12.22 -6.68
N PHE A 94 8.87 12.02 -5.48
CA PHE A 94 9.18 12.88 -4.35
C PHE A 94 10.66 13.27 -4.36
N LEU A 95 10.97 14.42 -3.76
CA LEU A 95 12.34 14.91 -3.70
C LEU A 95 13.21 13.97 -2.88
N GLU A 96 14.47 13.83 -3.29
CA GLU A 96 15.41 12.97 -2.58
C GLU A 96 16.85 13.36 -2.90
N PRO A 97 17.76 13.13 -1.93
CA PRO A 97 19.17 13.44 -2.09
C PRO A 97 19.87 12.53 -3.10
N LYS A 98 21.09 12.91 -3.48
CA LYS A 98 21.86 12.13 -4.44
C LYS A 98 23.02 11.42 -3.75
N LYS A 99 22.86 11.14 -2.47
CA LYS A 99 23.90 10.46 -1.69
C LYS A 99 23.33 9.27 -0.94
N HIS A 100 24.15 8.24 -0.76
CA HIS A 100 23.73 7.03 -0.06
C HIS A 100 24.34 6.98 1.34
N VAL A 101 25.66 6.94 1.41
CA VAL A 101 26.36 6.89 2.69
C VAL A 101 26.86 8.28 3.10
N GLY A 102 26.98 8.48 4.40
CA GLY A 102 27.45 9.76 4.91
C GLY A 102 27.60 9.77 6.42
N GLY A 103 26.51 9.52 7.12
CA GLY A 103 26.53 9.50 8.57
C GLY A 103 25.87 8.28 9.16
N SER A 104 26.22 7.95 10.40
CA SER A 104 25.65 6.79 11.07
C SER A 104 24.77 7.22 12.24
N GLY A 105 25.28 8.13 13.06
CA GLY A 105 24.53 8.61 14.20
C GLY A 105 25.04 8.07 15.51
N PRO A 106 24.99 8.89 16.58
CA PRO A 106 25.45 8.50 17.90
C PRO A 106 24.57 7.44 18.55
N SER A 107 23.26 7.70 18.56
CA SER A 107 22.31 6.76 19.15
C SER A 107 22.56 5.35 18.64
N SER A 108 22.54 5.18 17.33
CA SER A 108 22.76 3.88 16.71
C SER A 108 24.25 3.57 16.60
N GLY A 109 24.82 3.03 17.67
CA GLY A 109 26.23 2.70 17.68
C GLY A 109 26.48 1.22 17.47
N GLY A 1 -14.85 -3.43 15.19
CA GLY A 1 -14.96 -4.87 15.39
C GLY A 1 -16.02 -5.21 16.42
N SER A 2 -16.36 -6.49 16.50
CA SER A 2 -17.37 -6.96 17.45
C SER A 2 -16.88 -8.21 18.19
N SER A 3 -16.37 -9.17 17.44
CA SER A 3 -15.87 -10.41 18.01
C SER A 3 -14.73 -10.14 18.99
N GLY A 4 -14.72 -10.87 20.10
CA GLY A 4 -13.69 -10.70 21.10
C GLY A 4 -13.33 -11.99 21.81
N SER A 5 -12.81 -12.96 21.06
CA SER A 5 -12.43 -14.24 21.62
C SER A 5 -11.15 -14.13 22.43
N SER A 6 -10.81 -15.21 23.13
CA SER A 6 -9.60 -15.23 23.96
C SER A 6 -8.35 -15.30 23.09
N GLY A 7 -7.92 -14.15 22.58
CA GLY A 7 -6.73 -14.11 21.74
C GLY A 7 -7.07 -13.87 20.28
N MET A 8 -6.30 -14.48 19.39
CA MET A 8 -6.52 -14.32 17.96
C MET A 8 -7.66 -15.22 17.49
N SER A 9 -8.61 -14.62 16.78
CA SER A 9 -9.76 -15.37 16.26
C SER A 9 -9.37 -16.21 15.05
N VAL A 10 -10.24 -17.14 14.69
CA VAL A 10 -9.99 -18.01 13.54
C VAL A 10 -10.01 -17.22 12.23
N ASP A 11 -10.95 -16.30 12.12
CA ASP A 11 -11.09 -15.48 10.92
C ASP A 11 -10.11 -14.31 10.96
N ALA A 12 -9.44 -14.14 12.09
CA ALA A 12 -8.48 -13.05 12.26
C ALA A 12 -7.41 -13.10 11.16
N VAL A 13 -6.87 -14.28 10.92
CA VAL A 13 -5.84 -14.46 9.90
C VAL A 13 -6.34 -14.01 8.53
N GLU A 14 -7.65 -13.87 8.40
CA GLU A 14 -8.27 -13.43 7.15
C GLU A 14 -8.10 -11.93 6.96
N ILE A 15 -8.60 -11.16 7.92
CA ILE A 15 -8.52 -9.70 7.86
C ILE A 15 -7.07 -9.25 7.68
N GLU A 16 -6.17 -9.83 8.45
CA GLU A 16 -4.75 -9.49 8.37
C GLU A 16 -4.19 -9.84 6.99
N THR A 17 -4.45 -11.06 6.54
CA THR A 17 -3.97 -11.53 5.25
C THR A 17 -4.44 -10.61 4.13
N LEU A 18 -5.61 -10.01 4.31
CA LEU A 18 -6.18 -9.11 3.31
C LEU A 18 -5.31 -7.88 3.14
N ARG A 19 -4.94 -7.26 4.26
CA ARG A 19 -4.11 -6.06 4.23
C ARG A 19 -2.78 -6.34 3.53
N LYS A 20 -2.19 -7.50 3.81
CA LYS A 20 -0.93 -7.88 3.21
C LYS A 20 -1.06 -8.03 1.70
N THR A 21 -2.19 -8.56 1.25
CA THR A 21 -2.44 -8.74 -0.17
C THR A 21 -2.53 -7.40 -0.89
N VAL A 22 -3.32 -6.49 -0.34
CA VAL A 22 -3.49 -5.17 -0.93
C VAL A 22 -2.19 -4.37 -0.85
N GLU A 23 -1.49 -4.49 0.27
CA GLU A 23 -0.23 -3.78 0.47
C GLU A 23 0.73 -4.04 -0.69
N ASP A 24 0.81 -5.30 -1.10
CA ASP A 24 1.69 -5.69 -2.20
C ASP A 24 1.25 -5.03 -3.51
N TYR A 25 -0.04 -5.16 -3.82
CA TYR A 25 -0.58 -4.59 -5.04
C TYR A 25 -0.10 -3.16 -5.24
N PHE A 26 -0.47 -2.28 -4.32
CA PHE A 26 -0.07 -0.88 -4.40
C PHE A 26 1.40 -0.75 -4.77
N CYS A 27 2.23 -1.62 -4.20
CA CYS A 27 3.66 -1.61 -4.47
C CYS A 27 3.94 -1.95 -5.93
N PHE A 28 3.17 -2.90 -6.47
CA PHE A 28 3.35 -3.33 -7.85
C PHE A 28 2.98 -2.20 -8.81
N CYS A 29 1.73 -1.74 -8.73
CA CYS A 29 1.25 -0.67 -9.60
C CYS A 29 2.20 0.52 -9.55
N TYR A 30 2.74 0.81 -8.38
CA TYR A 30 3.66 1.92 -8.20
C TYR A 30 4.99 1.65 -8.89
N GLY A 31 5.70 0.63 -8.42
CA GLY A 31 6.99 0.29 -9.01
C GLY A 31 6.86 -0.13 -10.46
N LYS A 32 5.65 -0.49 -10.88
CA LYS A 32 5.40 -0.91 -12.25
C LYS A 32 5.35 0.29 -13.18
N ALA A 33 4.64 1.33 -12.78
CA ALA A 33 4.52 2.54 -13.58
C ALA A 33 5.86 3.27 -13.66
N LEU A 34 6.68 3.12 -12.63
CA LEU A 34 7.99 3.77 -12.58
C LEU A 34 8.88 3.27 -13.72
N GLY A 35 8.71 2.01 -14.09
CA GLY A 35 9.51 1.45 -15.16
C GLY A 35 10.68 0.63 -14.64
N LYS A 36 10.57 0.15 -13.41
CA LYS A 36 11.63 -0.65 -12.80
C LYS A 36 11.38 -2.13 -13.01
N SER A 37 12.29 -2.95 -12.50
CA SER A 37 12.16 -4.41 -12.63
C SER A 37 11.86 -5.04 -11.27
N THR A 38 11.35 -4.24 -10.34
CA THR A 38 11.01 -4.72 -9.02
C THR A 38 9.92 -3.86 -8.38
N VAL A 39 9.24 -4.42 -7.38
CA VAL A 39 8.17 -3.70 -6.69
C VAL A 39 8.74 -2.67 -5.72
N VAL A 40 8.12 -1.50 -5.68
CA VAL A 40 8.56 -0.43 -4.79
C VAL A 40 7.51 -0.12 -3.74
N PRO A 41 7.97 0.07 -2.49
CA PRO A 41 7.07 0.37 -1.36
C PRO A 41 6.45 1.76 -1.47
N VAL A 42 5.12 1.82 -1.50
CA VAL A 42 4.41 3.09 -1.60
C VAL A 42 4.46 3.84 -0.27
N PRO A 43 5.18 4.98 -0.28
CA PRO A 43 5.32 5.82 0.92
C PRO A 43 4.03 6.53 1.29
N TYR A 44 3.12 5.80 1.95
CA TYR A 44 1.84 6.36 2.35
C TYR A 44 2.03 7.67 3.11
N GLU A 45 2.99 7.68 4.04
CA GLU A 45 3.27 8.86 4.83
C GLU A 45 3.55 10.07 3.93
N LYS A 46 4.28 9.83 2.85
CA LYS A 46 4.62 10.89 1.90
C LYS A 46 3.41 11.27 1.06
N MET A 47 2.88 10.31 0.32
CA MET A 47 1.72 10.54 -0.53
C MET A 47 0.63 11.29 0.22
N LEU A 48 0.35 10.84 1.45
CA LEU A 48 -0.67 11.48 2.28
C LEU A 48 -0.55 13.00 2.21
N ARG A 49 0.66 13.51 2.37
CA ARG A 49 0.91 14.94 2.33
C ARG A 49 0.98 15.44 0.88
N ASP A 50 1.61 14.65 0.02
CA ASP A 50 1.75 15.01 -1.39
C ASP A 50 1.25 13.89 -2.28
N GLN A 51 -0.06 13.82 -2.48
CA GLN A 51 -0.65 12.79 -3.31
C GLN A 51 -0.37 13.05 -4.79
N SER A 52 -0.25 14.32 -5.15
CA SER A 52 0.02 14.70 -6.53
C SER A 52 1.13 13.84 -7.13
N ALA A 53 2.24 13.71 -6.41
CA ALA A 53 3.37 12.91 -6.86
C ALA A 53 2.89 11.67 -7.61
N VAL A 54 1.90 10.99 -7.04
CA VAL A 54 1.34 9.78 -7.64
C VAL A 54 -0.16 9.68 -7.40
N VAL A 55 -0.92 9.47 -8.48
CA VAL A 55 -2.36 9.36 -8.38
C VAL A 55 -2.79 7.89 -8.40
N VAL A 56 -3.82 7.57 -7.63
CA VAL A 56 -4.34 6.21 -7.56
C VAL A 56 -5.77 6.13 -8.06
N GLN A 57 -5.96 5.46 -9.19
CA GLN A 57 -7.28 5.32 -9.78
C GLN A 57 -7.85 3.93 -9.51
N GLY A 58 -9.17 3.80 -9.67
CA GLY A 58 -9.81 2.51 -9.43
C GLY A 58 -10.38 2.41 -8.03
N LEU A 59 -10.22 3.46 -7.24
CA LEU A 59 -10.72 3.48 -5.88
C LEU A 59 -12.23 3.67 -5.85
N PRO A 60 -12.88 3.09 -4.82
CA PRO A 60 -14.33 3.18 -4.66
C PRO A 60 -14.79 4.59 -4.28
N GLU A 61 -16.09 4.77 -4.14
CA GLU A 61 -16.66 6.06 -3.79
C GLU A 61 -16.52 6.33 -2.29
N GLY A 62 -16.61 7.60 -1.91
CA GLY A 62 -16.49 7.97 -0.52
C GLY A 62 -15.21 7.44 0.11
N VAL A 63 -14.24 7.10 -0.73
CA VAL A 63 -12.96 6.57 -0.25
C VAL A 63 -11.83 7.54 -0.52
N ALA A 64 -10.66 7.26 0.06
CA ALA A 64 -9.50 8.12 -0.13
C ALA A 64 -8.20 7.32 0.01
N PHE A 65 -7.43 7.26 -1.07
CA PHE A 65 -6.17 6.53 -1.07
C PHE A 65 -5.49 6.61 0.30
N LYS A 66 -5.41 5.47 0.97
CA LYS A 66 -4.78 5.41 2.28
C LYS A 66 -4.37 3.98 2.62
N HIS A 67 -3.62 3.83 3.72
CA HIS A 67 -3.16 2.52 4.15
C HIS A 67 -4.26 1.48 4.00
N PRO A 68 -3.89 0.27 3.58
CA PRO A 68 -4.84 -0.84 3.39
C PRO A 68 -5.37 -1.37 4.71
N GLU A 69 -4.82 -0.88 5.82
CA GLU A 69 -5.25 -1.30 7.15
C GLU A 69 -6.37 -0.40 7.67
N ASN A 70 -6.55 0.75 7.02
CA ASN A 70 -7.57 1.70 7.43
C ASN A 70 -8.89 1.40 6.71
N TYR A 71 -8.85 0.47 5.76
CA TYR A 71 -10.03 0.10 5.00
C TYR A 71 -10.77 -1.05 5.67
N ASP A 72 -12.03 -0.82 6.01
CA ASP A 72 -12.84 -1.85 6.65
C ASP A 72 -12.75 -3.17 5.91
N LEU A 73 -12.83 -4.27 6.64
CA LEU A 73 -12.76 -5.60 6.05
C LEU A 73 -13.54 -5.66 4.74
N ALA A 74 -14.76 -5.14 4.76
CA ALA A 74 -15.61 -5.13 3.58
C ALA A 74 -14.97 -4.34 2.45
N THR A 75 -14.35 -3.21 2.80
CA THR A 75 -13.69 -2.37 1.81
C THR A 75 -12.47 -3.07 1.20
N LEU A 76 -11.54 -3.46 2.07
CA LEU A 76 -10.33 -4.14 1.62
C LEU A 76 -10.64 -5.13 0.50
N LYS A 77 -11.66 -5.96 0.71
CA LYS A 77 -12.07 -6.95 -0.27
C LYS A 77 -12.37 -6.28 -1.62
N TRP A 78 -13.16 -5.22 -1.59
CA TRP A 78 -13.52 -4.49 -2.80
C TRP A 78 -12.28 -4.18 -3.64
N ILE A 79 -11.32 -3.48 -3.04
CA ILE A 79 -10.09 -3.13 -3.73
C ILE A 79 -9.55 -4.31 -4.53
N LEU A 80 -9.40 -5.45 -3.87
CA LEU A 80 -8.90 -6.66 -4.52
C LEU A 80 -9.80 -7.07 -5.68
N GLU A 81 -11.11 -6.91 -5.48
CA GLU A 81 -12.08 -7.27 -6.52
C GLU A 81 -11.88 -6.42 -7.76
N ASN A 82 -11.91 -5.10 -7.59
CA ASN A 82 -11.74 -4.18 -8.71
C ASN A 82 -10.30 -3.68 -8.78
N LYS A 83 -9.36 -4.58 -8.54
CA LYS A 83 -7.94 -4.24 -8.58
C LYS A 83 -7.42 -4.20 -10.01
N ALA A 84 -7.65 -5.29 -10.75
CA ALA A 84 -7.21 -5.38 -12.14
C ALA A 84 -7.36 -4.04 -12.84
N GLY A 85 -8.38 -3.28 -12.47
CA GLY A 85 -8.60 -1.98 -13.07
C GLY A 85 -7.77 -0.88 -12.44
N ILE A 86 -7.59 -0.97 -11.13
CA ILE A 86 -6.82 0.03 -10.40
C ILE A 86 -5.52 0.35 -11.14
N SER A 87 -5.30 1.64 -11.40
CA SER A 87 -4.11 2.08 -12.10
C SER A 87 -3.34 3.12 -11.28
N PHE A 88 -2.08 3.34 -11.63
CA PHE A 88 -1.25 4.31 -10.93
C PHE A 88 -0.54 5.23 -11.91
N ILE A 89 -0.69 6.53 -11.73
CA ILE A 89 -0.07 7.52 -12.60
C ILE A 89 0.98 8.34 -11.84
N ILE A 90 2.24 8.15 -12.19
CA ILE A 90 3.33 8.86 -11.55
C ILE A 90 3.50 10.26 -12.14
N LYS A 91 3.21 11.27 -11.32
CA LYS A 91 3.32 12.66 -11.76
C LYS A 91 4.70 13.23 -11.41
N ARG A 92 5.27 12.74 -10.32
CA ARG A 92 6.58 13.21 -9.88
C ARG A 92 7.02 12.47 -8.62
N PRO A 93 8.22 11.87 -8.67
CA PRO A 93 8.77 11.12 -7.53
C PRO A 93 9.18 12.03 -6.39
N PHE A 94 8.56 11.83 -5.22
CA PHE A 94 8.86 12.63 -4.05
C PHE A 94 10.34 12.96 -3.97
N LEU A 95 10.68 14.03 -3.24
CA LEU A 95 12.07 14.44 -3.09
C LEU A 95 12.91 13.31 -2.50
N GLU A 96 13.94 12.91 -3.24
CA GLU A 96 14.82 11.84 -2.79
C GLU A 96 16.25 12.06 -3.28
N PRO A 97 17.23 11.60 -2.48
CA PRO A 97 18.65 11.75 -2.81
C PRO A 97 19.07 10.89 -3.99
N LYS A 98 20.36 10.86 -4.28
CA LYS A 98 20.89 10.07 -5.39
C LYS A 98 21.29 8.68 -4.92
N LYS A 99 21.42 7.76 -5.87
CA LYS A 99 21.81 6.39 -5.56
C LYS A 99 23.08 5.99 -6.32
N HIS A 100 23.78 4.99 -5.80
CA HIS A 100 25.01 4.51 -6.43
C HIS A 100 25.17 3.01 -6.23
N VAL A 101 26.15 2.43 -6.92
CA VAL A 101 26.41 1.00 -6.82
C VAL A 101 27.48 0.71 -5.77
N GLY A 102 27.11 -0.05 -4.74
CA GLY A 102 28.05 -0.39 -3.69
C GLY A 102 28.69 -1.74 -3.90
N GLY A 103 29.89 -1.91 -3.37
CA GLY A 103 30.60 -3.18 -3.50
C GLY A 103 31.38 -3.27 -4.80
N SER A 104 31.74 -4.49 -5.18
CA SER A 104 32.50 -4.71 -6.41
C SER A 104 31.76 -5.67 -7.34
N GLY A 105 31.55 -6.89 -6.86
CA GLY A 105 30.85 -7.88 -7.67
C GLY A 105 29.37 -7.94 -7.37
N PRO A 106 28.55 -8.13 -8.42
CA PRO A 106 27.10 -8.19 -8.28
C PRO A 106 26.65 -9.47 -7.59
N SER A 107 27.50 -10.48 -7.59
CA SER A 107 27.19 -11.76 -6.96
C SER A 107 26.32 -11.56 -5.72
N SER A 108 25.24 -12.32 -5.63
CA SER A 108 24.33 -12.23 -4.51
C SER A 108 24.26 -13.54 -3.73
N GLY A 109 23.44 -13.58 -2.70
CA GLY A 109 23.31 -14.78 -1.90
C GLY A 109 22.98 -14.49 -0.45
N GLY A 1 8.69 -11.29 30.81
CA GLY A 1 8.71 -11.38 29.36
C GLY A 1 7.48 -10.77 28.72
N SER A 2 6.64 -11.62 28.13
CA SER A 2 5.42 -11.15 27.47
C SER A 2 4.51 -12.33 27.12
N SER A 3 3.21 -12.08 27.11
CA SER A 3 2.24 -13.13 26.79
C SER A 3 0.92 -12.51 26.32
N GLY A 4 0.00 -13.36 25.90
CA GLY A 4 -1.30 -12.89 25.43
C GLY A 4 -2.34 -13.99 25.40
N SER A 5 -2.87 -14.35 26.57
CA SER A 5 -3.87 -15.39 26.67
C SER A 5 -4.81 -15.37 25.46
N SER A 6 -5.52 -14.25 25.31
CA SER A 6 -6.45 -14.11 24.20
C SER A 6 -5.71 -14.05 22.87
N GLY A 7 -5.48 -15.22 22.28
CA GLY A 7 -4.78 -15.28 21.01
C GLY A 7 -5.50 -14.53 19.91
N MET A 8 -5.91 -15.23 18.87
CA MET A 8 -6.61 -14.63 17.75
C MET A 8 -7.66 -15.57 17.18
N SER A 9 -8.78 -15.01 16.71
CA SER A 9 -9.86 -15.80 16.15
C SER A 9 -9.41 -16.51 14.87
N VAL A 10 -10.25 -17.40 14.36
CA VAL A 10 -9.95 -18.14 13.15
C VAL A 10 -10.04 -17.25 11.92
N ASP A 11 -11.00 -16.33 11.94
CA ASP A 11 -11.19 -15.41 10.82
C ASP A 11 -10.28 -14.20 10.95
N ALA A 12 -9.56 -14.11 12.06
CA ALA A 12 -8.64 -13.01 12.31
C ALA A 12 -7.49 -13.01 11.31
N VAL A 13 -6.94 -14.20 11.07
CA VAL A 13 -5.82 -14.34 10.13
C VAL A 13 -6.23 -13.91 8.73
N GLU A 14 -7.53 -13.74 8.52
CA GLU A 14 -8.05 -13.33 7.21
C GLU A 14 -7.91 -11.82 7.03
N ILE A 15 -8.51 -11.06 7.94
CA ILE A 15 -8.46 -9.61 7.87
C ILE A 15 -7.03 -9.12 7.72
N GLU A 16 -6.11 -9.73 8.48
CA GLU A 16 -4.70 -9.35 8.42
C GLU A 16 -4.10 -9.68 7.06
N THR A 17 -4.43 -10.87 6.55
CA THR A 17 -3.92 -11.31 5.26
C THR A 17 -4.41 -10.40 4.14
N LEU A 18 -5.62 -9.87 4.29
CA LEU A 18 -6.20 -8.99 3.29
C LEU A 18 -5.34 -7.73 3.11
N ARG A 19 -4.94 -7.14 4.23
CA ARG A 19 -4.13 -5.93 4.20
C ARG A 19 -2.81 -6.18 3.46
N LYS A 20 -2.12 -7.25 3.84
CA LYS A 20 -0.86 -7.61 3.22
C LYS A 20 -1.00 -7.71 1.70
N THR A 21 -2.04 -8.42 1.26
CA THR A 21 -2.29 -8.59 -0.16
C THR A 21 -2.39 -7.24 -0.87
N VAL A 22 -3.19 -6.34 -0.31
CA VAL A 22 -3.37 -5.02 -0.89
C VAL A 22 -2.10 -4.19 -0.79
N GLU A 23 -1.37 -4.37 0.31
CA GLU A 23 -0.12 -3.64 0.53
C GLU A 23 0.86 -3.91 -0.61
N ASP A 24 0.99 -5.17 -0.99
CA ASP A 24 1.91 -5.55 -2.07
C ASP A 24 1.44 -4.98 -3.39
N TYR A 25 0.16 -5.14 -3.70
CA TYR A 25 -0.41 -4.64 -4.95
C TYR A 25 0.06 -3.21 -5.22
N PHE A 26 -0.23 -2.31 -4.31
CA PHE A 26 0.16 -0.91 -4.45
C PHE A 26 1.62 -0.81 -4.87
N CYS A 27 2.46 -1.66 -4.31
CA CYS A 27 3.89 -1.66 -4.62
C CYS A 27 4.12 -2.05 -6.08
N PHE A 28 3.36 -3.02 -6.55
CA PHE A 28 3.47 -3.49 -7.93
C PHE A 28 3.10 -2.40 -8.92
N CYS A 29 1.91 -1.84 -8.75
CA CYS A 29 1.42 -0.78 -9.62
C CYS A 29 2.37 0.42 -9.61
N TYR A 30 2.83 0.78 -8.42
CA TYR A 30 3.75 1.91 -8.27
C TYR A 30 5.06 1.64 -8.99
N GLY A 31 5.73 0.56 -8.59
CA GLY A 31 7.01 0.21 -9.20
C GLY A 31 6.86 -0.15 -10.67
N LYS A 32 5.69 -0.65 -11.03
CA LYS A 32 5.43 -1.02 -12.42
C LYS A 32 5.35 0.20 -13.32
N ALA A 33 4.71 1.26 -12.82
CA ALA A 33 4.58 2.49 -13.58
C ALA A 33 5.92 3.23 -13.68
N LEU A 34 6.73 3.10 -12.65
CA LEU A 34 8.04 3.75 -12.61
C LEU A 34 8.92 3.26 -13.77
N GLY A 35 8.65 2.05 -14.23
CA GLY A 35 9.42 1.48 -15.33
C GLY A 35 10.58 0.63 -14.85
N LYS A 36 10.45 0.11 -13.63
CA LYS A 36 11.49 -0.74 -13.05
C LYS A 36 11.17 -2.22 -13.25
N SER A 37 12.08 -3.08 -12.81
CA SER A 37 11.89 -4.51 -12.94
C SER A 37 11.63 -5.16 -11.59
N THR A 38 11.15 -4.35 -10.64
CA THR A 38 10.86 -4.84 -9.29
C THR A 38 9.77 -4.00 -8.63
N VAL A 39 9.22 -4.52 -7.54
CA VAL A 39 8.17 -3.81 -6.81
C VAL A 39 8.77 -2.81 -5.83
N VAL A 40 8.14 -1.65 -5.71
CA VAL A 40 8.61 -0.60 -4.81
C VAL A 40 7.56 -0.29 -3.74
N PRO A 41 8.01 -0.14 -2.49
CA PRO A 41 7.13 0.16 -1.36
C PRO A 41 6.56 1.57 -1.44
N VAL A 42 5.24 1.66 -1.61
CA VAL A 42 4.56 2.95 -1.70
C VAL A 42 4.53 3.64 -0.34
N PRO A 43 5.24 4.78 -0.23
CA PRO A 43 5.30 5.55 1.01
C PRO A 43 3.98 6.24 1.33
N TYR A 44 3.05 5.49 1.90
CA TYR A 44 1.74 6.03 2.26
C TYR A 44 1.88 7.30 3.09
N GLU A 45 2.77 7.25 4.08
CA GLU A 45 3.00 8.41 4.94
C GLU A 45 3.21 9.67 4.12
N LYS A 46 4.04 9.57 3.09
CA LYS A 46 4.34 10.71 2.23
C LYS A 46 3.17 10.98 1.27
N MET A 47 2.76 9.94 0.56
CA MET A 47 1.65 10.07 -0.40
C MET A 47 0.43 10.69 0.27
N LEU A 48 0.38 10.61 1.59
CA LEU A 48 -0.73 11.17 2.35
C LEU A 48 -0.61 12.69 2.45
N ARG A 49 0.62 13.18 2.52
CA ARG A 49 0.87 14.61 2.62
C ARG A 49 0.69 15.29 1.26
N ASP A 50 1.04 14.58 0.20
CA ASP A 50 0.92 15.12 -1.15
C ASP A 50 0.35 14.06 -2.11
N GLN A 51 -0.88 14.27 -2.54
CA GLN A 51 -1.53 13.33 -3.45
C GLN A 51 -1.42 13.82 -4.90
N SER A 52 -0.25 14.33 -5.25
CA SER A 52 -0.02 14.83 -6.60
C SER A 52 1.08 14.03 -7.29
N ALA A 53 2.14 13.73 -6.55
CA ALA A 53 3.26 12.97 -7.08
C ALA A 53 2.78 11.71 -7.81
N VAL A 54 1.83 11.02 -7.20
CA VAL A 54 1.29 9.80 -7.78
C VAL A 54 -0.20 9.65 -7.45
N VAL A 55 -1.02 9.49 -8.48
CA VAL A 55 -2.45 9.34 -8.29
C VAL A 55 -2.85 7.86 -8.34
N VAL A 56 -3.90 7.51 -7.61
CA VAL A 56 -4.39 6.14 -7.57
C VAL A 56 -5.82 6.05 -8.10
N GLN A 57 -6.00 5.33 -9.19
CA GLN A 57 -7.32 5.17 -9.79
C GLN A 57 -7.92 3.81 -9.43
N GLY A 58 -9.12 3.55 -9.93
CA GLY A 58 -9.78 2.29 -9.64
C GLY A 58 -10.34 2.23 -8.24
N LEU A 59 -10.24 3.34 -7.51
CA LEU A 59 -10.73 3.41 -6.15
C LEU A 59 -12.25 3.59 -6.13
N PRO A 60 -12.89 3.15 -5.04
CA PRO A 60 -14.34 3.24 -4.87
C PRO A 60 -14.81 4.69 -4.67
N GLU A 61 -16.08 4.85 -4.35
CA GLU A 61 -16.64 6.18 -4.13
C GLU A 61 -16.45 6.62 -2.68
N GLY A 62 -16.53 7.93 -2.46
CA GLY A 62 -16.36 8.47 -1.12
C GLY A 62 -15.14 7.90 -0.43
N VAL A 63 -14.13 7.54 -1.21
CA VAL A 63 -12.89 6.99 -0.66
C VAL A 63 -11.70 7.87 -1.01
N ALA A 64 -10.57 7.59 -0.35
CA ALA A 64 -9.35 8.36 -0.59
C ALA A 64 -8.11 7.51 -0.35
N PHE A 65 -7.22 7.45 -1.34
CA PHE A 65 -6.01 6.67 -1.22
C PHE A 65 -5.46 6.71 0.20
N LYS A 66 -5.14 5.55 0.75
CA LYS A 66 -4.60 5.45 2.10
C LYS A 66 -4.20 4.02 2.42
N HIS A 67 -3.56 3.84 3.58
CA HIS A 67 -3.13 2.51 4.00
C HIS A 67 -4.23 1.49 3.84
N PRO A 68 -3.86 0.27 3.40
CA PRO A 68 -4.83 -0.82 3.19
C PRO A 68 -5.40 -1.35 4.50
N GLU A 69 -4.84 -0.88 5.62
CA GLU A 69 -5.30 -1.30 6.93
C GLU A 69 -6.37 -0.36 7.47
N ASN A 70 -6.46 0.82 6.89
CA ASN A 70 -7.44 1.81 7.30
C ASN A 70 -8.81 1.53 6.69
N TYR A 71 -8.82 0.69 5.66
CA TYR A 71 -10.06 0.34 4.98
C TYR A 71 -10.76 -0.81 5.69
N ASP A 72 -12.05 -0.65 5.92
CA ASP A 72 -12.86 -1.67 6.60
C ASP A 72 -12.77 -3.00 5.86
N LEU A 73 -12.82 -4.09 6.61
CA LEU A 73 -12.74 -5.43 6.03
C LEU A 73 -13.54 -5.51 4.73
N ALA A 74 -14.79 -5.02 4.78
CA ALA A 74 -15.66 -5.03 3.61
C ALA A 74 -15.06 -4.20 2.48
N THR A 75 -14.40 -3.10 2.84
CA THR A 75 -13.79 -2.22 1.86
C THR A 75 -12.56 -2.86 1.23
N LEU A 76 -11.66 -3.34 2.07
CA LEU A 76 -10.43 -3.99 1.60
C LEU A 76 -10.75 -4.97 0.47
N LYS A 77 -11.66 -5.89 0.73
CA LYS A 77 -12.05 -6.89 -0.27
C LYS A 77 -12.37 -6.23 -1.60
N TRP A 78 -13.17 -5.17 -1.55
CA TRP A 78 -13.56 -4.44 -2.76
C TRP A 78 -12.34 -4.12 -3.61
N ILE A 79 -11.36 -3.44 -3.01
CA ILE A 79 -10.15 -3.06 -3.72
C ILE A 79 -9.59 -4.24 -4.52
N LEU A 80 -9.37 -5.36 -3.85
CA LEU A 80 -8.85 -6.56 -4.50
C LEU A 80 -9.78 -7.02 -5.62
N GLU A 81 -11.09 -6.83 -5.41
CA GLU A 81 -12.09 -7.23 -6.40
C GLU A 81 -11.95 -6.40 -7.67
N ASN A 82 -11.93 -5.09 -7.52
CA ASN A 82 -11.80 -4.18 -8.66
C ASN A 82 -10.38 -3.65 -8.78
N LYS A 83 -9.41 -4.48 -8.40
CA LYS A 83 -8.00 -4.09 -8.46
C LYS A 83 -7.49 -4.14 -9.90
N ALA A 84 -7.81 -5.21 -10.60
CA ALA A 84 -7.40 -5.37 -11.99
C ALA A 84 -7.49 -4.05 -12.75
N GLY A 85 -8.37 -3.17 -12.29
CA GLY A 85 -8.54 -1.88 -12.94
C GLY A 85 -7.70 -0.80 -12.32
N ILE A 86 -7.44 -0.92 -11.02
CA ILE A 86 -6.63 0.06 -10.30
C ILE A 86 -5.32 0.35 -11.05
N SER A 87 -5.10 1.62 -11.37
CA SER A 87 -3.90 2.03 -12.09
C SER A 87 -3.11 3.06 -11.29
N PHE A 88 -1.91 3.36 -11.75
CA PHE A 88 -1.06 4.33 -11.07
C PHE A 88 -0.54 5.37 -12.06
N ILE A 89 -0.93 6.62 -11.86
CA ILE A 89 -0.50 7.71 -12.73
C ILE A 89 0.58 8.56 -12.06
N ILE A 90 1.84 8.22 -12.33
CA ILE A 90 2.96 8.95 -11.76
C ILE A 90 3.10 10.33 -12.39
N LYS A 91 2.88 11.37 -11.59
CA LYS A 91 2.98 12.74 -12.07
C LYS A 91 4.38 13.30 -11.82
N ARG A 92 5.03 12.82 -10.76
CA ARG A 92 6.37 13.27 -10.42
C ARG A 92 6.89 12.54 -9.18
N PRO A 93 8.09 11.97 -9.29
CA PRO A 93 8.73 11.24 -8.20
C PRO A 93 9.16 12.15 -7.06
N PHE A 94 8.69 11.84 -5.85
CA PHE A 94 9.02 12.64 -4.68
C PHE A 94 10.47 13.12 -4.74
N LEU A 95 10.75 14.21 -4.03
CA LEU A 95 12.10 14.78 -4.01
C LEU A 95 13.13 13.71 -3.70
N GLU A 96 14.37 13.96 -4.10
CA GLU A 96 15.46 13.01 -3.86
C GLU A 96 16.55 13.64 -3.00
N PRO A 97 17.14 12.83 -2.11
CA PRO A 97 18.19 13.28 -1.20
C PRO A 97 19.49 13.59 -1.94
N LYS A 98 20.49 14.06 -1.19
CA LYS A 98 21.79 14.40 -1.78
C LYS A 98 22.58 13.13 -2.11
N LYS A 99 22.89 12.34 -1.08
CA LYS A 99 23.64 11.12 -1.27
C LYS A 99 22.89 9.92 -0.67
N HIS A 100 23.47 8.73 -0.79
CA HIS A 100 22.85 7.52 -0.26
C HIS A 100 23.77 6.33 -0.43
N VAL A 101 24.00 5.60 0.66
CA VAL A 101 24.87 4.43 0.63
C VAL A 101 24.25 3.27 1.40
N GLY A 102 23.84 2.23 0.67
CA GLY A 102 23.24 1.07 1.30
C GLY A 102 21.79 0.88 0.88
N GLY A 103 21.22 -0.26 1.26
CA GLY A 103 19.84 -0.55 0.91
C GLY A 103 19.04 -1.09 2.08
N SER A 104 17.72 -1.09 1.95
CA SER A 104 16.86 -1.58 3.01
C SER A 104 15.94 -2.70 2.50
N GLY A 105 15.17 -2.39 1.47
CA GLY A 105 14.26 -3.37 0.91
C GLY A 105 12.84 -2.87 0.82
N PRO A 106 11.95 -3.69 0.21
CA PRO A 106 10.54 -3.33 0.04
C PRO A 106 9.78 -3.34 1.38
N SER A 107 9.79 -2.18 2.04
CA SER A 107 9.11 -2.05 3.34
C SER A 107 7.75 -2.75 3.31
N SER A 108 7.59 -3.76 4.15
CA SER A 108 6.34 -4.50 4.23
C SER A 108 6.04 -4.92 5.66
N GLY A 109 4.84 -4.57 6.12
CA GLY A 109 4.44 -4.91 7.47
C GLY A 109 5.05 -3.99 8.51
N GLY A 1 11.30 -10.42 19.35
CA GLY A 1 10.97 -11.09 20.60
C GLY A 1 10.46 -12.50 20.39
N SER A 2 9.77 -13.03 21.38
CA SER A 2 9.23 -14.38 21.31
C SER A 2 7.71 -14.35 21.11
N SER A 3 7.27 -14.79 19.94
CA SER A 3 5.84 -14.81 19.63
C SER A 3 5.50 -16.01 18.74
N GLY A 4 4.38 -16.65 19.05
CA GLY A 4 3.96 -17.81 18.27
C GLY A 4 3.03 -18.72 19.05
N SER A 5 2.13 -18.13 19.83
CA SER A 5 1.20 -18.90 20.63
C SER A 5 -0.23 -18.38 20.45
N SER A 6 -1.20 -19.12 20.97
CA SER A 6 -2.60 -18.73 20.86
C SER A 6 -2.78 -17.25 21.11
N GLY A 7 -3.72 -16.64 20.39
CA GLY A 7 -3.97 -15.22 20.55
C GLY A 7 -4.89 -14.67 19.46
N MET A 8 -4.50 -14.89 18.21
CA MET A 8 -5.28 -14.41 17.08
C MET A 8 -6.44 -15.36 16.78
N SER A 9 -7.62 -14.80 16.50
CA SER A 9 -8.80 -15.60 16.20
C SER A 9 -8.65 -16.29 14.85
N VAL A 10 -9.56 -17.22 14.58
CA VAL A 10 -9.54 -17.96 13.31
C VAL A 10 -9.72 -17.02 12.12
N ASP A 11 -10.66 -16.10 12.24
CA ASP A 11 -10.94 -15.14 11.18
C ASP A 11 -9.93 -14.00 11.21
N ALA A 12 -9.13 -13.95 12.28
CA ALA A 12 -8.11 -12.91 12.43
C ALA A 12 -7.10 -12.96 11.29
N VAL A 13 -6.60 -14.17 11.00
CA VAL A 13 -5.62 -14.35 9.95
C VAL A 13 -6.14 -13.84 8.61
N GLU A 14 -7.44 -14.01 8.38
CA GLU A 14 -8.07 -13.57 7.14
C GLU A 14 -7.96 -12.05 7.00
N ILE A 15 -8.69 -11.33 7.85
CA ILE A 15 -8.67 -9.87 7.81
C ILE A 15 -7.25 -9.33 7.77
N GLU A 16 -6.33 -10.03 8.44
CA GLU A 16 -4.94 -9.62 8.47
C GLU A 16 -4.26 -9.91 7.13
N THR A 17 -4.57 -11.06 6.55
CA THR A 17 -4.00 -11.45 5.27
C THR A 17 -4.45 -10.52 4.15
N LEU A 18 -5.70 -10.10 4.21
CA LEU A 18 -6.27 -9.21 3.20
C LEU A 18 -5.49 -7.90 3.14
N ARG A 19 -5.21 -7.33 4.31
CA ARG A 19 -4.48 -6.07 4.39
C ARG A 19 -3.11 -6.20 3.73
N LYS A 20 -2.45 -7.33 3.95
CA LYS A 20 -1.14 -7.58 3.37
C LYS A 20 -1.23 -7.73 1.86
N THR A 21 -2.20 -8.50 1.39
CA THR A 21 -2.40 -8.72 -0.03
C THR A 21 -2.47 -7.40 -0.78
N VAL A 22 -3.31 -6.49 -0.29
CA VAL A 22 -3.47 -5.18 -0.92
C VAL A 22 -2.19 -4.36 -0.82
N GLU A 23 -1.53 -4.45 0.33
CA GLU A 23 -0.29 -3.71 0.56
C GLU A 23 0.70 -3.94 -0.58
N ASP A 24 0.89 -5.21 -0.95
CA ASP A 24 1.80 -5.57 -2.02
C ASP A 24 1.33 -5.00 -3.36
N TYR A 25 0.05 -5.22 -3.66
CA TYR A 25 -0.54 -4.73 -4.90
C TYR A 25 -0.10 -3.29 -5.18
N PHE A 26 -0.48 -2.38 -4.29
CA PHE A 26 -0.14 -0.97 -4.44
C PHE A 26 1.33 -0.81 -4.84
N CYS A 27 2.18 -1.69 -4.32
CA CYS A 27 3.60 -1.65 -4.62
C CYS A 27 3.87 -2.00 -6.08
N PHE A 28 3.12 -2.97 -6.59
CA PHE A 28 3.27 -3.40 -7.98
C PHE A 28 2.94 -2.26 -8.94
N CYS A 29 1.73 -1.74 -8.83
CA CYS A 29 1.28 -0.65 -9.69
C CYS A 29 2.24 0.53 -9.62
N TYR A 30 2.73 0.81 -8.41
CA TYR A 30 3.66 1.91 -8.19
C TYR A 30 4.98 1.66 -8.91
N GLY A 31 5.69 0.63 -8.46
CA GLY A 31 6.97 0.29 -9.06
C GLY A 31 6.84 -0.06 -10.54
N LYS A 32 5.65 -0.49 -10.94
CA LYS A 32 5.40 -0.86 -12.33
C LYS A 32 5.39 0.38 -13.23
N ALA A 33 4.67 1.41 -12.78
CA ALA A 33 4.58 2.66 -13.54
C ALA A 33 5.93 3.35 -13.63
N LEU A 34 6.75 3.17 -12.58
CA LEU A 34 8.08 3.79 -12.55
C LEU A 34 8.95 3.28 -13.68
N GLY A 35 8.76 2.01 -14.05
CA GLY A 35 9.53 1.43 -15.13
C GLY A 35 10.69 0.59 -14.62
N LYS A 36 10.58 0.12 -13.38
CA LYS A 36 11.62 -0.71 -12.78
C LYS A 36 11.36 -2.18 -13.04
N SER A 37 12.25 -3.03 -12.53
CA SER A 37 12.12 -4.47 -12.70
C SER A 37 11.74 -5.14 -11.39
N THR A 38 11.22 -4.34 -10.45
CA THR A 38 10.81 -4.86 -9.15
C THR A 38 9.69 -4.02 -8.56
N VAL A 39 9.13 -4.48 -7.44
CA VAL A 39 8.05 -3.77 -6.77
C VAL A 39 8.59 -2.78 -5.75
N VAL A 40 7.97 -1.60 -5.68
CA VAL A 40 8.38 -0.57 -4.75
C VAL A 40 7.28 -0.27 -3.72
N PRO A 41 7.68 -0.14 -2.45
CA PRO A 41 6.75 0.14 -1.36
C PRO A 41 6.18 1.56 -1.42
N VAL A 42 4.86 1.67 -1.50
CA VAL A 42 4.20 2.96 -1.56
C VAL A 42 4.26 3.68 -0.22
N PRO A 43 5.02 4.78 -0.18
CA PRO A 43 5.18 5.59 1.05
C PRO A 43 3.90 6.33 1.41
N TYR A 44 2.97 5.63 2.04
CA TYR A 44 1.70 6.23 2.45
C TYR A 44 1.93 7.55 3.18
N GLU A 45 2.79 7.52 4.19
CA GLU A 45 3.10 8.72 4.97
C GLU A 45 3.38 9.90 4.06
N LYS A 46 4.30 9.71 3.11
CA LYS A 46 4.67 10.76 2.17
C LYS A 46 3.50 11.11 1.25
N MET A 47 3.00 10.10 0.54
CA MET A 47 1.88 10.30 -0.37
C MET A 47 0.74 11.06 0.31
N LEU A 48 0.59 10.83 1.61
CA LEU A 48 -0.46 11.49 2.38
C LEU A 48 -0.28 13.01 2.34
N ARG A 49 0.97 13.45 2.28
CA ARG A 49 1.27 14.88 2.23
C ARG A 49 1.24 15.40 0.80
N ASP A 50 1.78 14.60 -0.13
CA ASP A 50 1.82 14.98 -1.53
C ASP A 50 1.26 13.86 -2.41
N GLN A 51 -0.04 13.92 -2.66
CA GLN A 51 -0.70 12.91 -3.48
C GLN A 51 -0.50 13.19 -4.97
N SER A 52 -0.15 14.44 -5.28
CA SER A 52 0.08 14.84 -6.67
C SER A 52 1.18 14.01 -7.30
N ALA A 53 2.29 13.85 -6.58
CA ALA A 53 3.41 13.06 -7.07
C ALA A 53 2.94 11.81 -7.79
N VAL A 54 1.96 11.13 -7.20
CA VAL A 54 1.41 9.91 -7.79
C VAL A 54 -0.09 9.79 -7.50
N VAL A 55 -0.86 9.49 -8.54
CA VAL A 55 -2.30 9.34 -8.41
C VAL A 55 -2.70 7.87 -8.39
N VAL A 56 -3.78 7.56 -7.67
CA VAL A 56 -4.27 6.19 -7.59
C VAL A 56 -5.71 6.08 -8.07
N GLN A 57 -5.91 5.32 -9.14
CA GLN A 57 -7.24 5.14 -9.71
C GLN A 57 -7.80 3.77 -9.36
N GLY A 58 -9.09 3.57 -9.65
CA GLY A 58 -9.72 2.29 -9.36
C GLY A 58 -10.26 2.22 -7.95
N LEU A 59 -10.26 3.35 -7.26
CA LEU A 59 -10.76 3.42 -5.89
C LEU A 59 -12.27 3.56 -5.86
N PRO A 60 -12.90 3.03 -4.80
CA PRO A 60 -14.36 3.09 -4.63
C PRO A 60 -14.85 4.50 -4.33
N GLU A 61 -16.13 4.63 -4.00
CA GLU A 61 -16.72 5.92 -3.70
C GLU A 61 -16.45 6.31 -2.25
N GLY A 62 -16.64 7.59 -1.93
CA GLY A 62 -16.42 8.07 -0.59
C GLY A 62 -15.16 7.50 0.03
N VAL A 63 -14.17 7.20 -0.81
CA VAL A 63 -12.91 6.65 -0.34
C VAL A 63 -11.74 7.56 -0.71
N ALA A 64 -10.65 7.43 0.02
CA ALA A 64 -9.45 8.24 -0.23
C ALA A 64 -8.18 7.41 -0.06
N PHE A 65 -7.36 7.38 -1.11
CA PHE A 65 -6.11 6.62 -1.07
C PHE A 65 -5.49 6.65 0.32
N LYS A 66 -5.34 5.48 0.93
CA LYS A 66 -4.76 5.37 2.26
C LYS A 66 -4.42 3.92 2.58
N HIS A 67 -3.70 3.72 3.68
CA HIS A 67 -3.29 2.38 4.11
C HIS A 67 -4.45 1.40 3.93
N PRO A 68 -4.11 0.17 3.49
CA PRO A 68 -5.11 -0.88 3.27
C PRO A 68 -5.69 -1.41 4.58
N GLU A 69 -5.14 -0.95 5.69
CA GLU A 69 -5.61 -1.37 7.00
C GLU A 69 -6.71 -0.44 7.52
N ASN A 70 -6.75 0.77 6.97
CA ASN A 70 -7.75 1.76 7.37
C ASN A 70 -9.09 1.47 6.71
N TYR A 71 -9.09 0.54 5.76
CA TYR A 71 -10.31 0.17 5.06
C TYR A 71 -10.99 -1.02 5.72
N ASP A 72 -12.28 -0.88 6.00
CA ASP A 72 -13.05 -1.94 6.62
C ASP A 72 -12.99 -3.23 5.80
N LEU A 73 -12.94 -4.36 6.49
CA LEU A 73 -12.88 -5.66 5.81
C LEU A 73 -13.72 -5.65 4.53
N ALA A 74 -14.95 -5.16 4.64
CA ALA A 74 -15.85 -5.09 3.50
C ALA A 74 -15.22 -4.30 2.36
N THR A 75 -14.59 -3.17 2.70
CA THR A 75 -13.96 -2.33 1.71
C THR A 75 -12.72 -3.00 1.11
N LEU A 76 -11.89 -3.57 1.99
CA LEU A 76 -10.66 -4.24 1.57
C LEU A 76 -10.95 -5.18 0.40
N LYS A 77 -11.92 -6.07 0.60
CA LYS A 77 -12.30 -7.03 -0.43
C LYS A 77 -12.54 -6.34 -1.77
N TRP A 78 -13.30 -5.25 -1.72
CA TRP A 78 -13.61 -4.49 -2.93
C TRP A 78 -12.35 -4.19 -3.73
N ILE A 79 -11.39 -3.52 -3.08
CA ILE A 79 -10.14 -3.17 -3.72
C ILE A 79 -9.58 -4.35 -4.52
N LEU A 80 -9.39 -5.47 -3.85
CA LEU A 80 -8.87 -6.67 -4.50
C LEU A 80 -9.75 -7.08 -5.67
N GLU A 81 -11.06 -6.92 -5.51
CA GLU A 81 -12.02 -7.28 -6.55
C GLU A 81 -11.79 -6.43 -7.80
N ASN A 82 -11.78 -5.11 -7.63
CA ASN A 82 -11.58 -4.21 -8.75
C ASN A 82 -10.14 -3.68 -8.77
N LYS A 83 -9.20 -4.54 -8.38
CA LYS A 83 -7.79 -4.17 -8.35
C LYS A 83 -7.19 -4.19 -9.76
N ALA A 84 -7.44 -5.27 -10.49
CA ALA A 84 -6.94 -5.42 -11.85
C ALA A 84 -7.11 -4.12 -12.63
N GLY A 85 -8.11 -3.33 -12.25
CA GLY A 85 -8.35 -2.08 -12.93
C GLY A 85 -7.58 -0.92 -12.33
N ILE A 86 -7.36 -0.98 -11.02
CA ILE A 86 -6.62 0.07 -10.32
C ILE A 86 -5.33 0.41 -11.06
N SER A 87 -5.19 1.69 -11.43
CA SER A 87 -4.02 2.15 -12.15
C SER A 87 -3.27 3.20 -11.34
N PHE A 88 -2.01 3.45 -11.70
CA PHE A 88 -1.19 4.43 -11.00
C PHE A 88 -0.50 5.36 -12.00
N ILE A 89 -0.74 6.66 -11.83
CA ILE A 89 -0.14 7.66 -12.71
C ILE A 89 0.90 8.49 -11.98
N ILE A 90 2.17 8.29 -12.35
CA ILE A 90 3.27 9.02 -11.74
C ILE A 90 3.43 10.40 -12.35
N LYS A 91 3.16 11.44 -11.55
CA LYS A 91 3.28 12.82 -12.03
C LYS A 91 4.66 13.38 -11.71
N ARG A 92 5.23 12.93 -10.59
CA ARG A 92 6.55 13.40 -10.17
C ARG A 92 6.98 12.71 -8.88
N PRO A 93 8.18 12.13 -8.89
CA PRO A 93 8.73 11.44 -7.72
C PRO A 93 9.11 12.40 -6.60
N PHE A 94 8.55 12.15 -5.41
CA PHE A 94 8.82 12.99 -4.26
C PHE A 94 10.31 13.35 -4.17
N LEU A 95 10.63 14.32 -3.34
CA LEU A 95 12.01 14.75 -3.16
C LEU A 95 12.75 13.84 -2.18
N GLU A 96 13.77 13.16 -2.68
CA GLU A 96 14.56 12.25 -1.85
C GLU A 96 15.80 12.96 -1.30
N PRO A 97 15.96 12.91 0.04
CA PRO A 97 17.08 13.53 0.72
C PRO A 97 18.40 12.82 0.45
N LYS A 98 19.41 13.11 1.26
CA LYS A 98 20.72 12.49 1.09
C LYS A 98 20.61 10.97 1.07
N LYS A 99 21.70 10.30 0.69
CA LYS A 99 21.72 8.85 0.62
C LYS A 99 21.78 8.25 2.02
N HIS A 100 22.86 8.54 2.74
CA HIS A 100 23.04 8.02 4.10
C HIS A 100 22.05 8.67 5.06
N VAL A 101 21.07 7.89 5.51
CA VAL A 101 20.06 8.39 6.43
C VAL A 101 20.32 7.89 7.85
N GLY A 102 21.60 7.84 8.23
CA GLY A 102 21.96 7.38 9.56
C GLY A 102 22.33 5.91 9.58
N GLY A 103 21.37 5.06 9.93
CA GLY A 103 21.63 3.64 9.99
C GLY A 103 20.82 2.95 11.07
N SER A 104 19.51 3.08 11.01
CA SER A 104 18.63 2.47 12.00
C SER A 104 17.30 2.03 11.36
N GLY A 105 16.83 0.85 11.76
CA GLY A 105 15.59 0.34 11.22
C GLY A 105 15.38 -1.13 11.53
N PRO A 106 14.11 -1.52 11.75
CA PRO A 106 13.76 -2.90 12.07
C PRO A 106 13.94 -3.84 10.89
N SER A 107 15.17 -4.33 10.72
CA SER A 107 15.48 -5.23 9.62
C SER A 107 15.17 -4.59 8.27
N SER A 108 15.71 -3.40 8.05
CA SER A 108 15.49 -2.67 6.81
C SER A 108 16.66 -2.86 5.86
N GLY A 109 16.39 -2.76 4.55
CA GLY A 109 17.43 -2.93 3.56
C GLY A 109 16.94 -3.60 2.30
N GLY A 1 -16.07 -27.63 12.34
CA GLY A 1 -15.29 -27.12 13.44
C GLY A 1 -14.41 -25.95 13.03
N SER A 2 -13.42 -25.65 13.87
CA SER A 2 -12.51 -24.54 13.60
C SER A 2 -13.25 -23.20 13.66
N SER A 3 -14.07 -23.04 14.67
CA SER A 3 -14.85 -21.81 14.84
C SER A 3 -14.00 -20.73 15.49
N GLY A 4 -13.23 -21.10 16.50
CA GLY A 4 -12.37 -20.15 17.20
C GLY A 4 -11.53 -20.80 18.28
N SER A 5 -10.23 -20.95 18.00
CA SER A 5 -9.32 -21.56 18.95
C SER A 5 -8.60 -20.50 19.77
N SER A 6 -8.24 -20.85 21.01
CA SER A 6 -7.54 -19.93 21.90
C SER A 6 -6.47 -19.15 21.14
N GLY A 7 -6.05 -18.01 21.70
CA GLY A 7 -5.04 -17.20 21.08
C GLY A 7 -5.57 -16.43 19.87
N MET A 8 -5.44 -17.02 18.70
CA MET A 8 -5.91 -16.39 17.47
C MET A 8 -7.19 -17.06 16.98
N SER A 9 -7.97 -16.32 16.19
CA SER A 9 -9.22 -16.83 15.65
C SER A 9 -9.04 -17.32 14.22
N VAL A 10 -10.12 -17.84 13.64
CA VAL A 10 -10.08 -18.35 12.27
C VAL A 10 -10.17 -17.20 11.26
N ASP A 11 -10.96 -16.18 11.60
CA ASP A 11 -11.12 -15.03 10.72
C ASP A 11 -10.04 -13.98 10.98
N ALA A 12 -9.28 -14.18 12.06
CA ALA A 12 -8.22 -13.26 12.42
C ALA A 12 -7.10 -13.28 11.38
N VAL A 13 -6.76 -14.47 10.91
CA VAL A 13 -5.70 -14.63 9.92
C VAL A 13 -6.15 -14.09 8.56
N GLU A 14 -7.45 -14.09 8.33
CA GLU A 14 -8.01 -13.60 7.08
C GLU A 14 -7.84 -12.09 6.96
N ILE A 15 -8.48 -11.36 7.87
CA ILE A 15 -8.41 -9.90 7.87
C ILE A 15 -6.97 -9.43 7.72
N GLU A 16 -6.05 -10.16 8.33
CA GLU A 16 -4.63 -9.82 8.27
C GLU A 16 -4.08 -10.04 6.87
N THR A 17 -4.49 -11.14 6.24
CA THR A 17 -4.03 -11.47 4.90
C THR A 17 -4.55 -10.47 3.87
N LEU A 18 -5.80 -10.03 4.06
CA LEU A 18 -6.39 -9.06 3.15
C LEU A 18 -5.59 -7.77 3.11
N ARG A 19 -5.22 -7.28 4.28
CA ARG A 19 -4.44 -6.04 4.38
C ARG A 19 -3.06 -6.21 3.74
N LYS A 20 -2.49 -7.40 3.92
CA LYS A 20 -1.17 -7.69 3.36
C LYS A 20 -1.23 -7.76 1.84
N THR A 21 -2.23 -8.47 1.32
CA THR A 21 -2.39 -8.61 -0.12
C THR A 21 -2.51 -7.25 -0.80
N VAL A 22 -3.32 -6.37 -0.23
CA VAL A 22 -3.52 -5.04 -0.78
C VAL A 22 -2.25 -4.20 -0.64
N GLU A 23 -1.48 -4.46 0.42
CA GLU A 23 -0.25 -3.73 0.67
C GLU A 23 0.74 -3.94 -0.49
N ASP A 24 0.85 -5.17 -0.95
CA ASP A 24 1.75 -5.49 -2.05
C ASP A 24 1.26 -4.89 -3.36
N TYR A 25 -0.03 -5.07 -3.65
CA TYR A 25 -0.62 -4.54 -4.87
C TYR A 25 -0.18 -3.10 -5.11
N PHE A 26 -0.52 -2.22 -4.18
CA PHE A 26 -0.16 -0.81 -4.29
C PHE A 26 1.31 -0.65 -4.69
N CYS A 27 2.16 -1.50 -4.11
CA CYS A 27 3.59 -1.45 -4.40
C CYS A 27 3.87 -1.86 -5.83
N PHE A 28 3.16 -2.88 -6.29
CA PHE A 28 3.33 -3.38 -7.66
C PHE A 28 2.96 -2.31 -8.67
N CYS A 29 1.74 -1.81 -8.58
CA CYS A 29 1.26 -0.78 -9.50
C CYS A 29 2.23 0.39 -9.55
N TYR A 30 2.76 0.76 -8.39
CA TYR A 30 3.69 1.88 -8.30
C TYR A 30 5.00 1.56 -9.02
N GLY A 31 5.72 0.56 -8.50
CA GLY A 31 6.98 0.16 -9.09
C GLY A 31 6.82 -0.29 -10.53
N LYS A 32 5.62 -0.71 -10.89
CA LYS A 32 5.34 -1.17 -12.25
C LYS A 32 5.27 0.01 -13.21
N ALA A 33 4.68 1.11 -12.76
CA ALA A 33 4.56 2.30 -13.59
C ALA A 33 5.89 3.02 -13.72
N LEU A 34 6.75 2.85 -12.71
CA LEU A 34 8.06 3.49 -12.71
C LEU A 34 8.94 2.92 -13.83
N GLY A 35 8.75 1.64 -14.14
CA GLY A 35 9.52 1.00 -15.18
C GLY A 35 10.69 0.20 -14.63
N LYS A 36 10.56 -0.25 -13.39
CA LYS A 36 11.61 -1.03 -12.74
C LYS A 36 11.34 -2.52 -12.88
N SER A 37 12.24 -3.33 -12.33
CA SER A 37 12.11 -4.79 -12.40
C SER A 37 11.81 -5.37 -11.03
N THR A 38 11.29 -4.53 -10.14
CA THR A 38 10.96 -4.96 -8.79
C THR A 38 9.86 -4.08 -8.18
N VAL A 39 9.25 -4.56 -7.11
CA VAL A 39 8.19 -3.83 -6.43
C VAL A 39 8.76 -2.73 -5.55
N VAL A 40 8.07 -1.59 -5.50
CA VAL A 40 8.50 -0.47 -4.69
C VAL A 40 7.46 -0.12 -3.62
N PRO A 41 7.94 0.16 -2.40
CA PRO A 41 7.07 0.51 -1.27
C PRO A 41 6.41 1.89 -1.45
N VAL A 42 5.09 1.90 -1.46
CA VAL A 42 4.35 3.15 -1.62
C VAL A 42 4.45 4.02 -0.36
N PRO A 43 5.14 5.16 -0.49
CA PRO A 43 5.32 6.10 0.62
C PRO A 43 4.02 6.80 1.01
N TYR A 44 3.20 6.11 1.79
CA TYR A 44 1.92 6.67 2.23
C TYR A 44 2.14 7.95 3.05
N GLU A 45 3.18 7.94 3.88
CA GLU A 45 3.49 9.08 4.72
C GLU A 45 3.68 10.33 3.87
N LYS A 46 4.31 10.18 2.72
CA LYS A 46 4.56 11.28 1.81
C LYS A 46 3.31 11.61 0.99
N MET A 47 2.78 10.61 0.29
CA MET A 47 1.58 10.79 -0.51
C MET A 47 0.48 11.49 0.27
N LEU A 48 0.40 11.18 1.56
CA LEU A 48 -0.60 11.78 2.43
C LEU A 48 -0.46 13.30 2.46
N ARG A 49 0.78 13.77 2.35
CA ARG A 49 1.05 15.21 2.37
C ARG A 49 0.91 15.80 0.97
N ASP A 50 1.36 15.05 -0.03
CA ASP A 50 1.29 15.49 -1.42
C ASP A 50 0.74 14.40 -2.32
N GLN A 51 -0.58 14.39 -2.50
CA GLN A 51 -1.23 13.39 -3.34
C GLN A 51 -1.11 13.77 -4.82
N SER A 52 0.06 14.24 -5.21
CA SER A 52 0.29 14.63 -6.60
C SER A 52 1.35 13.75 -7.25
N ALA A 53 2.53 13.70 -6.63
CA ALA A 53 3.63 12.89 -7.14
C ALA A 53 3.12 11.62 -7.80
N VAL A 54 2.07 11.04 -7.23
CA VAL A 54 1.48 9.82 -7.77
C VAL A 54 -0.01 9.77 -7.51
N VAL A 55 -0.77 9.39 -8.53
CA VAL A 55 -2.23 9.29 -8.42
C VAL A 55 -2.69 7.84 -8.42
N VAL A 56 -3.75 7.56 -7.67
CA VAL A 56 -4.29 6.22 -7.58
C VAL A 56 -5.72 6.17 -8.13
N GLN A 57 -5.95 5.28 -9.10
CA GLN A 57 -7.27 5.13 -9.70
C GLN A 57 -7.85 3.76 -9.38
N GLY A 58 -9.15 3.61 -9.61
CA GLY A 58 -9.81 2.34 -9.35
C GLY A 58 -10.36 2.26 -7.95
N LEU A 59 -10.38 3.39 -7.24
CA LEU A 59 -10.88 3.43 -5.87
C LEU A 59 -12.40 3.61 -5.85
N PRO A 60 -13.03 3.09 -4.79
CA PRO A 60 -14.49 3.18 -4.62
C PRO A 60 -14.95 4.60 -4.34
N GLU A 61 -16.22 4.73 -3.94
CA GLU A 61 -16.78 6.05 -3.63
C GLU A 61 -16.54 6.41 -2.17
N GLY A 62 -16.77 7.67 -1.83
CA GLY A 62 -16.57 8.12 -0.47
C GLY A 62 -15.30 7.58 0.15
N VAL A 63 -14.35 7.22 -0.70
CA VAL A 63 -13.08 6.68 -0.23
C VAL A 63 -11.92 7.60 -0.59
N ALA A 64 -10.81 7.44 0.12
CA ALA A 64 -9.63 8.26 -0.11
C ALA A 64 -8.35 7.44 0.02
N PHE A 65 -7.60 7.34 -1.08
CA PHE A 65 -6.35 6.58 -1.08
C PHE A 65 -5.64 6.68 0.26
N LYS A 66 -5.54 5.55 0.95
CA LYS A 66 -4.89 5.52 2.26
C LYS A 66 -4.43 4.10 2.60
N HIS A 67 -3.70 3.96 3.71
CA HIS A 67 -3.22 2.66 4.14
C HIS A 67 -4.30 1.60 4.00
N PRO A 68 -3.90 0.40 3.56
CA PRO A 68 -4.82 -0.73 3.37
C PRO A 68 -5.35 -1.28 4.69
N GLU A 69 -4.93 -0.66 5.80
CA GLU A 69 -5.37 -1.08 7.12
C GLU A 69 -6.50 -0.21 7.63
N ASN A 70 -6.66 0.97 7.01
CA ASN A 70 -7.71 1.90 7.41
C ASN A 70 -9.03 1.54 6.73
N TYR A 71 -8.96 0.64 5.76
CA TYR A 71 -10.15 0.21 5.03
C TYR A 71 -10.84 -0.96 5.73
N ASP A 72 -12.10 -0.76 6.10
CA ASP A 72 -12.86 -1.80 6.79
C ASP A 72 -12.79 -3.12 6.02
N LEU A 73 -12.77 -4.23 6.75
CA LEU A 73 -12.70 -5.55 6.14
C LEU A 73 -13.51 -5.60 4.86
N ALA A 74 -14.75 -5.11 4.93
CA ALA A 74 -15.64 -5.10 3.77
C ALA A 74 -14.98 -4.36 2.60
N THR A 75 -14.56 -3.13 2.84
CA THR A 75 -13.93 -2.32 1.81
C THR A 75 -12.71 -3.02 1.23
N LEU A 76 -11.84 -3.51 2.11
CA LEU A 76 -10.63 -4.21 1.68
C LEU A 76 -10.94 -5.18 0.54
N LYS A 77 -11.86 -6.10 0.79
CA LYS A 77 -12.25 -7.08 -0.22
C LYS A 77 -12.53 -6.41 -1.57
N TRP A 78 -13.24 -5.30 -1.52
CA TRP A 78 -13.58 -4.56 -2.74
C TRP A 78 -12.32 -4.25 -3.55
N ILE A 79 -11.39 -3.52 -2.93
CA ILE A 79 -10.15 -3.16 -3.60
C ILE A 79 -9.59 -4.33 -4.39
N LEU A 80 -9.39 -5.46 -3.71
CA LEU A 80 -8.87 -6.66 -4.36
C LEU A 80 -9.78 -7.10 -5.50
N GLU A 81 -11.08 -6.96 -5.31
CA GLU A 81 -12.05 -7.35 -6.33
C GLU A 81 -11.88 -6.52 -7.59
N ASN A 82 -11.89 -5.20 -7.44
CA ASN A 82 -11.73 -4.30 -8.57
C ASN A 82 -10.30 -3.76 -8.64
N LYS A 83 -9.34 -4.60 -8.27
CA LYS A 83 -7.93 -4.21 -8.29
C LYS A 83 -7.39 -4.21 -9.72
N ALA A 84 -7.71 -5.28 -10.46
CA ALA A 84 -7.25 -5.40 -11.84
C ALA A 84 -7.36 -4.08 -12.58
N GLY A 85 -8.33 -3.26 -12.17
CA GLY A 85 -8.54 -1.96 -12.81
C GLY A 85 -7.70 -0.87 -12.19
N ILE A 86 -7.51 -0.95 -10.87
CA ILE A 86 -6.71 0.05 -10.15
C ILE A 86 -5.41 0.33 -10.89
N SER A 87 -5.22 1.59 -11.26
CA SER A 87 -4.01 2.00 -11.97
C SER A 87 -3.25 3.07 -11.19
N PHE A 88 -1.99 3.27 -11.54
CA PHE A 88 -1.15 4.26 -10.88
C PHE A 88 -0.47 5.17 -11.89
N ILE A 89 -0.64 6.48 -11.72
CA ILE A 89 -0.02 7.45 -12.62
C ILE A 89 1.05 8.26 -11.91
N ILE A 90 2.30 8.05 -12.30
CA ILE A 90 3.42 8.76 -11.70
C ILE A 90 3.60 10.14 -12.33
N LYS A 91 3.35 11.18 -11.53
CA LYS A 91 3.48 12.55 -12.02
C LYS A 91 4.88 13.08 -11.74
N ARG A 92 5.50 12.62 -10.67
CA ARG A 92 6.84 13.05 -10.31
C ARG A 92 7.31 12.35 -9.04
N PRO A 93 8.54 11.82 -9.08
CA PRO A 93 9.15 11.12 -7.95
C PRO A 93 9.48 12.05 -6.79
N PHE A 94 8.95 11.73 -5.61
CA PHE A 94 9.20 12.55 -4.42
C PHE A 94 10.69 12.84 -4.26
N LEU A 95 11.02 13.58 -3.21
CA LEU A 95 12.40 13.93 -2.94
C LEU A 95 12.96 13.11 -1.77
N GLU A 96 13.93 12.25 -2.07
CA GLU A 96 14.54 11.40 -1.05
C GLU A 96 15.71 10.62 -1.63
N PRO A 97 16.74 10.39 -0.81
CA PRO A 97 17.93 9.64 -1.22
C PRO A 97 17.64 8.15 -1.41
N LYS A 98 18.70 7.38 -1.64
CA LYS A 98 18.57 5.95 -1.84
C LYS A 98 19.46 5.18 -0.87
N LYS A 99 20.50 5.83 -0.39
CA LYS A 99 21.43 5.22 0.54
C LYS A 99 21.06 5.55 1.98
N HIS A 100 21.60 4.77 2.93
CA HIS A 100 21.33 4.98 4.34
C HIS A 100 22.26 4.12 5.21
N VAL A 101 22.77 4.72 6.27
CA VAL A 101 23.66 4.01 7.19
C VAL A 101 23.13 4.04 8.61
N GLY A 102 22.38 3.01 8.99
CA GLY A 102 21.83 2.94 10.33
C GLY A 102 21.35 4.28 10.82
N GLY A 103 20.22 4.75 10.30
CA GLY A 103 19.67 6.02 10.71
C GLY A 103 20.51 7.19 10.22
N SER A 104 21.17 7.88 11.14
CA SER A 104 22.00 9.03 10.80
C SER A 104 22.95 8.68 9.66
N GLY A 105 22.68 9.24 8.48
CA GLY A 105 23.52 8.98 7.32
C GLY A 105 24.98 9.31 7.58
N PRO A 106 25.77 9.41 6.50
CA PRO A 106 27.19 9.71 6.59
C PRO A 106 27.46 11.15 7.04
N SER A 107 28.72 11.46 7.30
CA SER A 107 29.10 12.80 7.74
C SER A 107 30.59 13.03 7.55
N SER A 108 30.95 14.15 6.96
CA SER A 108 32.35 14.49 6.71
C SER A 108 33.17 14.37 7.99
N GLY A 109 34.24 13.60 7.93
CA GLY A 109 35.09 13.41 9.09
C GLY A 109 35.85 12.09 9.05
N GLY A 1 -20.38 -2.53 20.39
CA GLY A 1 -20.55 -1.09 20.36
C GLY A 1 -19.38 -0.38 19.71
N SER A 2 -18.17 -0.75 20.10
CA SER A 2 -16.97 -0.13 19.55
C SER A 2 -16.00 -1.20 19.03
N SER A 3 -14.93 -0.75 18.39
CA SER A 3 -13.93 -1.67 17.83
C SER A 3 -12.89 -2.02 18.88
N GLY A 4 -12.93 -3.27 19.36
CA GLY A 4 -11.98 -3.71 20.36
C GLY A 4 -10.93 -4.65 19.79
N SER A 5 -11.17 -5.94 19.93
CA SER A 5 -10.24 -6.96 19.44
C SER A 5 -10.23 -6.97 17.91
N SER A 6 -9.07 -6.70 17.33
CA SER A 6 -8.91 -6.68 15.88
C SER A 6 -8.79 -8.09 15.33
N GLY A 7 -7.86 -8.86 15.89
CA GLY A 7 -7.65 -10.23 15.45
C GLY A 7 -7.59 -11.21 16.60
N MET A 8 -6.48 -11.96 16.68
CA MET A 8 -6.30 -12.94 17.74
C MET A 8 -7.39 -14.01 17.68
N SER A 9 -7.57 -14.60 16.51
CA SER A 9 -8.57 -15.63 16.32
C SER A 9 -8.36 -16.38 15.01
N VAL A 10 -9.17 -17.40 14.78
CA VAL A 10 -9.07 -18.19 13.56
C VAL A 10 -9.30 -17.32 12.32
N ASP A 11 -10.31 -16.48 12.37
CA ASP A 11 -10.64 -15.59 11.26
C ASP A 11 -9.73 -14.37 11.25
N ALA A 12 -9.08 -14.13 12.38
CA ALA A 12 -8.17 -12.98 12.51
C ALA A 12 -7.13 -12.99 11.40
N VAL A 13 -6.68 -14.18 11.03
CA VAL A 13 -5.67 -14.33 9.97
C VAL A 13 -6.18 -13.78 8.65
N GLU A 14 -7.46 -14.01 8.37
CA GLU A 14 -8.07 -13.55 7.13
C GLU A 14 -7.95 -12.03 7.01
N ILE A 15 -8.68 -11.31 7.86
CA ILE A 15 -8.65 -9.86 7.85
C ILE A 15 -7.23 -9.33 7.76
N GLU A 16 -6.29 -10.07 8.34
CA GLU A 16 -4.89 -9.68 8.33
C GLU A 16 -4.26 -9.94 6.97
N THR A 17 -4.66 -11.04 6.34
CA THR A 17 -4.13 -11.41 5.03
C THR A 17 -4.59 -10.42 3.96
N LEU A 18 -5.82 -9.95 4.08
CA LEU A 18 -6.38 -9.00 3.12
C LEU A 18 -5.56 -7.70 3.11
N ARG A 19 -5.16 -7.25 4.30
CA ARG A 19 -4.38 -6.03 4.43
C ARG A 19 -3.03 -6.18 3.74
N LYS A 20 -2.36 -7.30 3.98
CA LYS A 20 -1.06 -7.56 3.39
C LYS A 20 -1.18 -7.72 1.87
N THR A 21 -2.19 -8.47 1.43
CA THR A 21 -2.40 -8.70 0.01
C THR A 21 -2.49 -7.38 -0.75
N VAL A 22 -3.28 -6.45 -0.22
CA VAL A 22 -3.45 -5.15 -0.85
C VAL A 22 -2.17 -4.32 -0.76
N GLU A 23 -1.47 -4.45 0.36
CA GLU A 23 -0.22 -3.73 0.56
C GLU A 23 0.74 -3.94 -0.60
N ASP A 24 0.86 -5.19 -1.04
CA ASP A 24 1.75 -5.53 -2.15
C ASP A 24 1.24 -4.93 -3.45
N TYR A 25 -0.05 -5.11 -3.71
CA TYR A 25 -0.67 -4.58 -4.93
C TYR A 25 -0.23 -3.15 -5.19
N PHE A 26 -0.49 -2.27 -4.23
CA PHE A 26 -0.13 -0.86 -4.34
C PHE A 26 1.34 -0.71 -4.75
N CYS A 27 2.20 -1.55 -4.16
CA CYS A 27 3.62 -1.52 -4.46
C CYS A 27 3.89 -1.91 -5.92
N PHE A 28 3.15 -2.91 -6.39
CA PHE A 28 3.31 -3.39 -7.76
C PHE A 28 2.94 -2.30 -8.76
N CYS A 29 1.70 -1.81 -8.67
CA CYS A 29 1.23 -0.76 -9.57
C CYS A 29 2.19 0.42 -9.58
N TYR A 30 2.71 0.78 -8.41
CA TYR A 30 3.63 1.90 -8.29
C TYR A 30 4.95 1.59 -8.99
N GLY A 31 5.67 0.58 -8.49
CA GLY A 31 6.94 0.22 -9.08
C GLY A 31 6.80 -0.21 -10.53
N LYS A 32 5.59 -0.62 -10.91
CA LYS A 32 5.32 -1.05 -12.28
C LYS A 32 5.28 0.15 -13.23
N ALA A 33 4.65 1.23 -12.78
CA ALA A 33 4.53 2.43 -13.59
C ALA A 33 5.87 3.16 -13.70
N LEU A 34 6.72 2.97 -12.68
CA LEU A 34 8.03 3.60 -12.67
C LEU A 34 8.91 3.07 -13.80
N GLY A 35 8.70 1.81 -14.16
CA GLY A 35 9.47 1.21 -15.23
C GLY A 35 10.62 0.36 -14.71
N LYS A 36 10.48 -0.13 -13.49
CA LYS A 36 11.52 -0.95 -12.87
C LYS A 36 11.22 -2.43 -13.09
N SER A 37 12.10 -3.28 -12.57
CA SER A 37 11.93 -4.73 -12.70
C SER A 37 11.58 -5.36 -11.36
N THR A 38 11.06 -4.55 -10.45
CA THR A 38 10.68 -5.02 -9.13
C THR A 38 9.60 -4.14 -8.51
N VAL A 39 9.10 -4.54 -7.34
CA VAL A 39 8.08 -3.79 -6.65
C VAL A 39 8.69 -2.73 -5.74
N VAL A 40 7.99 -1.62 -5.57
CA VAL A 40 8.47 -0.54 -4.71
C VAL A 40 7.44 -0.21 -3.62
N PRO A 41 7.94 0.00 -2.40
CA PRO A 41 7.10 0.32 -1.24
C PRO A 41 6.49 1.72 -1.34
N VAL A 42 5.18 1.79 -1.52
CA VAL A 42 4.48 3.06 -1.63
C VAL A 42 4.47 3.79 -0.29
N PRO A 43 5.20 4.92 -0.22
CA PRO A 43 5.28 5.74 0.99
C PRO A 43 3.96 6.45 1.30
N TYR A 44 3.03 5.72 1.89
CA TYR A 44 1.73 6.28 2.24
C TYR A 44 1.89 7.57 3.05
N GLU A 45 2.74 7.52 4.07
CA GLU A 45 2.98 8.68 4.91
C GLU A 45 3.30 9.91 4.07
N LYS A 46 4.13 9.72 3.05
CA LYS A 46 4.53 10.81 2.17
C LYS A 46 3.39 11.18 1.23
N MET A 47 2.93 10.21 0.45
CA MET A 47 1.85 10.44 -0.50
C MET A 47 0.70 11.19 0.17
N LEU A 48 0.47 10.90 1.44
CA LEU A 48 -0.60 11.55 2.20
C LEU A 48 -0.47 13.07 2.12
N ARG A 49 0.75 13.56 2.25
CA ARG A 49 1.01 14.99 2.19
C ARG A 49 1.15 15.47 0.76
N ASP A 50 1.68 14.60 -0.10
CA ASP A 50 1.87 14.94 -1.51
C ASP A 50 1.32 13.84 -2.40
N GLN A 51 0.02 13.92 -2.71
CA GLN A 51 -0.63 12.92 -3.55
C GLN A 51 -0.35 13.19 -5.03
N SER A 52 0.29 14.32 -5.31
CA SER A 52 0.61 14.70 -6.68
C SER A 52 1.68 13.78 -7.25
N ALA A 53 2.83 13.72 -6.58
CA ALA A 53 3.93 12.87 -7.02
C ALA A 53 3.41 11.60 -7.68
N VAL A 54 2.33 11.06 -7.15
CA VAL A 54 1.73 9.84 -7.68
C VAL A 54 0.24 9.76 -7.36
N VAL A 55 -0.57 9.59 -8.39
CA VAL A 55 -2.02 9.50 -8.22
C VAL A 55 -2.48 8.04 -8.16
N VAL A 56 -3.71 7.84 -7.70
CA VAL A 56 -4.26 6.49 -7.60
C VAL A 56 -5.69 6.45 -8.11
N GLN A 57 -5.94 5.58 -9.10
CA GLN A 57 -7.27 5.44 -9.68
C GLN A 57 -7.84 4.04 -9.41
N GLY A 58 -9.13 3.88 -9.65
CA GLY A 58 -9.77 2.61 -9.44
C GLY A 58 -10.34 2.46 -8.03
N LEU A 59 -10.28 3.54 -7.26
CA LEU A 59 -10.79 3.54 -5.90
C LEU A 59 -12.31 3.70 -5.88
N PRO A 60 -12.94 3.16 -4.83
CA PRO A 60 -14.40 3.23 -4.68
C PRO A 60 -14.88 4.65 -4.36
N GLU A 61 -16.17 4.78 -4.09
CA GLU A 61 -16.76 6.08 -3.78
C GLU A 61 -16.57 6.42 -2.31
N GLY A 62 -16.73 7.70 -1.97
CA GLY A 62 -16.57 8.13 -0.59
C GLY A 62 -15.30 7.59 0.04
N VAL A 63 -14.32 7.26 -0.79
CA VAL A 63 -13.05 6.73 -0.31
C VAL A 63 -11.90 7.67 -0.63
N ALA A 64 -10.75 7.44 -0.01
CA ALA A 64 -9.57 8.27 -0.25
C ALA A 64 -8.30 7.46 -0.06
N PHE A 65 -7.42 7.53 -1.05
CA PHE A 65 -6.14 6.80 -1.00
C PHE A 65 -5.57 6.81 0.41
N LYS A 66 -5.23 5.63 0.92
CA LYS A 66 -4.67 5.50 2.26
C LYS A 66 -4.23 4.06 2.53
N HIS A 67 -3.59 3.85 3.68
CA HIS A 67 -3.13 2.52 4.05
C HIS A 67 -4.25 1.50 3.92
N PRO A 68 -3.89 0.28 3.45
CA PRO A 68 -4.85 -0.81 3.26
C PRO A 68 -5.36 -1.36 4.59
N GLU A 69 -4.86 -0.81 5.69
CA GLU A 69 -5.27 -1.26 7.01
C GLU A 69 -6.38 -0.35 7.57
N ASN A 70 -6.48 0.84 7.02
CA ASN A 70 -7.49 1.81 7.45
C ASN A 70 -8.87 1.46 6.87
N TYR A 71 -8.86 0.63 5.83
CA TYR A 71 -10.10 0.21 5.19
C TYR A 71 -10.75 -0.95 5.93
N ASP A 72 -12.07 -0.97 5.95
CA ASP A 72 -12.82 -2.02 6.64
C ASP A 72 -12.79 -3.31 5.82
N LEU A 73 -12.86 -4.45 6.51
CA LEU A 73 -12.84 -5.75 5.85
C LEU A 73 -13.66 -5.71 4.56
N ALA A 74 -14.89 -5.24 4.67
CA ALA A 74 -15.78 -5.15 3.51
C ALA A 74 -15.11 -4.39 2.37
N THR A 75 -14.70 -3.15 2.66
CA THR A 75 -14.05 -2.33 1.65
C THR A 75 -12.84 -3.03 1.04
N LEU A 76 -11.97 -3.54 1.90
CA LEU A 76 -10.78 -4.25 1.45
C LEU A 76 -11.11 -5.18 0.29
N LYS A 77 -12.04 -6.10 0.52
CA LYS A 77 -12.44 -7.05 -0.51
C LYS A 77 -12.69 -6.34 -1.84
N TRP A 78 -13.41 -5.24 -1.79
CA TRP A 78 -13.72 -4.47 -2.99
C TRP A 78 -12.46 -4.17 -3.79
N ILE A 79 -11.54 -3.44 -3.17
CA ILE A 79 -10.28 -3.08 -3.81
C ILE A 79 -9.72 -4.25 -4.62
N LEU A 80 -9.56 -5.39 -3.95
CA LEU A 80 -9.04 -6.59 -4.61
C LEU A 80 -9.93 -7.00 -5.77
N GLU A 81 -11.24 -6.89 -5.59
CA GLU A 81 -12.19 -7.24 -6.63
C GLU A 81 -11.98 -6.39 -7.88
N ASN A 82 -11.98 -5.07 -7.70
CA ASN A 82 -11.80 -4.15 -8.80
C ASN A 82 -10.36 -3.62 -8.84
N LYS A 83 -9.42 -4.47 -8.47
CA LYS A 83 -8.01 -4.09 -8.45
C LYS A 83 -7.43 -4.07 -9.86
N ALA A 84 -7.74 -5.10 -10.65
CA ALA A 84 -7.26 -5.20 -12.01
C ALA A 84 -7.37 -3.85 -12.73
N GLY A 85 -8.34 -3.05 -12.31
CA GLY A 85 -8.54 -1.75 -12.93
C GLY A 85 -7.69 -0.67 -12.29
N ILE A 86 -7.50 -0.77 -10.97
CA ILE A 86 -6.70 0.21 -10.23
C ILE A 86 -5.39 0.48 -10.94
N SER A 87 -5.16 1.74 -11.30
CA SER A 87 -3.94 2.14 -11.99
C SER A 87 -3.18 3.19 -11.18
N PHE A 88 -1.92 3.40 -11.54
CA PHE A 88 -1.09 4.38 -10.84
C PHE A 88 -0.38 5.29 -11.85
N ILE A 89 -0.61 6.59 -11.72
CA ILE A 89 0.01 7.57 -12.60
C ILE A 89 1.11 8.36 -11.89
N ILE A 90 2.35 8.10 -12.28
CA ILE A 90 3.50 8.79 -11.68
C ILE A 90 3.70 10.16 -12.31
N LYS A 91 3.48 11.20 -11.52
CA LYS A 91 3.65 12.57 -12.00
C LYS A 91 5.07 13.07 -11.72
N ARG A 92 5.68 12.55 -10.67
CA ARG A 92 7.04 12.94 -10.30
C ARG A 92 7.50 12.18 -9.06
N PRO A 93 8.78 11.78 -9.06
CA PRO A 93 9.37 11.03 -7.94
C PRO A 93 9.55 11.90 -6.70
N PHE A 94 9.50 11.27 -5.53
CA PHE A 94 9.66 11.98 -4.27
C PHE A 94 11.10 12.45 -4.09
N LEU A 95 11.27 13.77 -4.00
CA LEU A 95 12.60 14.35 -3.82
C LEU A 95 13.38 13.62 -2.74
N GLU A 96 14.46 12.95 -3.14
CA GLU A 96 15.28 12.20 -2.20
C GLU A 96 16.76 12.27 -2.61
N PRO A 97 17.64 12.13 -1.61
CA PRO A 97 19.09 12.19 -1.83
C PRO A 97 19.60 10.96 -2.58
N LYS A 98 20.74 11.11 -3.24
CA LYS A 98 21.34 10.02 -3.99
C LYS A 98 21.54 8.79 -3.11
N LYS A 99 21.78 7.64 -3.74
CA LYS A 99 21.99 6.39 -3.01
C LYS A 99 23.13 6.54 -2.01
N HIS A 100 23.23 5.59 -1.09
CA HIS A 100 24.28 5.61 -0.07
C HIS A 100 24.32 4.29 0.69
N VAL A 101 25.51 3.90 1.11
CA VAL A 101 25.70 2.65 1.85
C VAL A 101 25.34 2.83 3.32
N GLY A 102 24.44 1.99 3.82
CA GLY A 102 24.03 2.07 5.20
C GLY A 102 22.71 1.38 5.46
N GLY A 103 22.78 0.16 6.02
CA GLY A 103 21.57 -0.59 6.30
C GLY A 103 21.85 -1.86 7.08
N SER A 104 22.61 -1.73 8.17
CA SER A 104 22.96 -2.88 9.00
C SER A 104 23.64 -2.43 10.28
N GLY A 105 23.50 -3.24 11.33
CA GLY A 105 24.11 -2.91 12.61
C GLY A 105 23.13 -2.30 13.59
N PRO A 106 22.19 -3.13 14.06
CA PRO A 106 21.16 -2.69 15.01
C PRO A 106 21.73 -2.39 16.39
N SER A 107 21.16 -1.40 17.07
CA SER A 107 21.62 -1.01 18.39
C SER A 107 20.81 -1.70 19.48
N SER A 108 21.39 -2.74 20.07
CA SER A 108 20.72 -3.50 21.12
C SER A 108 20.14 -2.58 22.18
N GLY A 109 18.81 -2.53 22.25
CA GLY A 109 18.15 -1.68 23.23
C GLY A 109 17.39 -2.47 24.28
N GLY A 1 -12.64 -8.32 28.50
CA GLY A 1 -11.98 -7.21 27.85
C GLY A 1 -12.95 -6.12 27.44
N SER A 2 -12.63 -4.88 27.84
CA SER A 2 -13.49 -3.74 27.53
C SER A 2 -13.33 -3.34 26.07
N SER A 3 -14.32 -3.71 25.26
CA SER A 3 -14.29 -3.38 23.83
C SER A 3 -13.07 -4.00 23.16
N GLY A 4 -12.77 -5.24 23.52
CA GLY A 4 -11.62 -5.93 22.94
C GLY A 4 -11.53 -7.37 23.38
N SER A 5 -11.88 -8.29 22.48
CA SER A 5 -11.83 -9.72 22.79
C SER A 5 -10.54 -10.08 23.51
N SER A 6 -10.63 -11.02 24.43
CA SER A 6 -9.47 -11.46 25.20
C SER A 6 -8.90 -12.75 24.62
N GLY A 7 -8.82 -12.82 23.29
CA GLY A 7 -8.29 -14.01 22.65
C GLY A 7 -8.22 -13.86 21.14
N MET A 8 -7.66 -14.85 20.46
CA MET A 8 -7.52 -14.82 19.01
C MET A 8 -8.73 -15.50 18.34
N SER A 9 -9.16 -14.95 17.22
CA SER A 9 -10.29 -15.49 16.48
C SER A 9 -9.82 -16.34 15.30
N VAL A 10 -10.74 -17.13 14.75
CA VAL A 10 -10.43 -17.98 13.61
C VAL A 10 -10.36 -17.17 12.33
N ASP A 11 -11.22 -16.16 12.22
CA ASP A 11 -11.26 -15.31 11.04
C ASP A 11 -10.39 -14.08 11.22
N ALA A 12 -9.53 -14.12 12.24
CA ALA A 12 -8.64 -13.00 12.54
C ALA A 12 -7.44 -12.99 11.57
N VAL A 13 -6.89 -14.17 11.31
CA VAL A 13 -5.75 -14.29 10.41
C VAL A 13 -6.14 -13.92 8.98
N GLU A 14 -7.43 -13.79 8.74
CA GLU A 14 -7.93 -13.44 7.41
C GLU A 14 -7.85 -11.93 7.18
N ILE A 15 -8.47 -11.17 8.08
CA ILE A 15 -8.47 -9.72 7.98
C ILE A 15 -7.05 -9.18 7.83
N GLU A 16 -6.11 -9.81 8.51
CA GLU A 16 -4.71 -9.39 8.45
C GLU A 16 -4.09 -9.76 7.11
N THR A 17 -4.34 -10.99 6.66
CA THR A 17 -3.80 -11.46 5.39
C THR A 17 -4.27 -10.59 4.23
N LEU A 18 -5.51 -10.12 4.32
CA LEU A 18 -6.08 -9.28 3.28
C LEU A 18 -5.28 -7.99 3.12
N ARG A 19 -4.93 -7.37 4.24
CA ARG A 19 -4.15 -6.14 4.23
C ARG A 19 -2.82 -6.34 3.52
N LYS A 20 -2.23 -7.52 3.70
CA LYS A 20 -0.96 -7.84 3.07
C LYS A 20 -1.09 -7.94 1.55
N THR A 21 -2.14 -8.63 1.11
CA THR A 21 -2.39 -8.80 -0.31
C THR A 21 -2.48 -7.45 -1.03
N VAL A 22 -3.30 -6.56 -0.48
CA VAL A 22 -3.48 -5.23 -1.05
C VAL A 22 -2.20 -4.41 -0.95
N GLU A 23 -1.51 -4.53 0.18
CA GLU A 23 -0.27 -3.79 0.40
C GLU A 23 0.70 -4.03 -0.76
N ASP A 24 0.90 -5.29 -1.11
CA ASP A 24 1.80 -5.64 -2.21
C ASP A 24 1.33 -5.04 -3.52
N TYR A 25 0.04 -5.20 -3.81
CA TYR A 25 -0.53 -4.67 -5.05
C TYR A 25 -0.06 -3.25 -5.30
N PHE A 26 -0.40 -2.34 -4.38
CA PHE A 26 0.00 -0.94 -4.51
C PHE A 26 1.46 -0.82 -4.93
N CYS A 27 2.30 -1.65 -4.32
CA CYS A 27 3.73 -1.63 -4.62
C CYS A 27 3.99 -2.00 -6.08
N PHE A 28 3.27 -3.00 -6.57
CA PHE A 28 3.41 -3.44 -7.95
C PHE A 28 3.01 -2.33 -8.92
N CYS A 29 1.80 -1.83 -8.77
CA CYS A 29 1.29 -0.76 -9.64
C CYS A 29 2.20 0.45 -9.58
N TYR A 30 2.68 0.78 -8.39
CA TYR A 30 3.56 1.92 -8.21
C TYR A 30 4.91 1.70 -8.89
N GLY A 31 5.64 0.69 -8.44
CA GLY A 31 6.93 0.38 -9.02
C GLY A 31 6.83 0.03 -10.49
N LYS A 32 5.66 -0.42 -10.92
CA LYS A 32 5.44 -0.79 -12.31
C LYS A 32 5.39 0.46 -13.19
N ALA A 33 4.63 1.46 -12.76
CA ALA A 33 4.50 2.70 -13.51
C ALA A 33 5.83 3.44 -13.58
N LEU A 34 6.66 3.26 -12.56
CA LEU A 34 7.97 3.91 -12.51
C LEU A 34 8.85 3.46 -13.66
N GLY A 35 8.71 2.20 -14.07
CA GLY A 35 9.50 1.67 -15.16
C GLY A 35 10.70 0.88 -14.68
N LYS A 36 10.62 0.37 -13.45
CA LYS A 36 11.71 -0.41 -12.88
C LYS A 36 11.49 -1.90 -13.12
N SER A 37 12.41 -2.72 -12.64
CA SER A 37 12.33 -4.17 -12.80
C SER A 37 12.02 -4.85 -11.47
N THR A 38 11.48 -4.06 -10.53
CA THR A 38 11.13 -4.59 -9.21
C THR A 38 10.06 -3.75 -8.54
N VAL A 39 9.36 -4.34 -7.57
CA VAL A 39 8.31 -3.64 -6.85
C VAL A 39 8.88 -2.52 -5.98
N VAL A 40 8.05 -1.52 -5.70
CA VAL A 40 8.47 -0.39 -4.88
C VAL A 40 7.45 -0.10 -3.78
N PRO A 41 7.95 0.05 -2.54
CA PRO A 41 7.10 0.33 -1.38
C PRO A 41 6.51 1.73 -1.42
N VAL A 42 5.20 1.81 -1.64
CA VAL A 42 4.50 3.09 -1.70
C VAL A 42 4.61 3.83 -0.38
N PRO A 43 5.29 4.99 -0.41
CA PRO A 43 5.48 5.83 0.78
C PRO A 43 4.18 6.48 1.24
N TYR A 44 3.35 5.71 1.92
CA TYR A 44 2.07 6.22 2.42
C TYR A 44 2.26 7.54 3.15
N GLU A 45 3.17 7.56 4.12
CA GLU A 45 3.44 8.77 4.89
C GLU A 45 3.57 9.98 3.98
N LYS A 46 4.45 9.87 2.99
CA LYS A 46 4.68 10.96 2.04
C LYS A 46 3.45 11.19 1.17
N MET A 47 3.06 10.16 0.42
CA MET A 47 1.90 10.26 -0.45
C MET A 47 0.74 10.96 0.25
N LEU A 48 0.57 10.67 1.54
CA LEU A 48 -0.49 11.28 2.33
C LEU A 48 -0.42 12.81 2.26
N ARG A 49 0.77 13.35 2.48
CA ARG A 49 0.97 14.79 2.44
C ARG A 49 1.11 15.28 1.00
N ASP A 50 1.57 14.39 0.13
CA ASP A 50 1.75 14.73 -1.28
C ASP A 50 1.18 13.63 -2.18
N GLN A 51 -0.10 13.75 -2.49
CA GLN A 51 -0.77 12.77 -3.35
C GLN A 51 -0.53 13.08 -4.82
N SER A 52 -0.32 14.35 -5.13
CA SER A 52 -0.10 14.79 -6.50
C SER A 52 1.00 13.93 -7.16
N ALA A 53 2.17 13.90 -6.53
CA ALA A 53 3.29 13.13 -7.06
C ALA A 53 2.81 11.87 -7.75
N VAL A 54 1.85 11.18 -7.14
CA VAL A 54 1.30 9.96 -7.71
C VAL A 54 -0.20 9.84 -7.43
N VAL A 55 -0.99 9.72 -8.49
CA VAL A 55 -2.44 9.60 -8.36
C VAL A 55 -2.88 8.14 -8.44
N VAL A 56 -3.87 7.78 -7.63
CA VAL A 56 -4.37 6.42 -7.61
C VAL A 56 -5.78 6.36 -8.17
N GLN A 57 -5.99 5.50 -9.17
CA GLN A 57 -7.28 5.34 -9.80
C GLN A 57 -7.83 3.93 -9.59
N GLY A 58 -9.14 3.77 -9.80
CA GLY A 58 -9.75 2.47 -9.63
C GLY A 58 -10.25 2.24 -8.22
N LEU A 59 -10.45 3.32 -7.48
CA LEU A 59 -10.92 3.24 -6.11
C LEU A 59 -12.44 3.34 -6.04
N PRO A 60 -13.02 2.79 -4.97
CA PRO A 60 -14.47 2.79 -4.76
C PRO A 60 -15.01 4.20 -4.47
N GLU A 61 -16.25 4.25 -3.99
CA GLU A 61 -16.88 5.53 -3.66
C GLU A 61 -16.55 5.94 -2.23
N GLY A 62 -16.84 7.20 -1.90
CA GLY A 62 -16.57 7.71 -0.57
C GLY A 62 -15.29 7.15 0.01
N VAL A 63 -14.30 6.91 -0.85
CA VAL A 63 -13.02 6.38 -0.41
C VAL A 63 -11.88 7.32 -0.77
N ALA A 64 -10.83 7.32 0.05
CA ALA A 64 -9.67 8.17 -0.18
C ALA A 64 -8.37 7.39 -0.02
N PHE A 65 -7.55 7.41 -1.08
CA PHE A 65 -6.28 6.71 -1.06
C PHE A 65 -5.66 6.72 0.34
N LYS A 66 -5.41 5.54 0.89
CA LYS A 66 -4.83 5.41 2.22
C LYS A 66 -4.45 3.97 2.51
N HIS A 67 -3.65 3.78 3.56
CA HIS A 67 -3.21 2.44 3.94
C HIS A 67 -4.35 1.43 3.80
N PRO A 68 -4.01 0.22 3.34
CA PRO A 68 -4.98 -0.86 3.15
C PRO A 68 -5.52 -1.40 4.46
N GLU A 69 -4.92 -0.96 5.57
CA GLU A 69 -5.34 -1.41 6.89
C GLU A 69 -6.46 -0.51 7.44
N ASN A 70 -6.55 0.69 6.89
CA ASN A 70 -7.58 1.63 7.32
C ASN A 70 -8.92 1.33 6.65
N TYR A 71 -8.88 0.52 5.60
CA TYR A 71 -10.08 0.16 4.88
C TYR A 71 -10.80 -1.02 5.55
N ASP A 72 -12.07 -0.81 5.91
CA ASP A 72 -12.85 -1.85 6.57
C ASP A 72 -12.78 -3.16 5.78
N LEU A 73 -12.78 -4.27 6.51
CA LEU A 73 -12.71 -5.59 5.88
C LEU A 73 -13.51 -5.63 4.59
N ALA A 74 -14.76 -5.15 4.66
CA ALA A 74 -15.63 -5.12 3.50
C ALA A 74 -14.99 -4.36 2.35
N THR A 75 -14.47 -3.17 2.64
CA THR A 75 -13.84 -2.34 1.64
C THR A 75 -12.63 -3.04 1.02
N LEU A 76 -11.78 -3.60 1.88
CA LEU A 76 -10.59 -4.30 1.42
C LEU A 76 -10.93 -5.29 0.31
N LYS A 77 -11.89 -6.17 0.58
CA LYS A 77 -12.31 -7.17 -0.40
C LYS A 77 -12.58 -6.52 -1.75
N TRP A 78 -13.26 -5.37 -1.73
CA TRP A 78 -13.57 -4.65 -2.96
C TRP A 78 -12.31 -4.34 -3.75
N ILE A 79 -11.38 -3.63 -3.11
CA ILE A 79 -10.12 -3.25 -3.75
C ILE A 79 -9.53 -4.44 -4.52
N LEU A 80 -9.40 -5.57 -3.84
CA LEU A 80 -8.85 -6.77 -4.47
C LEU A 80 -9.71 -7.22 -5.64
N GLU A 81 -11.02 -7.05 -5.51
CA GLU A 81 -11.96 -7.42 -6.56
C GLU A 81 -11.72 -6.59 -7.82
N ASN A 82 -11.73 -5.27 -7.66
CA ASN A 82 -11.53 -4.36 -8.78
C ASN A 82 -10.10 -3.83 -8.79
N LYS A 83 -9.14 -4.67 -8.39
CA LYS A 83 -7.74 -4.28 -8.35
C LYS A 83 -7.15 -4.26 -9.75
N ALA A 84 -7.37 -5.33 -10.51
CA ALA A 84 -6.86 -5.43 -11.87
C ALA A 84 -7.01 -4.10 -12.61
N GLY A 85 -8.04 -3.35 -12.25
CA GLY A 85 -8.28 -2.07 -12.90
C GLY A 85 -7.46 -0.95 -12.29
N ILE A 86 -7.36 -0.95 -10.96
CA ILE A 86 -6.60 0.07 -10.25
C ILE A 86 -5.31 0.40 -10.99
N SER A 87 -5.11 1.68 -11.30
CA SER A 87 -3.91 2.11 -12.01
C SER A 87 -3.15 3.16 -11.19
N PHE A 88 -1.94 3.49 -11.64
CA PHE A 88 -1.12 4.47 -10.95
C PHE A 88 -0.53 5.48 -11.94
N ILE A 89 -0.94 6.74 -11.79
CA ILE A 89 -0.46 7.80 -12.67
C ILE A 89 0.63 8.62 -11.99
N ILE A 90 1.88 8.24 -12.24
CA ILE A 90 3.02 8.94 -11.65
C ILE A 90 3.21 10.31 -12.30
N LYS A 91 2.99 11.37 -11.53
CA LYS A 91 3.14 12.72 -12.03
C LYS A 91 4.57 13.21 -11.86
N ARG A 92 5.23 12.74 -10.81
CA ARG A 92 6.61 13.12 -10.53
C ARG A 92 7.13 12.42 -9.28
N PRO A 93 8.38 11.94 -9.35
CA PRO A 93 9.02 11.24 -8.22
C PRO A 93 9.34 12.18 -7.06
N PHE A 94 9.02 11.76 -5.86
CA PHE A 94 9.28 12.57 -4.67
C PHE A 94 10.73 13.02 -4.63
N LEU A 95 11.10 13.68 -3.54
CA LEU A 95 12.47 14.17 -3.38
C LEU A 95 13.32 13.16 -2.62
N GLU A 96 12.83 11.93 -2.52
CA GLU A 96 13.55 10.87 -1.83
C GLU A 96 14.59 10.22 -2.74
N PRO A 97 15.87 10.38 -2.38
CA PRO A 97 16.98 9.82 -3.15
C PRO A 97 17.04 8.30 -3.08
N LYS A 98 17.83 7.69 -3.96
CA LYS A 98 17.97 6.24 -4.00
C LYS A 98 19.39 5.83 -3.63
N LYS A 99 20.15 6.76 -3.09
CA LYS A 99 21.53 6.49 -2.69
C LYS A 99 21.58 5.90 -1.28
N HIS A 100 22.79 5.63 -0.80
CA HIS A 100 22.98 5.06 0.53
C HIS A 100 24.46 4.96 0.88
N VAL A 101 24.74 4.53 2.10
CA VAL A 101 26.13 4.40 2.56
C VAL A 101 26.21 3.48 3.78
N GLY A 102 26.99 2.41 3.65
CA GLY A 102 27.15 1.47 4.75
C GLY A 102 27.10 0.03 4.30
N GLY A 103 27.37 -0.89 5.22
CA GLY A 103 27.36 -2.30 4.88
C GLY A 103 26.17 -3.03 5.49
N SER A 104 25.57 -3.93 4.72
CA SER A 104 24.41 -4.69 5.18
C SER A 104 24.85 -5.86 6.08
N GLY A 105 25.69 -6.73 5.52
CA GLY A 105 26.16 -7.87 6.27
C GLY A 105 26.79 -8.94 5.39
N PRO A 106 27.79 -9.64 5.92
CA PRO A 106 28.49 -10.70 5.19
C PRO A 106 27.62 -11.93 4.96
N SER A 107 26.37 -11.86 5.42
CA SER A 107 25.43 -12.96 5.28
C SER A 107 24.23 -12.54 4.44
N SER A 108 23.72 -13.48 3.64
CA SER A 108 22.57 -13.21 2.79
C SER A 108 21.96 -14.50 2.26
N GLY A 109 20.73 -14.42 1.77
CA GLY A 109 20.07 -15.59 1.24
C GLY A 109 20.31 -15.78 -0.25
N GLY A 1 -21.00 -1.64 8.30
CA GLY A 1 -20.32 -1.45 9.57
C GLY A 1 -18.90 -1.98 9.54
N SER A 2 -18.46 -2.54 10.67
CA SER A 2 -17.11 -3.09 10.77
C SER A 2 -17.10 -4.35 11.62
N SER A 3 -16.28 -5.32 11.24
CA SER A 3 -16.18 -6.58 11.96
C SER A 3 -14.97 -6.57 12.90
N GLY A 4 -14.77 -5.44 13.59
CA GLY A 4 -13.65 -5.33 14.51
C GLY A 4 -14.07 -5.49 15.95
N SER A 5 -13.57 -6.54 16.60
CA SER A 5 -13.90 -6.81 18.00
C SER A 5 -12.67 -7.24 18.78
N SER A 6 -12.69 -6.99 20.08
CA SER A 6 -11.57 -7.35 20.94
C SER A 6 -11.43 -8.85 21.06
N GLY A 7 -10.19 -9.35 20.94
CA GLY A 7 -9.95 -10.77 21.04
C GLY A 7 -9.68 -11.40 19.69
N MET A 8 -8.86 -12.45 19.68
CA MET A 8 -8.53 -13.15 18.44
C MET A 8 -9.68 -14.03 17.99
N SER A 9 -9.69 -14.37 16.70
CA SER A 9 -10.74 -15.21 16.13
C SER A 9 -10.22 -16.00 14.94
N VAL A 10 -11.06 -16.88 14.40
CA VAL A 10 -10.70 -17.69 13.26
C VAL A 10 -10.54 -16.84 12.00
N ASP A 11 -11.42 -15.86 11.84
CA ASP A 11 -11.38 -14.97 10.69
C ASP A 11 -10.42 -13.81 10.94
N ALA A 12 -9.89 -13.74 12.15
CA ALA A 12 -8.96 -12.67 12.51
C ALA A 12 -7.76 -12.64 11.56
N VAL A 13 -7.13 -13.80 11.39
CA VAL A 13 -5.97 -13.92 10.51
C VAL A 13 -6.32 -13.56 9.08
N GLU A 14 -7.60 -13.71 8.74
CA GLU A 14 -8.07 -13.39 7.39
C GLU A 14 -7.95 -11.90 7.11
N ILE A 15 -8.46 -11.09 8.02
CA ILE A 15 -8.42 -9.63 7.86
C ILE A 15 -6.99 -9.15 7.70
N GLU A 16 -6.05 -9.83 8.36
CA GLU A 16 -4.64 -9.47 8.28
C GLU A 16 -4.04 -9.90 6.95
N THR A 17 -4.42 -11.09 6.49
CA THR A 17 -3.91 -11.62 5.23
C THR A 17 -4.38 -10.77 4.06
N LEU A 18 -5.62 -10.28 4.13
CA LEU A 18 -6.19 -9.46 3.07
C LEU A 18 -5.42 -8.15 2.94
N ARG A 19 -4.98 -7.60 4.07
CA ARG A 19 -4.24 -6.34 4.08
C ARG A 19 -2.88 -6.51 3.41
N LYS A 20 -2.27 -7.67 3.62
CA LYS A 20 -0.96 -7.96 3.03
C LYS A 20 -1.04 -7.96 1.51
N THR A 21 -2.02 -8.68 0.97
CA THR A 21 -2.21 -8.76 -0.48
C THR A 21 -2.35 -7.37 -1.09
N VAL A 22 -3.18 -6.54 -0.48
CA VAL A 22 -3.41 -5.18 -0.96
C VAL A 22 -2.16 -4.34 -0.81
N GLU A 23 -1.40 -4.57 0.25
CA GLU A 23 -0.17 -3.82 0.50
C GLU A 23 0.83 -4.03 -0.63
N ASP A 24 0.98 -5.28 -1.05
CA ASP A 24 1.91 -5.62 -2.12
C ASP A 24 1.43 -5.04 -3.45
N TYR A 25 0.16 -5.22 -3.75
CA TYR A 25 -0.43 -4.72 -4.99
C TYR A 25 0.00 -3.28 -5.24
N PHE A 26 -0.41 -2.38 -4.34
CA PHE A 26 -0.07 -0.97 -4.47
C PHE A 26 1.39 -0.80 -4.91
N CYS A 27 2.25 -1.66 -4.41
CA CYS A 27 3.67 -1.61 -4.75
C CYS A 27 3.90 -1.97 -6.21
N PHE A 28 3.21 -3.02 -6.66
CA PHE A 28 3.34 -3.48 -8.04
C PHE A 28 2.95 -2.38 -9.02
N CYS A 29 1.79 -1.76 -8.79
CA CYS A 29 1.31 -0.70 -9.66
C CYS A 29 2.25 0.51 -9.62
N TYR A 30 2.70 0.86 -8.42
CA TYR A 30 3.59 1.99 -8.24
C TYR A 30 4.92 1.75 -8.97
N GLY A 31 5.60 0.68 -8.61
CA GLY A 31 6.87 0.35 -9.23
C GLY A 31 6.73 0.08 -10.71
N LYS A 32 5.59 -0.48 -11.11
CA LYS A 32 5.33 -0.79 -12.51
C LYS A 32 5.25 0.48 -13.34
N ALA A 33 4.54 1.47 -12.83
CA ALA A 33 4.38 2.74 -13.53
C ALA A 33 5.71 3.48 -13.63
N LEU A 34 6.57 3.28 -12.64
CA LEU A 34 7.88 3.92 -12.61
C LEU A 34 8.73 3.46 -13.79
N GLY A 35 8.57 2.19 -14.17
CA GLY A 35 9.33 1.65 -15.29
C GLY A 35 10.55 0.88 -14.82
N LYS A 36 10.50 0.37 -13.60
CA LYS A 36 11.60 -0.40 -13.04
C LYS A 36 11.41 -1.90 -13.29
N SER A 37 12.37 -2.70 -12.83
CA SER A 37 12.31 -4.14 -13.00
C SER A 37 12.00 -4.84 -11.68
N THR A 38 11.45 -4.09 -10.74
CA THR A 38 11.11 -4.63 -9.43
C THR A 38 9.98 -3.83 -8.79
N VAL A 39 9.38 -4.41 -7.75
CA VAL A 39 8.28 -3.75 -7.04
C VAL A 39 8.80 -2.68 -6.10
N VAL A 40 8.04 -1.60 -5.95
CA VAL A 40 8.42 -0.50 -5.07
C VAL A 40 7.33 -0.22 -4.04
N PRO A 41 7.74 -0.08 -2.78
CA PRO A 41 6.82 0.20 -1.67
C PRO A 41 6.24 1.62 -1.75
N VAL A 42 4.91 1.70 -1.80
CA VAL A 42 4.23 2.99 -1.87
C VAL A 42 4.39 3.77 -0.57
N PRO A 43 5.16 4.87 -0.63
CA PRO A 43 5.40 5.72 0.53
C PRO A 43 4.15 6.49 0.97
N TYR A 44 3.27 5.80 1.70
CA TYR A 44 2.05 6.41 2.18
C TYR A 44 2.31 7.80 2.76
N GLU A 45 2.92 7.82 3.94
CA GLU A 45 3.23 9.07 4.61
C GLU A 45 3.51 10.18 3.60
N LYS A 46 4.43 9.92 2.68
CA LYS A 46 4.79 10.89 1.65
C LYS A 46 3.60 11.20 0.75
N MET A 47 2.86 10.16 0.38
CA MET A 47 1.69 10.32 -0.48
C MET A 47 0.60 11.10 0.24
N LEU A 48 0.16 10.58 1.39
CA LEU A 48 -0.88 11.22 2.17
C LEU A 48 -0.66 12.73 2.24
N ARG A 49 0.61 13.14 2.29
CA ARG A 49 0.96 14.54 2.35
C ARG A 49 1.17 15.12 0.96
N ASP A 50 1.60 14.27 0.03
CA ASP A 50 1.84 14.70 -1.34
C ASP A 50 1.25 13.70 -2.33
N GLN A 51 -0.07 13.73 -2.47
CA GLN A 51 -0.77 12.83 -3.38
C GLN A 51 -0.36 13.09 -4.82
N SER A 52 -0.29 14.37 -5.19
CA SER A 52 0.09 14.76 -6.55
C SER A 52 1.22 13.87 -7.07
N ALA A 53 2.36 13.92 -6.39
CA ALA A 53 3.51 13.12 -6.79
C ALA A 53 3.09 11.82 -7.43
N VAL A 54 2.01 11.24 -6.90
CA VAL A 54 1.50 9.97 -7.43
C VAL A 54 0.01 9.82 -7.13
N VAL A 55 -0.81 9.71 -8.18
CA VAL A 55 -2.24 9.55 -8.02
C VAL A 55 -2.66 8.09 -8.13
N VAL A 56 -3.82 7.76 -7.57
CA VAL A 56 -4.32 6.40 -7.59
C VAL A 56 -5.74 6.36 -8.16
N GLN A 57 -5.92 5.59 -9.23
CA GLN A 57 -7.22 5.46 -9.86
C GLN A 57 -7.75 4.03 -9.74
N GLY A 58 -9.08 3.90 -9.76
CA GLY A 58 -9.69 2.58 -9.64
C GLY A 58 -10.22 2.32 -8.25
N LEU A 59 -10.35 3.37 -7.46
CA LEU A 59 -10.86 3.25 -6.09
C LEU A 59 -12.38 3.39 -6.06
N PRO A 60 -13.00 2.85 -5.01
CA PRO A 60 -14.46 2.90 -4.83
C PRO A 60 -14.94 4.31 -4.52
N GLU A 61 -16.21 4.41 -4.10
CA GLU A 61 -16.80 5.71 -3.79
C GLU A 61 -16.54 6.08 -2.33
N GLY A 62 -16.76 7.34 -2.00
CA GLY A 62 -16.54 7.82 -0.64
C GLY A 62 -15.27 7.25 -0.03
N VAL A 63 -14.29 6.96 -0.87
CA VAL A 63 -13.02 6.41 -0.41
C VAL A 63 -11.86 7.33 -0.73
N ALA A 64 -10.81 7.27 0.07
CA ALA A 64 -9.62 8.10 -0.14
C ALA A 64 -8.34 7.30 0.07
N PHE A 65 -7.49 7.28 -0.94
CA PHE A 65 -6.23 6.55 -0.87
C PHE A 65 -5.67 6.59 0.55
N LYS A 66 -5.37 5.41 1.09
CA LYS A 66 -4.82 5.30 2.43
C LYS A 66 -4.41 3.87 2.73
N HIS A 67 -3.65 3.69 3.82
CA HIS A 67 -3.19 2.36 4.21
C HIS A 67 -4.31 1.34 4.09
N PRO A 68 -3.95 0.13 3.64
CA PRO A 68 -4.91 -0.97 3.46
C PRO A 68 -5.43 -1.51 4.78
N GLU A 69 -4.85 -1.03 5.88
CA GLU A 69 -5.26 -1.47 7.22
C GLU A 69 -6.38 -0.58 7.76
N ASN A 70 -6.55 0.59 7.14
CA ASN A 70 -7.58 1.54 7.56
C ASN A 70 -8.91 1.20 6.89
N TYR A 71 -8.87 0.36 5.88
CA TYR A 71 -10.07 -0.03 5.15
C TYR A 71 -10.77 -1.21 5.84
N ASP A 72 -12.06 -1.05 6.10
CA ASP A 72 -12.84 -2.10 6.74
C ASP A 72 -12.75 -3.41 5.97
N LEU A 73 -12.69 -4.51 6.69
CA LEU A 73 -12.60 -5.83 6.07
C LEU A 73 -13.42 -5.88 4.79
N ALA A 74 -14.65 -5.38 4.86
CA ALA A 74 -15.54 -5.37 3.70
C ALA A 74 -14.92 -4.61 2.55
N THR A 75 -14.39 -3.42 2.83
CA THR A 75 -13.76 -2.59 1.81
C THR A 75 -12.52 -3.27 1.24
N LEU A 76 -11.66 -3.76 2.13
CA LEU A 76 -10.44 -4.43 1.71
C LEU A 76 -10.71 -5.42 0.58
N LYS A 77 -11.69 -6.28 0.78
CA LYS A 77 -12.06 -7.27 -0.22
C LYS A 77 -12.33 -6.61 -1.57
N TRP A 78 -13.10 -5.53 -1.54
CA TRP A 78 -13.44 -4.81 -2.76
C TRP A 78 -12.18 -4.46 -3.55
N ILE A 79 -11.30 -3.66 -2.94
CA ILE A 79 -10.06 -3.26 -3.59
C ILE A 79 -9.45 -4.41 -4.38
N LEU A 80 -9.27 -5.55 -3.71
CA LEU A 80 -8.70 -6.73 -4.35
C LEU A 80 -9.57 -7.20 -5.51
N GLU A 81 -10.89 -7.09 -5.34
CA GLU A 81 -11.83 -7.51 -6.38
C GLU A 81 -11.66 -6.66 -7.63
N ASN A 82 -11.72 -5.34 -7.47
CA ASN A 82 -11.57 -4.42 -8.59
C ASN A 82 -10.15 -3.85 -8.64
N LYS A 83 -9.18 -4.68 -8.32
CA LYS A 83 -7.78 -4.27 -8.34
C LYS A 83 -7.23 -4.27 -9.76
N ALA A 84 -7.43 -5.37 -10.48
CA ALA A 84 -6.95 -5.50 -11.85
C ALA A 84 -7.07 -4.18 -12.59
N GLY A 85 -8.08 -3.39 -12.23
CA GLY A 85 -8.28 -2.10 -12.87
C GLY A 85 -7.47 -0.99 -12.22
N ILE A 86 -7.36 -1.05 -10.90
CA ILE A 86 -6.60 -0.04 -10.16
C ILE A 86 -5.30 0.32 -10.87
N SER A 87 -5.09 1.60 -11.10
CA SER A 87 -3.89 2.08 -11.78
C SER A 87 -3.19 3.16 -10.96
N PHE A 88 -1.94 3.46 -11.32
CA PHE A 88 -1.18 4.48 -10.62
C PHE A 88 -0.52 5.44 -11.61
N ILE A 89 -0.83 6.73 -11.47
CA ILE A 89 -0.28 7.75 -12.36
C ILE A 89 0.81 8.55 -11.64
N ILE A 90 2.05 8.36 -12.08
CA ILE A 90 3.17 9.07 -11.49
C ILE A 90 3.32 10.46 -12.10
N LYS A 91 3.08 11.48 -11.28
CA LYS A 91 3.20 12.86 -11.72
C LYS A 91 4.60 13.40 -11.47
N ARG A 92 5.29 12.83 -10.49
CA ARG A 92 6.64 13.26 -10.14
C ARG A 92 7.20 12.42 -9.00
N PRO A 93 8.49 12.06 -9.10
CA PRO A 93 9.16 11.26 -8.08
C PRO A 93 9.39 12.03 -6.78
N PHE A 94 9.05 11.40 -5.66
CA PHE A 94 9.21 12.03 -4.35
C PHE A 94 10.61 12.58 -4.19
N LEU A 95 10.71 13.82 -3.72
CA LEU A 95 12.00 14.47 -3.51
C LEU A 95 12.39 14.43 -2.04
N GLU A 96 13.57 13.87 -1.76
CA GLU A 96 14.06 13.77 -0.39
C GLU A 96 15.58 13.88 -0.36
N PRO A 97 16.10 14.45 0.75
CA PRO A 97 17.54 14.63 0.93
C PRO A 97 18.27 13.31 1.14
N LYS A 98 19.51 13.23 0.65
CA LYS A 98 20.31 12.03 0.79
C LYS A 98 21.01 11.97 2.15
N LYS A 99 21.50 10.80 2.52
CA LYS A 99 22.19 10.63 3.79
C LYS A 99 23.58 10.03 3.57
N HIS A 100 24.40 10.06 4.62
CA HIS A 100 25.75 9.52 4.55
C HIS A 100 25.88 8.26 5.38
N VAL A 101 26.57 7.25 4.85
CA VAL A 101 26.76 5.99 5.55
C VAL A 101 28.21 5.83 6.00
N GLY A 102 28.47 6.19 7.25
CA GLY A 102 29.82 6.09 7.79
C GLY A 102 29.88 5.18 9.00
N GLY A 103 29.65 3.89 8.79
CA GLY A 103 29.70 2.93 9.89
C GLY A 103 29.02 1.62 9.54
N SER A 104 29.48 0.54 10.16
CA SER A 104 28.91 -0.78 9.91
C SER A 104 28.07 -1.24 11.09
N GLY A 105 27.40 -2.37 10.92
CA GLY A 105 26.56 -2.90 11.99
C GLY A 105 25.51 -3.87 11.47
N PRO A 106 25.88 -5.15 11.34
CA PRO A 106 24.97 -6.19 10.86
C PRO A 106 23.86 -6.51 11.85
N SER A 107 22.64 -6.61 11.35
CA SER A 107 21.49 -6.91 12.21
C SER A 107 21.71 -8.21 12.99
N SER A 108 22.12 -8.08 14.25
CA SER A 108 22.37 -9.24 15.09
C SER A 108 21.97 -8.96 16.54
N GLY A 109 21.52 -9.99 17.23
CA GLY A 109 21.11 -9.83 18.62
C GLY A 109 20.90 -11.16 19.32
N GLY A 1 -20.75 -12.22 4.63
CA GLY A 1 -19.38 -11.85 4.96
C GLY A 1 -18.79 -12.71 6.05
N SER A 2 -17.83 -12.16 6.79
CA SER A 2 -17.18 -12.89 7.86
C SER A 2 -17.36 -12.17 9.19
N SER A 3 -17.31 -12.92 10.28
CA SER A 3 -17.47 -12.36 11.62
C SER A 3 -16.11 -12.00 12.22
N GLY A 4 -15.86 -10.71 12.37
CA GLY A 4 -14.60 -10.25 12.94
C GLY A 4 -14.55 -10.46 14.44
N SER A 5 -13.90 -11.56 14.86
CA SER A 5 -13.77 -11.87 16.28
C SER A 5 -12.41 -11.43 16.81
N SER A 6 -12.43 -10.45 17.71
CA SER A 6 -11.20 -9.94 18.30
C SER A 6 -10.52 -11.00 19.15
N GLY A 7 -9.19 -10.89 19.27
CA GLY A 7 -8.45 -11.85 20.05
C GLY A 7 -7.81 -12.93 19.21
N MET A 8 -6.91 -12.53 18.32
CA MET A 8 -6.22 -13.47 17.44
C MET A 8 -7.13 -14.63 17.08
N SER A 9 -8.42 -14.34 16.89
CA SER A 9 -9.40 -15.36 16.55
C SER A 9 -8.97 -16.13 15.30
N VAL A 10 -9.67 -17.23 15.02
CA VAL A 10 -9.36 -18.04 13.85
C VAL A 10 -9.55 -17.26 12.56
N ASP A 11 -10.62 -16.46 12.52
CA ASP A 11 -10.92 -15.66 11.34
C ASP A 11 -10.15 -14.34 11.37
N ALA A 12 -9.37 -14.14 12.43
CA ALA A 12 -8.58 -12.92 12.58
C ALA A 12 -7.49 -12.84 11.52
N VAL A 13 -6.74 -13.94 11.36
CA VAL A 13 -5.67 -13.99 10.37
C VAL A 13 -6.16 -13.58 9.00
N GLU A 14 -7.45 -13.81 8.74
CA GLU A 14 -8.04 -13.47 7.45
C GLU A 14 -7.95 -11.96 7.20
N ILE A 15 -8.57 -11.18 8.08
CA ILE A 15 -8.56 -9.73 7.95
C ILE A 15 -7.14 -9.21 7.73
N GLU A 16 -6.17 -9.83 8.39
CA GLU A 16 -4.78 -9.43 8.27
C GLU A 16 -4.22 -9.83 6.91
N THR A 17 -4.56 -11.03 6.47
CA THR A 17 -4.08 -11.55 5.19
C THR A 17 -4.63 -10.71 4.03
N LEU A 18 -5.89 -10.28 4.15
CA LEU A 18 -6.52 -9.48 3.12
C LEU A 18 -5.78 -8.16 2.92
N ARG A 19 -5.26 -7.61 4.01
CA ARG A 19 -4.51 -6.36 3.95
C ARG A 19 -3.16 -6.56 3.28
N LYS A 20 -2.49 -7.65 3.62
CA LYS A 20 -1.18 -7.97 3.05
C LYS A 20 -1.26 -8.04 1.53
N THR A 21 -2.34 -8.63 1.02
CA THR A 21 -2.53 -8.76 -0.42
C THR A 21 -2.64 -7.40 -1.08
N VAL A 22 -3.42 -6.50 -0.47
CA VAL A 22 -3.61 -5.16 -1.01
C VAL A 22 -2.35 -4.32 -0.87
N GLU A 23 -1.59 -4.58 0.19
CA GLU A 23 -0.35 -3.85 0.44
C GLU A 23 0.66 -4.09 -0.68
N ASP A 24 0.73 -5.34 -1.14
CA ASP A 24 1.65 -5.70 -2.21
C ASP A 24 1.23 -5.07 -3.54
N TYR A 25 -0.06 -5.17 -3.85
CA TYR A 25 -0.58 -4.61 -5.09
C TYR A 25 -0.10 -3.17 -5.28
N PHE A 26 -0.49 -2.30 -4.36
CA PHE A 26 -0.11 -0.90 -4.44
C PHE A 26 1.35 -0.75 -4.83
N CYS A 27 2.19 -1.65 -4.32
CA CYS A 27 3.62 -1.63 -4.63
C CYS A 27 3.87 -1.98 -6.08
N PHE A 28 3.18 -3.00 -6.57
CA PHE A 28 3.33 -3.44 -7.95
C PHE A 28 2.97 -2.32 -8.93
N CYS A 29 1.78 -1.75 -8.74
CA CYS A 29 1.32 -0.65 -9.60
C CYS A 29 2.30 0.52 -9.57
N TYR A 30 2.78 0.86 -8.38
CA TYR A 30 3.71 1.96 -8.23
C TYR A 30 5.03 1.67 -8.94
N GLY A 31 5.70 0.60 -8.51
CA GLY A 31 6.97 0.23 -9.11
C GLY A 31 6.83 -0.10 -10.59
N LYS A 32 5.64 -0.55 -10.99
CA LYS A 32 5.38 -0.90 -12.38
C LYS A 32 5.31 0.37 -13.24
N ALA A 33 4.65 1.39 -12.74
CA ALA A 33 4.52 2.65 -13.47
C ALA A 33 5.85 3.38 -13.55
N LEU A 34 6.74 3.09 -12.60
CA LEU A 34 8.06 3.72 -12.56
C LEU A 34 8.94 3.20 -13.68
N GLY A 35 8.70 1.97 -14.10
CA GLY A 35 9.48 1.37 -15.18
C GLY A 35 10.66 0.58 -14.65
N LYS A 36 10.56 0.12 -13.41
CA LYS A 36 11.63 -0.66 -12.80
C LYS A 36 11.41 -2.15 -13.02
N SER A 37 12.32 -2.97 -12.50
CA SER A 37 12.22 -4.41 -12.64
C SER A 37 11.89 -5.07 -11.30
N THR A 38 11.36 -4.27 -10.37
CA THR A 38 10.99 -4.76 -9.06
C THR A 38 9.83 -3.97 -8.47
N VAL A 39 9.30 -4.45 -7.34
CA VAL A 39 8.19 -3.78 -6.67
C VAL A 39 8.70 -2.72 -5.70
N VAL A 40 8.00 -1.58 -5.67
CA VAL A 40 8.37 -0.48 -4.79
C VAL A 40 7.26 -0.19 -3.79
N PRO A 41 7.63 -0.04 -2.51
CA PRO A 41 6.67 0.25 -1.44
C PRO A 41 6.11 1.66 -1.53
N VAL A 42 4.79 1.77 -1.57
CA VAL A 42 4.13 3.07 -1.66
C VAL A 42 4.22 3.81 -0.34
N PRO A 43 4.98 4.92 -0.34
CA PRO A 43 5.17 5.75 0.85
C PRO A 43 3.90 6.51 1.24
N TYR A 44 2.98 5.82 1.90
CA TYR A 44 1.72 6.44 2.31
C TYR A 44 1.98 7.72 3.09
N GLU A 45 2.84 7.63 4.10
CA GLU A 45 3.17 8.79 4.92
C GLU A 45 3.45 10.02 4.06
N LYS A 46 4.32 9.86 3.07
CA LYS A 46 4.67 10.95 2.17
C LYS A 46 3.51 11.29 1.25
N MET A 47 3.08 10.31 0.46
CA MET A 47 1.97 10.52 -0.47
C MET A 47 0.84 11.30 0.20
N LEU A 48 0.59 11.01 1.47
CA LEU A 48 -0.46 11.68 2.22
C LEU A 48 -0.28 13.20 2.15
N ARG A 49 0.95 13.65 2.37
CA ARG A 49 1.25 15.08 2.34
C ARG A 49 1.39 15.56 0.90
N ASP A 50 1.87 14.69 0.03
CA ASP A 50 2.05 15.04 -1.38
C ASP A 50 1.52 13.93 -2.28
N GLN A 51 0.23 14.03 -2.62
CA GLN A 51 -0.40 13.03 -3.48
C GLN A 51 -0.05 13.27 -4.94
N SER A 52 0.02 14.54 -5.33
CA SER A 52 0.35 14.90 -6.71
C SER A 52 1.44 13.99 -7.26
N ALA A 53 2.57 13.93 -6.56
CA ALA A 53 3.69 13.09 -6.98
C ALA A 53 3.19 11.81 -7.65
N VAL A 54 2.14 11.23 -7.09
CA VAL A 54 1.58 10.00 -7.64
C VAL A 54 0.09 9.89 -7.30
N VAL A 55 -0.72 9.64 -8.33
CA VAL A 55 -2.16 9.50 -8.14
C VAL A 55 -2.58 8.03 -8.15
N VAL A 56 -3.80 7.77 -7.70
CA VAL A 56 -4.32 6.41 -7.66
C VAL A 56 -5.75 6.36 -8.21
N GLN A 57 -5.97 5.51 -9.21
CA GLN A 57 -7.29 5.36 -9.81
C GLN A 57 -7.83 3.96 -9.59
N GLY A 58 -9.14 3.79 -9.79
CA GLY A 58 -9.75 2.49 -9.61
C GLY A 58 -10.31 2.30 -8.21
N LEU A 59 -10.38 3.38 -7.45
CA LEU A 59 -10.88 3.33 -6.09
C LEU A 59 -12.41 3.48 -6.06
N PRO A 60 -13.04 2.93 -5.02
CA PRO A 60 -14.50 2.99 -4.85
C PRO A 60 -14.99 4.39 -4.54
N GLU A 61 -16.30 4.56 -4.53
CA GLU A 61 -16.91 5.87 -4.24
C GLU A 61 -16.89 6.15 -2.74
N GLY A 62 -16.76 7.43 -2.39
CA GLY A 62 -16.73 7.81 -0.99
C GLY A 62 -15.48 7.33 -0.28
N VAL A 63 -14.46 7.00 -1.04
CA VAL A 63 -13.20 6.52 -0.48
C VAL A 63 -12.06 7.49 -0.77
N ALA A 64 -10.93 7.28 -0.11
CA ALA A 64 -9.76 8.14 -0.30
C ALA A 64 -8.47 7.34 -0.15
N PHE A 65 -7.69 7.29 -1.22
CA PHE A 65 -6.43 6.57 -1.22
C PHE A 65 -5.74 6.68 0.13
N LYS A 66 -5.46 5.53 0.75
CA LYS A 66 -4.80 5.50 2.05
C LYS A 66 -4.41 4.08 2.43
N HIS A 67 -3.62 3.96 3.49
CA HIS A 67 -3.16 2.64 3.95
C HIS A 67 -4.30 1.63 3.90
N PRO A 68 -3.97 0.40 3.49
CA PRO A 68 -4.95 -0.69 3.40
C PRO A 68 -5.44 -1.16 4.77
N GLU A 69 -4.97 -0.49 5.81
CA GLU A 69 -5.36 -0.84 7.17
C GLU A 69 -6.53 0.02 7.65
N ASN A 70 -6.70 1.17 7.01
CA ASN A 70 -7.78 2.08 7.36
C ASN A 70 -9.09 1.69 6.68
N TYR A 71 -9.00 0.69 5.79
CA TYR A 71 -10.17 0.21 5.07
C TYR A 71 -10.82 -0.96 5.80
N ASP A 72 -12.14 -0.91 5.93
CA ASP A 72 -12.88 -1.97 6.60
C ASP A 72 -12.78 -3.28 5.83
N LEU A 73 -12.94 -4.39 6.54
CA LEU A 73 -12.86 -5.71 5.93
C LEU A 73 -13.64 -5.75 4.62
N ALA A 74 -14.86 -5.23 4.64
CA ALA A 74 -15.70 -5.20 3.45
C ALA A 74 -15.02 -4.45 2.32
N THR A 75 -14.61 -3.21 2.59
CA THR A 75 -13.95 -2.39 1.58
C THR A 75 -12.71 -3.09 1.03
N LEU A 76 -11.90 -3.64 1.92
CA LEU A 76 -10.68 -4.33 1.52
C LEU A 76 -10.96 -5.27 0.35
N LYS A 77 -11.85 -6.22 0.57
CA LYS A 77 -12.22 -7.19 -0.46
C LYS A 77 -12.46 -6.50 -1.80
N TRP A 78 -13.22 -5.40 -1.76
CA TRP A 78 -13.53 -4.65 -2.97
C TRP A 78 -12.26 -4.33 -3.74
N ILE A 79 -11.38 -3.54 -3.12
CA ILE A 79 -10.12 -3.16 -3.75
C ILE A 79 -9.51 -4.32 -4.53
N LEU A 80 -9.38 -5.47 -3.86
CA LEU A 80 -8.82 -6.66 -4.48
C LEU A 80 -9.67 -7.12 -5.66
N GLU A 81 -10.99 -6.96 -5.53
CA GLU A 81 -11.91 -7.35 -6.58
C GLU A 81 -11.71 -6.50 -7.83
N ASN A 82 -11.76 -5.19 -7.66
CA ASN A 82 -11.57 -4.27 -8.78
C ASN A 82 -10.15 -3.72 -8.81
N LYS A 83 -9.18 -4.56 -8.45
CA LYS A 83 -7.79 -4.16 -8.43
C LYS A 83 -7.22 -4.12 -9.84
N ALA A 84 -7.50 -5.15 -10.63
CA ALA A 84 -7.02 -5.22 -12.01
C ALA A 84 -7.15 -3.88 -12.71
N GLY A 85 -8.20 -3.13 -12.36
CA GLY A 85 -8.42 -1.83 -12.97
C GLY A 85 -7.61 -0.73 -12.30
N ILE A 86 -7.37 -0.89 -10.99
CA ILE A 86 -6.61 0.09 -10.25
C ILE A 86 -5.30 0.43 -10.93
N SER A 87 -5.14 1.69 -11.33
CA SER A 87 -3.92 2.13 -12.01
C SER A 87 -3.25 3.25 -11.23
N PHE A 88 -1.94 3.42 -11.45
CA PHE A 88 -1.17 4.45 -10.77
C PHE A 88 -0.51 5.39 -11.77
N ILE A 89 -0.75 6.68 -11.60
CA ILE A 89 -0.19 7.69 -12.49
C ILE A 89 0.90 8.49 -11.79
N ILE A 90 2.15 8.27 -12.21
CA ILE A 90 3.28 8.97 -11.62
C ILE A 90 3.46 10.35 -12.25
N LYS A 91 3.25 11.39 -11.45
CA LYS A 91 3.38 12.76 -11.93
C LYS A 91 4.78 13.30 -11.64
N ARG A 92 5.41 12.76 -10.60
CA ARG A 92 6.75 13.19 -10.23
C ARG A 92 7.26 12.39 -9.03
N PRO A 93 8.54 11.99 -9.07
CA PRO A 93 9.17 11.22 -8.00
C PRO A 93 9.38 12.05 -6.73
N PHE A 94 9.37 11.38 -5.59
CA PHE A 94 9.56 12.05 -4.31
C PHE A 94 11.01 12.51 -4.14
N LEU A 95 11.20 13.60 -3.42
CA LEU A 95 12.55 14.15 -3.18
C LEU A 95 12.85 14.19 -1.70
N GLU A 96 12.23 13.31 -0.94
CA GLU A 96 12.44 13.25 0.51
C GLU A 96 13.66 12.40 0.84
N PRO A 97 14.66 13.03 1.48
CA PRO A 97 15.90 12.36 1.88
C PRO A 97 15.68 11.36 3.01
N LYS A 98 15.73 10.07 2.68
CA LYS A 98 15.55 9.02 3.66
C LYS A 98 16.88 8.52 4.19
N LYS A 99 16.88 8.02 5.42
CA LYS A 99 18.10 7.51 6.05
C LYS A 99 17.99 6.02 6.31
N HIS A 100 19.10 5.31 6.16
CA HIS A 100 19.13 3.87 6.39
C HIS A 100 18.60 3.53 7.78
N VAL A 101 19.11 4.22 8.79
CA VAL A 101 18.70 3.99 10.17
C VAL A 101 17.31 4.56 10.42
N GLY A 102 16.50 3.83 11.19
CA GLY A 102 15.16 4.27 11.50
C GLY A 102 14.90 4.36 12.98
N GLY A 103 14.99 3.23 13.67
CA GLY A 103 14.77 3.20 15.10
C GLY A 103 13.36 3.64 15.47
N SER A 104 12.53 2.68 15.88
CA SER A 104 11.15 2.96 16.25
C SER A 104 11.09 3.67 17.60
N GLY A 105 11.66 3.04 18.62
CA GLY A 105 11.66 3.63 19.95
C GLY A 105 12.05 2.62 21.03
N PRO A 106 13.36 2.47 21.24
CA PRO A 106 13.89 1.53 22.24
C PRO A 106 13.61 2.01 23.67
N SER A 107 14.13 1.26 24.64
CA SER A 107 13.93 1.60 26.05
C SER A 107 13.91 3.11 26.24
N SER A 108 12.96 3.57 27.06
CA SER A 108 12.83 5.00 27.32
C SER A 108 13.36 5.35 28.71
N GLY A 109 14.12 6.44 28.79
CA GLY A 109 14.68 6.85 30.06
C GLY A 109 16.20 6.93 30.03
N GLY A 1 -25.02 -12.72 11.14
CA GLY A 1 -23.65 -12.87 11.57
C GLY A 1 -23.38 -12.19 12.90
N SER A 2 -22.10 -12.10 13.27
CA SER A 2 -21.72 -11.46 14.52
C SER A 2 -20.74 -10.32 14.27
N SER A 3 -19.72 -10.60 13.46
CA SER A 3 -18.71 -9.60 13.15
C SER A 3 -18.07 -9.05 14.42
N GLY A 4 -17.74 -9.94 15.34
CA GLY A 4 -17.13 -9.53 16.59
C GLY A 4 -15.94 -10.40 16.97
N SER A 5 -14.74 -9.85 16.79
CA SER A 5 -13.52 -10.59 17.11
C SER A 5 -13.24 -10.54 18.61
N SER A 6 -12.35 -11.41 19.07
CA SER A 6 -11.98 -11.48 20.48
C SER A 6 -10.48 -11.37 20.66
N GLY A 7 -9.72 -12.08 19.83
CA GLY A 7 -8.28 -12.05 19.91
C GLY A 7 -7.63 -13.20 19.17
N MET A 8 -6.95 -12.89 18.07
CA MET A 8 -6.28 -13.91 17.28
C MET A 8 -7.24 -15.05 16.93
N SER A 9 -8.51 -14.71 16.72
CA SER A 9 -9.52 -15.70 16.40
C SER A 9 -9.18 -16.42 15.09
N VAL A 10 -10.05 -17.32 14.67
CA VAL A 10 -9.84 -18.07 13.44
C VAL A 10 -9.90 -17.16 12.21
N ASP A 11 -10.87 -16.26 12.20
CA ASP A 11 -11.03 -15.33 11.09
C ASP A 11 -10.12 -14.11 11.27
N ALA A 12 -9.46 -14.03 12.42
CA ALA A 12 -8.56 -12.92 12.72
C ALA A 12 -7.39 -12.89 11.74
N VAL A 13 -6.79 -14.06 11.51
CA VAL A 13 -5.66 -14.17 10.60
C VAL A 13 -6.07 -13.83 9.17
N GLU A 14 -7.38 -13.74 8.94
CA GLU A 14 -7.89 -13.42 7.62
C GLU A 14 -7.83 -11.92 7.35
N ILE A 15 -8.42 -11.14 8.24
CA ILE A 15 -8.43 -9.68 8.11
C ILE A 15 -7.02 -9.14 7.90
N GLU A 16 -6.04 -9.84 8.47
CA GLU A 16 -4.65 -9.43 8.34
C GLU A 16 -4.09 -9.80 6.97
N THR A 17 -4.40 -11.01 6.52
CA THR A 17 -3.93 -11.48 5.22
C THR A 17 -4.45 -10.61 4.09
N LEU A 18 -5.68 -10.11 4.26
CA LEU A 18 -6.30 -9.27 3.25
C LEU A 18 -5.53 -7.96 3.10
N ARG A 19 -5.15 -7.36 4.21
CA ARG A 19 -4.41 -6.10 4.20
C ARG A 19 -3.06 -6.28 3.49
N LYS A 20 -2.59 -7.51 3.45
CA LYS A 20 -1.31 -7.82 2.80
C LYS A 20 -1.45 -7.81 1.28
N THR A 21 -2.37 -8.63 0.78
CA THR A 21 -2.60 -8.72 -0.65
C THR A 21 -2.65 -7.33 -1.30
N VAL A 22 -3.36 -6.41 -0.64
CA VAL A 22 -3.48 -5.05 -1.16
C VAL A 22 -2.16 -4.29 -1.00
N GLU A 23 -1.45 -4.58 0.08
CA GLU A 23 -0.17 -3.93 0.35
C GLU A 23 0.84 -4.24 -0.75
N ASP A 24 0.83 -5.48 -1.22
CA ASP A 24 1.75 -5.92 -2.27
C ASP A 24 1.35 -5.32 -3.62
N TYR A 25 0.04 -5.26 -3.86
CA TYR A 25 -0.47 -4.71 -5.11
C TYR A 25 0.00 -3.29 -5.33
N PHE A 26 -0.35 -2.40 -4.40
CA PHE A 26 0.05 -1.00 -4.49
C PHE A 26 1.51 -0.86 -4.89
N CYS A 27 2.35 -1.72 -4.32
CA CYS A 27 3.78 -1.70 -4.63
C CYS A 27 4.03 -2.05 -6.09
N PHE A 28 3.29 -3.02 -6.60
CA PHE A 28 3.42 -3.45 -7.99
C PHE A 28 3.05 -2.33 -8.95
N CYS A 29 1.82 -1.84 -8.83
CA CYS A 29 1.33 -0.76 -9.67
C CYS A 29 2.29 0.44 -9.64
N TYR A 30 2.80 0.74 -8.45
CA TYR A 30 3.71 1.85 -8.28
C TYR A 30 5.03 1.60 -9.01
N GLY A 31 5.75 0.57 -8.56
CA GLY A 31 7.02 0.23 -9.18
C GLY A 31 6.88 -0.12 -10.65
N LYS A 32 5.68 -0.54 -11.04
CA LYS A 32 5.42 -0.91 -12.43
C LYS A 32 5.37 0.32 -13.32
N ALA A 33 4.75 1.38 -12.83
CA ALA A 33 4.64 2.63 -13.57
C ALA A 33 6.00 3.33 -13.67
N LEU A 34 6.82 3.15 -12.65
CA LEU A 34 8.14 3.77 -12.61
C LEU A 34 9.00 3.26 -13.77
N GLY A 35 8.83 2.00 -14.13
CA GLY A 35 9.61 1.43 -15.21
C GLY A 35 10.75 0.57 -14.72
N LYS A 36 10.62 0.04 -13.51
CA LYS A 36 11.66 -0.80 -12.92
C LYS A 36 11.36 -2.27 -13.16
N SER A 37 12.26 -3.13 -12.67
CA SER A 37 12.09 -4.57 -12.83
C SER A 37 11.80 -5.23 -11.48
N THR A 38 11.34 -4.44 -10.52
CA THR A 38 11.02 -4.95 -9.19
C THR A 38 9.94 -4.11 -8.53
N VAL A 39 9.28 -4.68 -7.53
CA VAL A 39 8.22 -3.99 -6.81
C VAL A 39 8.79 -2.91 -5.89
N VAL A 40 8.10 -1.78 -5.81
CA VAL A 40 8.54 -0.68 -4.97
C VAL A 40 7.49 -0.34 -3.91
N PRO A 41 7.95 -0.07 -2.68
CA PRO A 41 7.07 0.27 -1.57
C PRO A 41 6.43 1.65 -1.74
N VAL A 42 5.10 1.68 -1.72
CA VAL A 42 4.36 2.93 -1.87
C VAL A 42 4.56 3.84 -0.67
N PRO A 43 5.17 5.01 -0.90
CA PRO A 43 5.44 6.00 0.16
C PRO A 43 4.16 6.64 0.67
N TYR A 44 3.45 5.94 1.55
CA TYR A 44 2.21 6.46 2.12
C TYR A 44 2.44 7.81 2.79
N GLU A 45 3.11 7.80 3.94
CA GLU A 45 3.39 9.02 4.67
C GLU A 45 3.49 10.21 3.73
N LYS A 46 4.39 10.11 2.74
CA LYS A 46 4.59 11.17 1.77
C LYS A 46 3.31 11.44 0.99
N MET A 47 2.70 10.37 0.49
CA MET A 47 1.45 10.50 -0.28
C MET A 47 0.37 11.17 0.55
N LEU A 48 0.06 10.58 1.71
CA LEU A 48 -0.96 11.13 2.59
C LEU A 48 -0.83 12.64 2.71
N ARG A 49 0.40 13.11 2.93
CA ARG A 49 0.66 14.54 3.06
C ARG A 49 0.67 15.21 1.70
N ASP A 50 1.09 14.48 0.68
CA ASP A 50 1.15 15.01 -0.68
C ASP A 50 0.57 14.01 -1.68
N GLN A 51 -0.71 14.18 -2.01
CA GLN A 51 -1.37 13.29 -2.95
C GLN A 51 -1.28 13.84 -4.37
N SER A 52 -0.07 14.17 -4.80
CA SER A 52 0.15 14.71 -6.14
C SER A 52 1.27 13.96 -6.85
N ALA A 53 2.31 13.61 -6.10
CA ALA A 53 3.44 12.89 -6.66
C ALA A 53 2.99 11.63 -7.39
N VAL A 54 1.95 10.99 -6.87
CA VAL A 54 1.41 9.77 -7.47
C VAL A 54 -0.09 9.65 -7.22
N VAL A 55 -0.85 9.54 -8.31
CA VAL A 55 -2.29 9.41 -8.21
C VAL A 55 -2.73 7.95 -8.26
N VAL A 56 -3.89 7.66 -7.69
CA VAL A 56 -4.41 6.31 -7.67
C VAL A 56 -5.84 6.25 -8.24
N GLN A 57 -6.01 5.46 -9.29
CA GLN A 57 -7.31 5.32 -9.92
C GLN A 57 -7.89 3.92 -9.69
N GLY A 58 -9.16 3.75 -10.01
CA GLY A 58 -9.81 2.46 -9.84
C GLY A 58 -10.40 2.30 -8.45
N LEU A 59 -10.32 3.34 -7.65
CA LEU A 59 -10.85 3.30 -6.28
C LEU A 59 -12.36 3.48 -6.28
N PRO A 60 -13.00 3.02 -5.19
CA PRO A 60 -14.46 3.11 -5.04
C PRO A 60 -14.93 4.54 -4.84
N GLU A 61 -16.17 4.70 -4.39
CA GLU A 61 -16.75 6.02 -4.16
C GLU A 61 -16.67 6.38 -2.67
N GLY A 62 -16.71 7.68 -2.38
CA GLY A 62 -16.65 8.14 -1.01
C GLY A 62 -15.42 7.62 -0.28
N VAL A 63 -14.43 7.16 -1.04
CA VAL A 63 -13.20 6.62 -0.47
C VAL A 63 -12.03 7.57 -0.69
N ALA A 64 -10.93 7.32 -0.01
CA ALA A 64 -9.74 8.15 -0.13
C ALA A 64 -8.47 7.32 0.00
N PHE A 65 -7.70 7.24 -1.07
CA PHE A 65 -6.46 6.48 -1.07
C PHE A 65 -5.77 6.56 0.29
N LYS A 66 -5.49 5.39 0.87
CA LYS A 66 -4.83 5.33 2.17
C LYS A 66 -4.39 3.90 2.48
N HIS A 67 -3.65 3.74 3.58
CA HIS A 67 -3.16 2.43 3.99
C HIS A 67 -4.27 1.38 3.86
N PRO A 68 -3.89 0.17 3.40
CA PRO A 68 -4.83 -0.93 3.23
C PRO A 68 -5.33 -1.49 4.56
N GLU A 69 -4.90 -0.87 5.65
CA GLU A 69 -5.30 -1.30 6.98
C GLU A 69 -6.43 -0.42 7.53
N ASN A 70 -6.60 0.75 6.91
CA ASN A 70 -7.62 1.69 7.33
C ASN A 70 -8.95 1.41 6.62
N TYR A 71 -8.89 0.54 5.61
CA TYR A 71 -10.08 0.19 4.85
C TYR A 71 -10.82 -0.97 5.51
N ASP A 72 -12.05 -0.71 5.95
CA ASP A 72 -12.87 -1.73 6.59
C ASP A 72 -12.77 -3.05 5.85
N LEU A 73 -12.78 -4.15 6.60
CA LEU A 73 -12.68 -5.49 6.01
C LEU A 73 -13.50 -5.57 4.73
N ALA A 74 -14.70 -4.99 4.76
CA ALA A 74 -15.57 -5.00 3.60
C ALA A 74 -14.93 -4.27 2.42
N THR A 75 -14.46 -3.05 2.67
CA THR A 75 -13.83 -2.25 1.63
C THR A 75 -12.63 -2.98 1.02
N LEU A 76 -11.79 -3.54 1.88
CA LEU A 76 -10.61 -4.26 1.43
C LEU A 76 -10.95 -5.23 0.31
N LYS A 77 -11.95 -6.07 0.56
CA LYS A 77 -12.40 -7.05 -0.44
C LYS A 77 -12.64 -6.38 -1.79
N TRP A 78 -13.34 -5.25 -1.77
CA TRP A 78 -13.64 -4.52 -2.99
C TRP A 78 -12.36 -4.21 -3.77
N ILE A 79 -11.46 -3.47 -3.15
CA ILE A 79 -10.20 -3.11 -3.79
C ILE A 79 -9.61 -4.29 -4.55
N LEU A 80 -9.51 -5.44 -3.88
CA LEU A 80 -8.97 -6.64 -4.50
C LEU A 80 -9.84 -7.09 -5.67
N GLU A 81 -11.14 -6.90 -5.54
CA GLU A 81 -12.07 -7.27 -6.59
C GLU A 81 -11.84 -6.43 -7.85
N ASN A 82 -11.89 -5.12 -7.69
CA ASN A 82 -11.69 -4.21 -8.82
C ASN A 82 -10.26 -3.69 -8.85
N LYS A 83 -9.31 -4.58 -8.55
CA LYS A 83 -7.90 -4.21 -8.54
C LYS A 83 -7.34 -4.16 -9.96
N ALA A 84 -7.56 -5.24 -10.71
CA ALA A 84 -7.08 -5.32 -12.08
C ALA A 84 -7.19 -3.98 -12.78
N GLY A 85 -8.20 -3.19 -12.40
CA GLY A 85 -8.39 -1.89 -13.00
C GLY A 85 -7.55 -0.81 -12.33
N ILE A 86 -7.41 -0.90 -11.01
CA ILE A 86 -6.63 0.07 -10.25
C ILE A 86 -5.33 0.40 -10.96
N SER A 87 -5.17 1.67 -11.33
CA SER A 87 -3.96 2.12 -12.02
C SER A 87 -3.22 3.18 -11.19
N PHE A 88 -1.95 3.36 -11.49
CA PHE A 88 -1.13 4.34 -10.78
C PHE A 88 -0.45 5.29 -11.76
N ILE A 89 -0.65 6.58 -11.55
CA ILE A 89 -0.05 7.60 -12.41
C ILE A 89 1.01 8.40 -11.66
N ILE A 90 2.26 8.22 -12.06
CA ILE A 90 3.37 8.94 -11.43
C ILE A 90 3.51 10.35 -12.00
N LYS A 91 3.25 11.34 -11.15
CA LYS A 91 3.35 12.74 -11.56
C LYS A 91 4.72 13.31 -11.24
N ARG A 92 5.37 12.75 -10.21
CA ARG A 92 6.69 13.21 -9.80
C ARG A 92 7.20 12.40 -8.61
N PRO A 93 8.43 11.88 -8.73
CA PRO A 93 9.06 11.07 -7.69
C PRO A 93 9.43 11.91 -6.46
N PHE A 94 8.97 11.46 -5.29
CA PHE A 94 9.25 12.16 -4.04
C PHE A 94 10.73 12.56 -3.95
N LEU A 95 11.07 13.31 -2.91
CA LEU A 95 12.45 13.74 -2.71
C LEU A 95 13.21 12.76 -1.83
N GLU A 96 14.14 12.03 -2.44
CA GLU A 96 14.94 11.05 -1.71
C GLU A 96 16.03 10.47 -2.60
N PRO A 97 17.20 10.22 -2.00
CA PRO A 97 18.36 9.66 -2.73
C PRO A 97 18.13 8.21 -3.12
N LYS A 98 19.15 7.60 -3.72
CA LYS A 98 19.07 6.21 -4.15
C LYS A 98 18.86 5.29 -2.96
N LYS A 99 18.18 4.17 -3.19
CA LYS A 99 17.91 3.20 -2.14
C LYS A 99 19.00 2.13 -2.09
N HIS A 100 19.24 1.48 -3.22
CA HIS A 100 20.26 0.45 -3.31
C HIS A 100 20.66 0.19 -4.76
N VAL A 101 21.91 -0.20 -4.97
CA VAL A 101 22.41 -0.48 -6.31
C VAL A 101 23.61 -1.42 -6.26
N GLY A 102 23.47 -2.57 -6.91
CA GLY A 102 24.54 -3.55 -6.92
C GLY A 102 24.37 -4.63 -5.87
N GLY A 103 24.91 -5.80 -6.14
CA GLY A 103 24.80 -6.91 -5.21
C GLY A 103 23.36 -7.25 -4.87
N SER A 104 22.81 -8.23 -5.58
CA SER A 104 21.43 -8.65 -5.36
C SER A 104 21.21 -9.07 -3.91
N GLY A 105 20.79 -8.12 -3.08
CA GLY A 105 20.55 -8.41 -1.68
C GLY A 105 21.53 -9.42 -1.13
N PRO A 106 21.12 -10.69 -1.07
CA PRO A 106 21.95 -11.78 -0.56
C PRO A 106 23.13 -12.10 -1.48
N SER A 107 24.33 -11.94 -0.97
CA SER A 107 25.54 -12.20 -1.75
C SER A 107 25.96 -13.66 -1.63
N SER A 108 26.06 -14.14 -0.39
CA SER A 108 26.45 -15.52 -0.14
C SER A 108 25.56 -16.49 -0.90
N GLY A 109 26.12 -17.63 -1.30
CA GLY A 109 25.35 -18.63 -2.03
C GLY A 109 25.73 -20.04 -1.65
N GLY A 1 -13.04 3.81 23.07
CA GLY A 1 -12.20 2.87 23.78
C GLY A 1 -12.27 1.48 23.19
N SER A 2 -11.11 0.95 22.79
CA SER A 2 -11.05 -0.38 22.20
C SER A 2 -11.52 -1.44 23.20
N SER A 3 -12.75 -1.90 23.04
CA SER A 3 -13.32 -2.90 23.93
C SER A 3 -13.41 -4.26 23.22
N GLY A 4 -13.34 -5.33 24.01
CA GLY A 4 -13.42 -6.67 23.45
C GLY A 4 -12.09 -7.39 23.50
N SER A 5 -11.46 -7.38 24.67
CA SER A 5 -10.17 -8.04 24.85
C SER A 5 -10.20 -9.45 24.26
N SER A 6 -9.16 -9.78 23.49
CA SER A 6 -9.06 -11.09 22.86
C SER A 6 -7.66 -11.32 22.29
N GLY A 7 -7.35 -12.58 22.00
CA GLY A 7 -6.04 -12.90 21.47
C GLY A 7 -6.06 -13.08 19.96
N MET A 8 -5.98 -14.33 19.52
CA MET A 8 -5.99 -14.63 18.09
C MET A 8 -7.28 -15.37 17.70
N SER A 9 -8.17 -14.66 17.02
CA SER A 9 -9.44 -15.25 16.60
C SER A 9 -9.27 -16.05 15.30
N VAL A 10 -10.37 -16.56 14.78
CA VAL A 10 -10.34 -17.35 13.56
C VAL A 10 -10.27 -16.45 12.33
N ASP A 11 -11.03 -15.36 12.35
CA ASP A 11 -11.05 -14.42 11.23
C ASP A 11 -9.90 -13.42 11.35
N ALA A 12 -9.20 -13.45 12.49
CA ALA A 12 -8.08 -12.56 12.72
C ALA A 12 -7.01 -12.72 11.65
N VAL A 13 -6.71 -13.97 11.32
CA VAL A 13 -5.70 -14.26 10.31
C VAL A 13 -6.18 -13.88 8.91
N GLU A 14 -7.49 -13.93 8.71
CA GLU A 14 -8.09 -13.59 7.43
C GLU A 14 -7.95 -12.10 7.15
N ILE A 15 -8.51 -11.29 8.04
CA ILE A 15 -8.45 -9.84 7.89
C ILE A 15 -7.01 -9.36 7.72
N GLU A 16 -6.09 -10.04 8.39
CA GLU A 16 -4.67 -9.69 8.30
C GLU A 16 -4.11 -10.02 6.93
N THR A 17 -4.50 -11.17 6.40
CA THR A 17 -4.04 -11.61 5.09
C THR A 17 -4.56 -10.71 3.98
N LEU A 18 -5.76 -10.18 4.19
CA LEU A 18 -6.37 -9.29 3.20
C LEU A 18 -5.57 -8.01 3.04
N ARG A 19 -5.18 -7.41 4.16
CA ARG A 19 -4.39 -6.18 4.14
C ARG A 19 -3.03 -6.41 3.49
N LYS A 20 -2.52 -7.64 3.61
CA LYS A 20 -1.23 -7.99 3.05
C LYS A 20 -1.28 -7.98 1.52
N THR A 21 -2.23 -8.72 0.96
CA THR A 21 -2.39 -8.79 -0.49
C THR A 21 -2.46 -7.40 -1.10
N VAL A 22 -3.29 -6.55 -0.52
CA VAL A 22 -3.46 -5.18 -1.00
C VAL A 22 -2.16 -4.39 -0.85
N GLU A 23 -1.45 -4.63 0.24
CA GLU A 23 -0.20 -3.93 0.51
C GLU A 23 0.81 -4.18 -0.61
N ASP A 24 0.89 -5.42 -1.05
CA ASP A 24 1.81 -5.79 -2.13
C ASP A 24 1.36 -5.21 -3.46
N TYR A 25 0.06 -5.32 -3.74
CA TYR A 25 -0.50 -4.81 -4.99
C TYR A 25 -0.05 -3.38 -5.24
N PHE A 26 -0.40 -2.48 -4.33
CA PHE A 26 -0.02 -1.08 -4.46
C PHE A 26 1.43 -0.94 -4.87
N CYS A 27 2.27 -1.85 -4.40
CA CYS A 27 3.69 -1.82 -4.72
C CYS A 27 3.93 -2.16 -6.20
N PHE A 28 3.16 -3.12 -6.70
CA PHE A 28 3.27 -3.53 -8.09
C PHE A 28 2.93 -2.38 -9.04
N CYS A 29 1.74 -1.81 -8.85
CA CYS A 29 1.29 -0.70 -9.68
C CYS A 29 2.23 0.49 -9.55
N TYR A 30 2.75 0.70 -8.34
CA TYR A 30 3.66 1.81 -8.09
C TYR A 30 4.98 1.61 -8.82
N GLY A 31 5.65 0.50 -8.52
CA GLY A 31 6.92 0.21 -9.15
C GLY A 31 6.80 0.01 -10.65
N LYS A 32 5.62 -0.42 -11.08
CA LYS A 32 5.37 -0.67 -12.50
C LYS A 32 5.34 0.63 -13.27
N ALA A 33 4.68 1.64 -12.71
CA ALA A 33 4.59 2.96 -13.35
C ALA A 33 5.92 3.68 -13.31
N LEU A 34 6.74 3.38 -12.30
CA LEU A 34 8.04 4.00 -12.15
C LEU A 34 9.02 3.48 -13.19
N GLY A 35 8.72 2.30 -13.74
CA GLY A 35 9.59 1.72 -14.75
C GLY A 35 10.76 0.98 -14.15
N LYS A 36 10.56 0.42 -12.96
CA LYS A 36 11.60 -0.32 -12.27
C LYS A 36 11.54 -1.80 -12.64
N SER A 37 12.53 -2.56 -12.18
CA SER A 37 12.59 -4.00 -12.46
C SER A 37 12.07 -4.79 -11.28
N THR A 38 11.73 -4.11 -10.19
CA THR A 38 11.22 -4.76 -8.99
C THR A 38 10.06 -3.96 -8.40
N VAL A 39 9.34 -4.59 -7.47
CA VAL A 39 8.20 -3.95 -6.83
C VAL A 39 8.67 -2.89 -5.84
N VAL A 40 8.11 -1.68 -5.96
CA VAL A 40 8.47 -0.58 -5.07
C VAL A 40 7.35 -0.32 -4.07
N PRO A 41 7.75 -0.18 -2.78
CA PRO A 41 6.80 0.09 -1.70
C PRO A 41 6.21 1.49 -1.77
N VAL A 42 4.88 1.56 -1.79
CA VAL A 42 4.19 2.85 -1.86
C VAL A 42 4.44 3.67 -0.60
N PRO A 43 5.20 4.77 -0.75
CA PRO A 43 5.52 5.66 0.36
C PRO A 43 4.31 6.45 0.86
N TYR A 44 3.47 5.79 1.65
CA TYR A 44 2.28 6.42 2.19
C TYR A 44 2.59 7.80 2.76
N GLU A 45 3.25 7.80 3.92
CA GLU A 45 3.62 9.05 4.58
C GLU A 45 3.84 10.16 3.55
N LYS A 46 4.53 9.82 2.47
CA LYS A 46 4.81 10.79 1.41
C LYS A 46 3.56 11.10 0.60
N MET A 47 2.84 10.06 0.21
CA MET A 47 1.61 10.22 -0.56
C MET A 47 0.57 11.00 0.23
N LEU A 48 0.32 10.55 1.46
CA LEU A 48 -0.67 11.21 2.32
C LEU A 48 -0.42 12.72 2.38
N ARG A 49 0.87 13.10 2.39
CA ARG A 49 1.23 14.51 2.45
C ARG A 49 1.34 15.10 1.05
N ASP A 50 1.65 14.25 0.07
CA ASP A 50 1.78 14.69 -1.31
C ASP A 50 1.05 13.73 -2.26
N GLN A 51 -0.28 13.74 -2.19
CA GLN A 51 -1.09 12.87 -3.03
C GLN A 51 -0.82 13.14 -4.51
N SER A 52 -0.70 14.42 -4.85
CA SER A 52 -0.44 14.82 -6.23
C SER A 52 0.70 13.99 -6.84
N ALA A 53 1.86 14.07 -6.21
CA ALA A 53 3.02 13.32 -6.68
C ALA A 53 2.62 12.02 -7.34
N VAL A 54 1.76 11.26 -6.66
CA VAL A 54 1.28 9.98 -7.17
C VAL A 54 -0.21 9.79 -6.92
N VAL A 55 -0.98 9.64 -7.98
CA VAL A 55 -2.42 9.46 -7.87
C VAL A 55 -2.79 7.99 -7.99
N VAL A 56 -3.99 7.64 -7.51
CA VAL A 56 -4.46 6.27 -7.56
C VAL A 56 -5.87 6.19 -8.15
N GLN A 57 -6.03 5.32 -9.14
CA GLN A 57 -7.33 5.16 -9.79
C GLN A 57 -7.85 3.74 -9.61
N GLY A 58 -9.15 3.55 -9.87
CA GLY A 58 -9.76 2.24 -9.73
C GLY A 58 -10.36 2.03 -8.35
N LEU A 59 -10.41 3.09 -7.56
CA LEU A 59 -10.97 3.01 -6.21
C LEU A 59 -12.48 3.15 -6.26
N PRO A 60 -13.16 2.64 -5.21
CA PRO A 60 -14.61 2.70 -5.10
C PRO A 60 -15.13 4.12 -4.87
N GLU A 61 -16.41 4.23 -4.52
CA GLU A 61 -17.01 5.53 -4.27
C GLU A 61 -16.88 5.92 -2.80
N GLY A 62 -17.06 7.21 -2.51
CA GLY A 62 -16.95 7.69 -1.15
C GLY A 62 -15.72 7.16 -0.44
N VAL A 63 -14.68 6.84 -1.22
CA VAL A 63 -13.44 6.32 -0.66
C VAL A 63 -12.27 7.27 -0.93
N ALA A 64 -11.20 7.08 -0.19
CA ALA A 64 -10.01 7.92 -0.34
C ALA A 64 -8.74 7.12 -0.12
N PHE A 65 -7.90 7.06 -1.16
CA PHE A 65 -6.64 6.32 -1.07
C PHE A 65 -6.04 6.42 0.33
N LYS A 66 -5.75 5.25 0.93
CA LYS A 66 -5.18 5.21 2.26
C LYS A 66 -4.73 3.79 2.60
N HIS A 67 -3.93 3.67 3.66
CA HIS A 67 -3.43 2.37 4.10
C HIS A 67 -4.52 1.30 3.95
N PRO A 68 -4.10 0.10 3.51
CA PRO A 68 -5.02 -1.03 3.32
C PRO A 68 -5.55 -1.57 4.64
N GLU A 69 -5.16 -0.95 5.74
CA GLU A 69 -5.60 -1.37 7.07
C GLU A 69 -6.76 -0.51 7.55
N ASN A 70 -6.89 0.68 6.98
CA ASN A 70 -7.95 1.60 7.36
C ASN A 70 -9.24 1.29 6.60
N TYR A 71 -9.13 0.46 5.57
CA TYR A 71 -10.28 0.07 4.77
C TYR A 71 -11.04 -1.09 5.41
N ASP A 72 -12.30 -0.82 5.78
CA ASP A 72 -13.13 -1.84 6.40
C ASP A 72 -13.02 -3.16 5.66
N LEU A 73 -12.96 -4.26 6.42
CA LEU A 73 -12.85 -5.59 5.83
C LEU A 73 -13.66 -5.68 4.54
N ALA A 74 -14.90 -5.19 4.57
CA ALA A 74 -15.76 -5.22 3.40
C ALA A 74 -15.12 -4.47 2.24
N THR A 75 -14.57 -3.30 2.52
CA THR A 75 -13.93 -2.48 1.50
C THR A 75 -12.69 -3.18 0.94
N LEU A 76 -11.86 -3.72 1.83
CA LEU A 76 -10.64 -4.41 1.43
C LEU A 76 -10.92 -5.38 0.28
N LYS A 77 -11.89 -6.27 0.50
CA LYS A 77 -12.25 -7.25 -0.53
C LYS A 77 -12.45 -6.58 -1.88
N TRP A 78 -13.26 -5.53 -1.89
CA TRP A 78 -13.54 -4.79 -3.12
C TRP A 78 -12.26 -4.42 -3.85
N ILE A 79 -11.41 -3.65 -3.18
CA ILE A 79 -10.14 -3.23 -3.76
C ILE A 79 -9.49 -4.37 -4.53
N LEU A 80 -9.34 -5.51 -3.89
CA LEU A 80 -8.74 -6.68 -4.52
C LEU A 80 -9.57 -7.15 -5.71
N GLU A 81 -10.90 -7.12 -5.54
CA GLU A 81 -11.81 -7.55 -6.60
C GLU A 81 -11.60 -6.71 -7.86
N ASN A 82 -11.70 -5.40 -7.71
CA ASN A 82 -11.54 -4.48 -8.84
C ASN A 82 -10.12 -3.92 -8.87
N LYS A 83 -9.14 -4.76 -8.54
CA LYS A 83 -7.75 -4.35 -8.54
C LYS A 83 -7.14 -4.44 -9.93
N ALA A 84 -7.41 -5.55 -10.62
CA ALA A 84 -6.91 -5.75 -11.97
C ALA A 84 -6.94 -4.45 -12.77
N GLY A 85 -7.87 -3.57 -12.42
CA GLY A 85 -7.99 -2.30 -13.12
C GLY A 85 -7.21 -1.19 -12.43
N ILE A 86 -7.25 -1.18 -11.11
CA ILE A 86 -6.55 -0.15 -10.34
C ILE A 86 -5.24 0.25 -11.02
N SER A 87 -5.06 1.54 -11.23
CA SER A 87 -3.86 2.06 -11.88
C SER A 87 -3.22 3.16 -11.03
N PHE A 88 -2.01 3.55 -11.41
CA PHE A 88 -1.29 4.60 -10.69
C PHE A 88 -0.66 5.60 -11.66
N ILE A 89 -0.93 6.88 -11.44
CA ILE A 89 -0.39 7.93 -12.30
C ILE A 89 0.64 8.77 -11.55
N ILE A 90 1.90 8.62 -11.93
CA ILE A 90 2.98 9.36 -11.30
C ILE A 90 3.10 10.76 -11.89
N LYS A 91 2.81 11.77 -11.06
CA LYS A 91 2.89 13.16 -11.50
C LYS A 91 4.25 13.75 -11.19
N ARG A 92 4.85 13.29 -10.10
CA ARG A 92 6.17 13.78 -9.69
C ARG A 92 6.65 13.06 -8.43
N PRO A 93 7.86 12.51 -8.49
CA PRO A 93 8.45 11.78 -7.37
C PRO A 93 8.84 12.71 -6.21
N PHE A 94 8.20 12.51 -5.06
CA PHE A 94 8.46 13.33 -3.89
C PHE A 94 9.94 13.71 -3.82
N LEU A 95 10.21 14.84 -3.17
CA LEU A 95 11.58 15.31 -3.03
C LEU A 95 12.34 14.51 -1.97
N GLU A 96 13.61 14.28 -2.21
CA GLU A 96 14.45 13.53 -1.28
C GLU A 96 15.29 14.47 -0.42
N PRO A 97 14.86 14.69 0.82
CA PRO A 97 15.56 15.57 1.77
C PRO A 97 16.89 14.97 2.24
N LYS A 98 17.98 15.68 1.95
CA LYS A 98 19.30 15.22 2.35
C LYS A 98 20.34 16.32 2.14
N LYS A 99 21.38 16.32 2.96
CA LYS A 99 22.44 17.31 2.86
C LYS A 99 23.81 16.65 2.90
N HIS A 100 24.19 16.12 4.06
CA HIS A 100 25.48 15.46 4.22
C HIS A 100 25.41 14.02 3.72
N VAL A 101 24.65 13.19 4.42
CA VAL A 101 24.51 11.78 4.05
C VAL A 101 23.37 11.12 4.82
N GLY A 102 22.47 10.47 4.10
CA GLY A 102 21.35 9.80 4.74
C GLY A 102 20.31 10.77 5.26
N GLY A 103 19.21 10.24 5.78
CA GLY A 103 18.15 11.09 6.30
C GLY A 103 17.04 10.29 6.96
N SER A 104 17.37 9.64 8.07
CA SER A 104 16.39 8.84 8.81
C SER A 104 15.13 9.64 9.09
N GLY A 105 15.30 10.83 9.65
CA GLY A 105 14.17 11.68 9.97
C GLY A 105 14.02 11.92 11.46
N PRO A 106 14.66 12.98 11.97
CA PRO A 106 14.61 13.34 13.38
C PRO A 106 13.24 13.86 13.80
N SER A 107 13.02 13.93 15.11
CA SER A 107 11.74 14.40 15.64
C SER A 107 11.84 15.85 16.09
N SER A 108 11.04 16.71 15.46
CA SER A 108 11.05 18.13 15.78
C SER A 108 9.64 18.61 16.11
N GLY A 109 9.37 18.79 17.40
CA GLY A 109 8.07 19.25 17.84
C GLY A 109 7.88 20.74 17.66
N GLY A 1 -23.45 -11.92 13.94
CA GLY A 1 -22.29 -11.37 14.61
C GLY A 1 -21.27 -12.42 14.97
N SER A 2 -20.00 -12.07 14.92
CA SER A 2 -18.92 -13.00 15.23
C SER A 2 -18.55 -12.92 16.70
N SER A 3 -18.64 -14.05 17.39
CA SER A 3 -18.33 -14.11 18.82
C SER A 3 -17.09 -13.28 19.13
N GLY A 4 -16.05 -13.43 18.32
CA GLY A 4 -14.83 -12.69 18.53
C GLY A 4 -13.95 -13.29 19.61
N SER A 5 -13.11 -14.24 19.23
CA SER A 5 -12.22 -14.90 20.18
C SER A 5 -11.24 -13.90 20.80
N SER A 6 -11.39 -13.67 22.10
CA SER A 6 -10.51 -12.74 22.80
C SER A 6 -9.09 -12.80 22.25
N GLY A 7 -8.58 -14.01 22.09
CA GLY A 7 -7.23 -14.19 21.57
C GLY A 7 -7.21 -14.35 20.07
N MET A 8 -6.52 -15.40 19.61
CA MET A 8 -6.43 -15.67 18.17
C MET A 8 -7.71 -16.31 17.66
N SER A 9 -8.38 -15.61 16.75
CA SER A 9 -9.63 -16.10 16.16
C SER A 9 -9.37 -16.81 14.84
N VAL A 10 -10.43 -17.34 14.24
CA VAL A 10 -10.32 -18.04 12.96
C VAL A 10 -10.31 -17.07 11.81
N ASP A 11 -11.08 -15.99 11.93
CA ASP A 11 -11.16 -14.97 10.88
C ASP A 11 -10.09 -13.91 11.09
N ALA A 12 -9.34 -14.02 12.18
CA ALA A 12 -8.27 -13.07 12.48
C ALA A 12 -7.16 -13.14 11.45
N VAL A 13 -6.79 -14.35 11.06
CA VAL A 13 -5.73 -14.56 10.08
C VAL A 13 -6.17 -14.10 8.69
N GLU A 14 -7.49 -14.08 8.47
CA GLU A 14 -8.04 -13.65 7.19
C GLU A 14 -7.91 -12.15 7.01
N ILE A 15 -8.55 -11.39 7.91
CA ILE A 15 -8.50 -9.93 7.85
C ILE A 15 -7.06 -9.43 7.74
N GLU A 16 -6.14 -10.16 8.37
CA GLU A 16 -4.73 -9.79 8.34
C GLU A 16 -4.12 -10.06 6.97
N THR A 17 -4.45 -11.22 6.41
CA THR A 17 -3.94 -11.61 5.10
C THR A 17 -4.42 -10.66 4.01
N LEU A 18 -5.63 -10.14 4.18
CA LEU A 18 -6.21 -9.21 3.22
C LEU A 18 -5.39 -7.93 3.14
N ARG A 19 -5.01 -7.40 4.30
CA ARG A 19 -4.23 -6.17 4.35
C ARG A 19 -2.87 -6.37 3.67
N LYS A 20 -2.27 -7.54 3.89
CA LYS A 20 -0.97 -7.84 3.30
C LYS A 20 -1.07 -7.90 1.78
N THR A 21 -2.09 -8.59 1.29
CA THR A 21 -2.29 -8.72 -0.15
C THR A 21 -2.40 -7.37 -0.83
N VAL A 22 -3.24 -6.50 -0.27
CA VAL A 22 -3.44 -5.16 -0.80
C VAL A 22 -2.16 -4.32 -0.69
N GLU A 23 -1.46 -4.48 0.44
CA GLU A 23 -0.23 -3.74 0.68
C GLU A 23 0.75 -3.94 -0.47
N ASP A 24 0.88 -5.18 -0.91
CA ASP A 24 1.79 -5.50 -2.01
C ASP A 24 1.29 -4.91 -3.32
N TYR A 25 0.02 -5.14 -3.63
CA TYR A 25 -0.58 -4.64 -4.86
C TYR A 25 -0.15 -3.20 -5.13
N PHE A 26 -0.51 -2.31 -4.21
CA PHE A 26 -0.16 -0.89 -4.34
C PHE A 26 1.29 -0.73 -4.76
N CYS A 27 2.16 -1.58 -4.22
CA CYS A 27 3.58 -1.53 -4.54
C CYS A 27 3.83 -1.90 -5.99
N PHE A 28 3.21 -3.00 -6.44
CA PHE A 28 3.37 -3.46 -7.81
C PHE A 28 2.99 -2.36 -8.80
N CYS A 29 1.80 -1.79 -8.63
CA CYS A 29 1.32 -0.73 -9.50
C CYS A 29 2.30 0.44 -9.53
N TYR A 30 2.75 0.84 -8.35
CA TYR A 30 3.69 1.96 -8.23
C TYR A 30 4.99 1.64 -8.95
N GLY A 31 5.69 0.61 -8.49
CA GLY A 31 6.95 0.22 -9.08
C GLY A 31 6.80 -0.15 -10.55
N LYS A 32 5.61 -0.62 -10.93
CA LYS A 32 5.34 -1.01 -12.31
C LYS A 32 5.29 0.22 -13.21
N ALA A 33 4.65 1.28 -12.73
CA ALA A 33 4.53 2.51 -13.49
C ALA A 33 5.87 3.21 -13.61
N LEU A 34 6.72 3.03 -12.61
CA LEU A 34 8.05 3.65 -12.60
C LEU A 34 8.91 3.12 -13.73
N GLY A 35 8.73 1.84 -14.06
CA GLY A 35 9.49 1.24 -15.14
C GLY A 35 10.64 0.39 -14.62
N LYS A 36 10.47 -0.17 -13.43
CA LYS A 36 11.50 -1.01 -12.82
C LYS A 36 11.17 -2.49 -13.01
N SER A 37 12.07 -3.35 -12.53
CA SER A 37 11.88 -4.79 -12.65
C SER A 37 11.51 -5.40 -11.30
N THR A 38 11.42 -4.56 -10.28
CA THR A 38 11.07 -5.01 -8.95
C THR A 38 9.94 -4.18 -8.36
N VAL A 39 9.33 -4.68 -7.28
CA VAL A 39 8.23 -3.97 -6.63
C VAL A 39 8.75 -2.83 -5.76
N VAL A 40 7.96 -1.76 -5.68
CA VAL A 40 8.33 -0.60 -4.88
C VAL A 40 7.25 -0.25 -3.88
N PRO A 41 7.64 -0.11 -2.61
CA PRO A 41 6.71 0.22 -1.52
C PRO A 41 6.20 1.66 -1.61
N VAL A 42 4.88 1.81 -1.65
CA VAL A 42 4.26 3.13 -1.74
C VAL A 42 4.42 3.90 -0.44
N PRO A 43 5.21 4.98 -0.48
CA PRO A 43 5.46 5.83 0.69
C PRO A 43 4.21 6.62 1.11
N TYR A 44 3.32 5.96 1.83
CA TYR A 44 2.10 6.60 2.30
C TYR A 44 2.39 7.96 2.93
N GLU A 45 2.97 7.94 4.12
CA GLU A 45 3.31 9.16 4.83
C GLU A 45 3.62 10.29 3.85
N LYS A 46 4.43 9.98 2.84
CA LYS A 46 4.80 10.98 1.83
C LYS A 46 3.60 11.32 0.94
N MET A 47 2.88 10.29 0.52
CA MET A 47 1.71 10.48 -0.34
C MET A 47 0.63 11.29 0.39
N LEU A 48 0.26 10.83 1.58
CA LEU A 48 -0.76 11.53 2.37
C LEU A 48 -0.59 13.03 2.28
N ARG A 49 0.66 13.49 2.21
CA ARG A 49 0.95 14.91 2.12
C ARG A 49 1.10 15.35 0.67
N ASP A 50 1.74 14.51 -0.14
CA ASP A 50 1.94 14.80 -1.55
C ASP A 50 1.36 13.70 -2.44
N GLN A 51 0.04 13.75 -2.63
CA GLN A 51 -0.65 12.75 -3.45
C GLN A 51 -0.40 13.00 -4.93
N SER A 52 -0.17 14.26 -5.28
CA SER A 52 0.08 14.63 -6.66
C SER A 52 1.20 13.78 -7.27
N ALA A 53 2.37 13.83 -6.64
CA ALA A 53 3.50 13.06 -7.12
C ALA A 53 3.06 11.74 -7.77
N VAL A 54 2.01 11.14 -7.21
CA VAL A 54 1.49 9.89 -7.74
C VAL A 54 0.00 9.75 -7.42
N VAL A 55 -0.81 9.63 -8.47
CA VAL A 55 -2.25 9.48 -8.30
C VAL A 55 -2.66 8.01 -8.36
N VAL A 56 -3.78 7.71 -7.71
CA VAL A 56 -4.29 6.33 -7.69
C VAL A 56 -5.72 6.27 -8.18
N GLN A 57 -5.97 5.46 -9.20
CA GLN A 57 -7.31 5.31 -9.76
C GLN A 57 -7.86 3.92 -9.49
N GLY A 58 -9.17 3.76 -9.65
CA GLY A 58 -9.80 2.48 -9.41
C GLY A 58 -10.33 2.34 -8.00
N LEU A 59 -10.30 3.44 -7.25
CA LEU A 59 -10.79 3.44 -5.88
C LEU A 59 -12.31 3.59 -5.84
N PRO A 60 -12.93 3.03 -4.78
CA PRO A 60 -14.38 3.09 -4.60
C PRO A 60 -14.85 4.50 -4.26
N GLU A 61 -16.16 4.65 -4.08
CA GLU A 61 -16.75 5.94 -3.74
C GLU A 61 -16.55 6.27 -2.26
N GLY A 62 -16.68 7.54 -1.91
CA GLY A 62 -16.52 7.96 -0.54
C GLY A 62 -15.24 7.43 0.08
N VAL A 63 -14.26 7.11 -0.76
CA VAL A 63 -12.98 6.59 -0.29
C VAL A 63 -11.84 7.55 -0.61
N ALA A 64 -10.67 7.27 -0.07
CA ALA A 64 -9.49 8.11 -0.29
C ALA A 64 -8.21 7.31 -0.13
N PHE A 65 -7.42 7.25 -1.21
CA PHE A 65 -6.15 6.51 -1.19
C PHE A 65 -5.49 6.61 0.19
N LYS A 66 -5.27 5.45 0.80
CA LYS A 66 -4.65 5.39 2.12
C LYS A 66 -4.20 3.97 2.45
N HIS A 67 -3.59 3.79 3.62
CA HIS A 67 -3.12 2.48 4.06
C HIS A 67 -4.23 1.44 3.93
N PRO A 68 -3.86 0.23 3.50
CA PRO A 68 -4.81 -0.87 3.34
C PRO A 68 -5.32 -1.40 4.67
N GLU A 69 -4.91 -0.76 5.75
CA GLU A 69 -5.33 -1.17 7.09
C GLU A 69 -6.48 -0.30 7.58
N ASN A 70 -6.59 0.90 7.01
CA ASN A 70 -7.65 1.82 7.40
C ASN A 70 -8.98 1.45 6.75
N TYR A 71 -8.90 0.59 5.73
CA TYR A 71 -10.10 0.14 5.02
C TYR A 71 -10.78 -1.01 5.75
N ASP A 72 -12.07 -0.88 5.98
CA ASP A 72 -12.84 -1.91 6.67
C ASP A 72 -12.80 -3.23 5.89
N LEU A 73 -12.75 -4.34 6.61
CA LEU A 73 -12.71 -5.66 6.00
C LEU A 73 -13.55 -5.69 4.72
N ALA A 74 -14.75 -5.12 4.79
CA ALA A 74 -15.65 -5.08 3.64
C ALA A 74 -15.01 -4.32 2.48
N THR A 75 -14.47 -3.14 2.78
CA THR A 75 -13.84 -2.31 1.76
C THR A 75 -12.66 -3.03 1.12
N LEU A 76 -11.75 -3.52 1.97
CA LEU A 76 -10.57 -4.24 1.49
C LEU A 76 -10.94 -5.20 0.36
N LYS A 77 -11.86 -6.10 0.64
CA LYS A 77 -12.31 -7.08 -0.35
C LYS A 77 -12.58 -6.41 -1.69
N TRP A 78 -13.27 -5.27 -1.64
CA TRP A 78 -13.61 -4.54 -2.86
C TRP A 78 -12.35 -4.22 -3.67
N ILE A 79 -11.40 -3.54 -3.04
CA ILE A 79 -10.16 -3.18 -3.71
C ILE A 79 -9.60 -4.36 -4.50
N LEU A 80 -9.42 -5.49 -3.82
CA LEU A 80 -8.89 -6.69 -4.45
C LEU A 80 -9.79 -7.14 -5.60
N GLU A 81 -11.10 -6.95 -5.43
CA GLU A 81 -12.06 -7.34 -6.45
C GLU A 81 -11.87 -6.51 -7.72
N ASN A 82 -11.85 -5.20 -7.56
CA ASN A 82 -11.68 -4.30 -8.70
C ASN A 82 -10.25 -3.77 -8.75
N LYS A 83 -9.30 -4.60 -8.34
CA LYS A 83 -7.89 -4.22 -8.35
C LYS A 83 -7.34 -4.23 -9.77
N ALA A 84 -7.66 -5.27 -10.52
CA ALA A 84 -7.20 -5.40 -11.90
C ALA A 84 -7.38 -4.09 -12.66
N GLY A 85 -8.29 -3.24 -12.17
CA GLY A 85 -8.54 -1.97 -12.82
C GLY A 85 -7.76 -0.84 -12.20
N ILE A 86 -7.44 -0.97 -10.92
CA ILE A 86 -6.69 0.06 -10.21
C ILE A 86 -5.39 0.38 -10.93
N SER A 87 -5.24 1.65 -11.32
CA SER A 87 -4.05 2.10 -12.02
C SER A 87 -3.32 3.16 -11.22
N PHE A 88 -2.07 3.44 -11.60
CA PHE A 88 -1.26 4.43 -10.92
C PHE A 88 -0.57 5.35 -11.91
N ILE A 89 -0.83 6.65 -11.77
CA ILE A 89 -0.23 7.64 -12.67
C ILE A 89 0.84 8.46 -11.95
N ILE A 90 2.10 8.26 -12.34
CA ILE A 90 3.21 8.98 -11.75
C ILE A 90 3.34 10.38 -12.33
N LYS A 91 3.10 11.39 -11.51
CA LYS A 91 3.19 12.78 -11.93
C LYS A 91 4.57 13.34 -11.65
N ARG A 92 5.25 12.78 -10.66
CA ARG A 92 6.58 13.23 -10.28
C ARG A 92 7.13 12.39 -9.14
N PRO A 93 8.43 12.06 -9.20
CA PRO A 93 9.11 11.26 -8.19
C PRO A 93 9.28 12.02 -6.87
N PHE A 94 9.19 11.29 -5.76
CA PHE A 94 9.33 11.90 -4.44
C PHE A 94 10.77 12.37 -4.20
N LEU A 95 10.90 13.51 -3.55
CA LEU A 95 12.22 14.07 -3.26
C LEU A 95 12.93 13.25 -2.19
N GLU A 96 13.97 12.52 -2.59
CA GLU A 96 14.72 11.69 -1.66
C GLU A 96 16.21 11.68 -2.03
N PRO A 97 17.03 12.40 -1.24
CA PRO A 97 18.47 12.49 -1.47
C PRO A 97 19.18 11.17 -1.18
N LYS A 98 19.50 10.43 -2.23
CA LYS A 98 20.19 9.15 -2.08
C LYS A 98 20.71 8.66 -3.42
N LYS A 99 21.79 7.89 -3.38
CA LYS A 99 22.39 7.35 -4.60
C LYS A 99 22.14 5.84 -4.71
N HIS A 100 21.28 5.45 -5.63
CA HIS A 100 20.95 4.04 -5.84
C HIS A 100 21.83 3.44 -6.92
N VAL A 101 22.31 2.22 -6.68
CA VAL A 101 23.17 1.53 -7.64
C VAL A 101 22.88 0.03 -7.64
N GLY A 102 22.83 -0.56 -8.83
CA GLY A 102 22.57 -1.98 -8.95
C GLY A 102 21.45 -2.44 -8.04
N GLY A 103 21.50 -3.70 -7.62
CA GLY A 103 20.48 -4.25 -6.75
C GLY A 103 20.75 -5.68 -6.36
N SER A 104 20.09 -6.13 -5.29
CA SER A 104 20.27 -7.50 -4.81
C SER A 104 19.30 -7.80 -3.68
N GLY A 105 19.16 -9.10 -3.35
CA GLY A 105 18.26 -9.50 -2.29
C GLY A 105 18.36 -10.98 -1.97
N PRO A 106 18.12 -11.34 -0.70
CA PRO A 106 18.19 -12.72 -0.24
C PRO A 106 17.05 -13.57 -0.80
N SER A 107 16.08 -12.90 -1.43
CA SER A 107 14.93 -13.59 -2.01
C SER A 107 15.33 -14.96 -2.55
N SER A 108 14.86 -16.02 -1.89
CA SER A 108 15.17 -17.38 -2.32
C SER A 108 13.90 -18.21 -2.45
N GLY A 109 13.06 -18.16 -1.42
CA GLY A 109 11.83 -18.92 -1.44
C GLY A 109 11.50 -19.55 -0.10
N GLY A 1 -4.97 -29.23 29.88
CA GLY A 1 -5.93 -29.49 28.81
C GLY A 1 -5.38 -29.15 27.45
N SER A 2 -6.10 -29.54 26.40
CA SER A 2 -5.68 -29.28 25.03
C SER A 2 -6.83 -28.71 24.21
N SER A 3 -7.98 -29.39 24.26
CA SER A 3 -9.15 -28.95 23.52
C SER A 3 -9.56 -27.54 23.92
N GLY A 4 -9.33 -26.59 23.03
CA GLY A 4 -9.68 -25.21 23.32
C GLY A 4 -9.81 -24.37 22.05
N SER A 5 -9.20 -23.19 22.06
CA SER A 5 -9.25 -22.30 20.92
C SER A 5 -7.97 -21.47 20.81
N SER A 6 -7.41 -21.41 19.60
CA SER A 6 -6.19 -20.66 19.37
C SER A 6 -6.15 -19.40 20.23
N GLY A 7 -7.16 -18.56 20.08
CA GLY A 7 -7.22 -17.32 20.86
C GLY A 7 -8.15 -16.30 20.24
N MET A 8 -8.03 -16.11 18.93
CA MET A 8 -8.86 -15.15 18.22
C MET A 8 -9.72 -15.84 17.16
N SER A 9 -10.71 -15.13 16.64
CA SER A 9 -11.60 -15.68 15.62
C SER A 9 -10.80 -16.32 14.49
N VAL A 10 -11.32 -17.41 13.95
CA VAL A 10 -10.67 -18.13 12.87
C VAL A 10 -10.44 -17.21 11.67
N ASP A 11 -11.34 -16.26 11.49
CA ASP A 11 -11.25 -15.31 10.38
C ASP A 11 -10.30 -14.16 10.72
N ALA A 12 -9.89 -14.10 11.98
CA ALA A 12 -8.99 -13.05 12.44
C ALA A 12 -7.76 -12.94 11.53
N VAL A 13 -7.19 -14.09 11.17
CA VAL A 13 -6.03 -14.13 10.30
C VAL A 13 -6.37 -13.65 8.90
N GLU A 14 -7.65 -13.75 8.55
CA GLU A 14 -8.10 -13.32 7.23
C GLU A 14 -7.95 -11.81 7.06
N ILE A 15 -8.34 -11.06 8.08
CA ILE A 15 -8.25 -9.61 8.04
C ILE A 15 -6.80 -9.15 7.96
N GLU A 16 -5.90 -9.94 8.57
CA GLU A 16 -4.48 -9.61 8.57
C GLU A 16 -3.85 -9.96 7.22
N THR A 17 -4.34 -11.02 6.60
CA THR A 17 -3.83 -11.45 5.30
C THR A 17 -4.30 -10.52 4.18
N LEU A 18 -5.53 -10.04 4.31
CA LEU A 18 -6.10 -9.15 3.31
C LEU A 18 -5.31 -7.84 3.22
N ARG A 19 -5.02 -7.26 4.38
CA ARG A 19 -4.26 -6.02 4.44
C ARG A 19 -2.91 -6.16 3.74
N LYS A 20 -2.29 -7.33 3.89
CA LYS A 20 -0.99 -7.59 3.28
C LYS A 20 -1.11 -7.59 1.76
N THR A 21 -1.92 -8.50 1.23
CA THR A 21 -2.12 -8.60 -0.21
C THR A 21 -2.29 -7.23 -0.84
N VAL A 22 -3.14 -6.41 -0.23
CA VAL A 22 -3.41 -5.07 -0.73
C VAL A 22 -2.16 -4.20 -0.65
N GLU A 23 -1.38 -4.39 0.41
CA GLU A 23 -0.16 -3.62 0.61
C GLU A 23 0.86 -3.92 -0.49
N ASP A 24 0.94 -5.19 -0.89
CA ASP A 24 1.87 -5.60 -1.94
C ASP A 24 1.41 -5.09 -3.30
N TYR A 25 0.15 -5.38 -3.64
CA TYR A 25 -0.42 -4.97 -4.91
C TYR A 25 0.04 -3.55 -5.28
N PHE A 26 -0.31 -2.59 -4.43
CA PHE A 26 0.06 -1.19 -4.65
C PHE A 26 1.52 -1.08 -5.06
N CYS A 27 2.35 -1.95 -4.50
CA CYS A 27 3.78 -1.96 -4.80
C CYS A 27 4.04 -2.29 -6.26
N PHE A 28 3.20 -3.16 -6.81
CA PHE A 28 3.33 -3.57 -8.21
C PHE A 28 3.04 -2.39 -9.15
N CYS A 29 1.80 -1.92 -9.12
CA CYS A 29 1.39 -0.81 -9.97
C CYS A 29 2.35 0.36 -9.81
N TYR A 30 2.70 0.68 -8.58
CA TYR A 30 3.61 1.79 -8.30
C TYR A 30 4.95 1.57 -8.98
N GLY A 31 5.58 0.44 -8.68
CA GLY A 31 6.87 0.13 -9.27
C GLY A 31 6.84 0.14 -10.79
N LYS A 32 5.76 -0.41 -11.36
CA LYS A 32 5.61 -0.46 -12.80
C LYS A 32 5.48 0.94 -13.38
N ALA A 33 4.76 1.80 -12.68
CA ALA A 33 4.56 3.18 -13.12
C ALA A 33 5.77 4.04 -12.79
N LEU A 34 6.61 3.57 -11.87
CA LEU A 34 7.81 4.31 -11.47
C LEU A 34 8.89 4.21 -12.54
N GLY A 35 8.85 3.12 -13.32
CA GLY A 35 9.84 2.94 -14.37
C GLY A 35 10.61 1.64 -14.21
N LYS A 36 10.23 0.85 -13.22
CA LYS A 36 10.90 -0.43 -12.96
C LYS A 36 9.89 -1.58 -12.97
N SER A 37 10.38 -2.77 -13.30
CA SER A 37 9.53 -3.95 -13.34
C SER A 37 9.47 -4.63 -11.98
N THR A 38 9.97 -3.95 -10.96
CA THR A 38 9.97 -4.49 -9.60
C THR A 38 8.92 -3.80 -8.73
N VAL A 39 8.70 -4.35 -7.54
CA VAL A 39 7.72 -3.79 -6.62
C VAL A 39 8.36 -2.77 -5.69
N VAL A 40 7.94 -1.52 -5.81
CA VAL A 40 8.46 -0.44 -4.99
C VAL A 40 7.52 -0.13 -3.83
N PRO A 41 8.10 0.09 -2.64
CA PRO A 41 7.33 0.40 -1.43
C PRO A 41 6.73 1.80 -1.48
N VAL A 42 5.40 1.86 -1.64
CA VAL A 42 4.69 3.13 -1.69
C VAL A 42 4.76 3.86 -0.36
N PRO A 43 5.50 4.98 -0.34
CA PRO A 43 5.67 5.80 0.86
C PRO A 43 4.37 6.52 1.25
N TYR A 44 3.46 5.80 1.90
CA TYR A 44 2.19 6.37 2.33
C TYR A 44 2.41 7.69 3.06
N GLU A 45 3.34 7.69 4.01
CA GLU A 45 3.64 8.89 4.78
C GLU A 45 3.74 10.11 3.88
N LYS A 46 4.63 10.04 2.89
CA LYS A 46 4.82 11.14 1.96
C LYS A 46 3.61 11.29 1.05
N MET A 47 3.20 10.19 0.43
CA MET A 47 2.04 10.21 -0.47
C MET A 47 0.85 10.87 0.19
N LEU A 48 0.83 10.85 1.52
CA LEU A 48 -0.27 11.45 2.28
C LEU A 48 -0.21 12.97 2.20
N ARG A 49 0.99 13.51 2.12
CA ARG A 49 1.18 14.96 2.04
C ARG A 49 1.13 15.42 0.59
N ASP A 50 1.61 14.58 -0.32
CA ASP A 50 1.62 14.91 -1.74
C ASP A 50 1.03 13.77 -2.57
N GLN A 51 -0.29 13.81 -2.76
CA GLN A 51 -0.97 12.79 -3.53
C GLN A 51 -0.78 13.01 -5.03
N SER A 52 -0.84 14.27 -5.44
CA SER A 52 -0.69 14.63 -6.85
C SER A 52 0.46 13.84 -7.48
N ALA A 53 1.65 13.99 -6.92
CA ALA A 53 2.83 13.30 -7.42
C ALA A 53 2.46 11.96 -8.03
N VAL A 54 1.52 11.26 -7.39
CA VAL A 54 1.07 9.96 -7.87
C VAL A 54 -0.39 9.72 -7.51
N VAL A 55 -1.22 9.52 -8.54
CA VAL A 55 -2.64 9.28 -8.34
C VAL A 55 -2.95 7.78 -8.37
N VAL A 56 -3.98 7.39 -7.62
CA VAL A 56 -4.38 5.98 -7.56
C VAL A 56 -5.83 5.82 -7.97
N GLN A 57 -6.07 5.13 -9.08
CA GLN A 57 -7.42 4.90 -9.58
C GLN A 57 -7.91 3.50 -9.21
N GLY A 58 -9.11 3.16 -9.65
CA GLY A 58 -9.67 1.86 -9.35
C GLY A 58 -10.30 1.78 -7.97
N LEU A 59 -10.21 2.89 -7.23
CA LEU A 59 -10.77 2.94 -5.88
C LEU A 59 -12.28 3.13 -5.94
N PRO A 60 -12.97 2.68 -4.87
CA PRO A 60 -14.42 2.79 -4.77
C PRO A 60 -14.89 4.24 -4.58
N GLU A 61 -16.19 4.42 -4.38
CA GLU A 61 -16.76 5.74 -4.18
C GLU A 61 -16.62 6.18 -2.73
N GLY A 62 -16.80 7.47 -2.49
CA GLY A 62 -16.68 8.00 -1.13
C GLY A 62 -15.44 7.51 -0.42
N VAL A 63 -14.46 7.07 -1.19
CA VAL A 63 -13.21 6.57 -0.63
C VAL A 63 -12.05 7.49 -0.99
N ALA A 64 -10.90 7.26 -0.36
CA ALA A 64 -9.71 8.05 -0.61
C ALA A 64 -8.44 7.24 -0.39
N PHE A 65 -7.63 7.13 -1.43
CA PHE A 65 -6.38 6.37 -1.36
C PHE A 65 -5.75 6.50 0.03
N LYS A 66 -5.52 5.36 0.68
CA LYS A 66 -4.93 5.35 2.01
C LYS A 66 -4.47 3.95 2.39
N HIS A 67 -3.82 3.83 3.54
CA HIS A 67 -3.34 2.53 4.02
C HIS A 67 -4.43 1.47 3.91
N PRO A 68 -4.03 0.26 3.51
CA PRO A 68 -4.97 -0.87 3.36
C PRO A 68 -5.49 -1.37 4.70
N GLU A 69 -5.09 -0.71 5.78
CA GLU A 69 -5.51 -1.09 7.12
C GLU A 69 -6.67 -0.21 7.59
N ASN A 70 -6.85 0.93 6.92
CA ASN A 70 -7.92 1.85 7.28
C ASN A 70 -9.21 1.49 6.55
N TYR A 71 -9.10 0.60 5.56
CA TYR A 71 -10.26 0.18 4.79
C TYR A 71 -10.96 -1.00 5.46
N ASP A 72 -12.17 -0.76 5.95
CA ASP A 72 -12.95 -1.79 6.61
C ASP A 72 -12.82 -3.12 5.89
N LEU A 73 -12.81 -4.21 6.65
CA LEU A 73 -12.69 -5.55 6.08
C LEU A 73 -13.49 -5.67 4.80
N ALA A 74 -14.74 -5.21 4.85
CA ALA A 74 -15.62 -5.27 3.69
C ALA A 74 -15.04 -4.48 2.52
N THR A 75 -14.55 -3.29 2.81
CA THR A 75 -13.96 -2.43 1.79
C THR A 75 -12.73 -3.08 1.16
N LEU A 76 -11.84 -3.58 2.01
CA LEU A 76 -10.62 -4.23 1.54
C LEU A 76 -10.92 -5.21 0.41
N LYS A 77 -11.77 -6.20 0.71
CA LYS A 77 -12.14 -7.20 -0.28
C LYS A 77 -12.47 -6.55 -1.61
N TRP A 78 -13.20 -5.44 -1.57
CA TRP A 78 -13.58 -4.71 -2.77
C TRP A 78 -12.35 -4.34 -3.60
N ILE A 79 -11.45 -3.57 -2.99
CA ILE A 79 -10.23 -3.15 -3.67
C ILE A 79 -9.62 -4.28 -4.48
N LEU A 80 -9.37 -5.40 -3.81
CA LEU A 80 -8.79 -6.57 -4.47
C LEU A 80 -9.68 -7.06 -5.60
N GLU A 81 -10.99 -6.98 -5.39
CA GLU A 81 -11.95 -7.41 -6.39
C GLU A 81 -11.84 -6.57 -7.67
N ASN A 82 -11.93 -5.26 -7.50
CA ASN A 82 -11.83 -4.35 -8.64
C ASN A 82 -10.43 -3.75 -8.73
N LYS A 83 -9.42 -4.58 -8.49
CA LYS A 83 -8.03 -4.15 -8.55
C LYS A 83 -7.50 -4.23 -9.98
N ALA A 84 -7.91 -5.29 -10.69
CA ALA A 84 -7.47 -5.49 -12.07
C ALA A 84 -7.44 -4.17 -12.83
N GLY A 85 -8.24 -3.21 -12.39
CA GLY A 85 -8.30 -1.92 -13.04
C GLY A 85 -7.42 -0.89 -12.36
N ILE A 86 -7.29 -1.01 -11.03
CA ILE A 86 -6.48 -0.07 -10.26
C ILE A 86 -5.17 0.25 -10.98
N SER A 87 -5.06 1.47 -11.46
CA SER A 87 -3.86 1.91 -12.17
C SER A 87 -3.23 3.12 -11.48
N PHE A 88 -1.90 3.12 -11.40
CA PHE A 88 -1.18 4.21 -10.76
C PHE A 88 -0.65 5.19 -11.80
N ILE A 89 -1.01 6.46 -11.66
CA ILE A 89 -0.57 7.49 -12.59
C ILE A 89 0.47 8.39 -11.95
N ILE A 90 1.71 8.29 -12.41
CA ILE A 90 2.80 9.11 -11.88
C ILE A 90 2.84 10.47 -12.56
N LYS A 91 2.55 11.52 -11.79
CA LYS A 91 2.56 12.87 -12.31
C LYS A 91 3.93 13.53 -12.14
N ARG A 92 4.62 13.15 -11.07
CA ARG A 92 5.94 13.69 -10.78
C ARG A 92 6.53 13.08 -9.52
N PRO A 93 7.77 12.59 -9.61
CA PRO A 93 8.46 11.98 -8.47
C PRO A 93 8.83 12.99 -7.40
N PHE A 94 8.36 12.75 -6.17
CA PHE A 94 8.64 13.65 -5.06
C PHE A 94 10.07 14.20 -5.14
N LEU A 95 10.29 15.34 -4.49
CA LEU A 95 11.60 15.96 -4.50
C LEU A 95 12.68 14.98 -4.05
N GLU A 96 13.72 14.84 -4.86
CA GLU A 96 14.82 13.92 -4.55
C GLU A 96 16.17 14.60 -4.78
N PRO A 97 16.63 15.36 -3.77
CA PRO A 97 17.91 16.08 -3.84
C PRO A 97 19.10 15.13 -3.80
N LYS A 98 20.31 15.70 -3.84
CA LYS A 98 21.53 14.90 -3.81
C LYS A 98 22.70 15.73 -3.29
N LYS A 99 23.67 15.07 -2.68
CA LYS A 99 24.84 15.75 -2.15
C LYS A 99 25.85 14.74 -1.58
N HIS A 100 26.96 15.24 -1.06
CA HIS A 100 28.00 14.39 -0.49
C HIS A 100 29.10 15.22 0.15
N VAL A 101 29.33 15.00 1.45
CA VAL A 101 30.36 15.74 2.17
C VAL A 101 31.41 14.79 2.73
N GLY A 102 32.68 15.14 2.55
CA GLY A 102 33.76 14.30 3.05
C GLY A 102 35.00 14.39 2.19
N GLY A 103 36.15 14.08 2.78
CA GLY A 103 37.40 14.12 2.04
C GLY A 103 38.61 14.07 2.95
N SER A 104 39.59 13.25 2.58
CA SER A 104 40.81 13.09 3.37
C SER A 104 41.38 14.46 3.75
N GLY A 105 42.30 14.47 4.71
CA GLY A 105 42.90 15.70 5.16
C GLY A 105 44.42 15.67 5.06
N PRO A 106 45.08 16.56 5.81
CA PRO A 106 46.54 16.67 5.82
C PRO A 106 47.19 15.46 6.49
N SER A 107 47.81 14.60 5.69
CA SER A 107 48.47 13.41 6.21
C SER A 107 49.96 13.42 5.87
N SER A 108 50.80 13.36 6.90
CA SER A 108 52.23 13.37 6.71
C SER A 108 52.73 12.01 6.24
N GLY A 109 52.51 10.99 7.07
CA GLY A 109 52.94 9.65 6.73
C GLY A 109 53.90 9.06 7.74
N GLY A 1 -13.80 -15.26 35.94
CA GLY A 1 -15.21 -15.12 35.63
C GLY A 1 -15.53 -15.59 34.21
N SER A 2 -14.67 -15.24 33.26
CA SER A 2 -14.87 -15.63 31.87
C SER A 2 -13.61 -16.25 31.28
N SER A 3 -13.72 -17.50 30.85
CA SER A 3 -12.58 -18.20 30.28
C SER A 3 -12.93 -18.75 28.89
N GLY A 4 -12.11 -18.39 27.90
CA GLY A 4 -12.35 -18.85 26.55
C GLY A 4 -11.13 -18.72 25.66
N SER A 5 -11.28 -19.05 24.39
CA SER A 5 -10.16 -18.97 23.45
C SER A 5 -9.39 -17.67 23.62
N SER A 6 -8.12 -17.80 24.00
CA SER A 6 -7.27 -16.62 24.22
C SER A 6 -6.27 -16.48 23.08
N GLY A 7 -6.14 -15.25 22.57
CA GLY A 7 -5.22 -14.99 21.49
C GLY A 7 -5.91 -14.46 20.25
N MET A 8 -5.52 -14.96 19.08
CA MET A 8 -6.11 -14.53 17.82
C MET A 8 -7.23 -15.48 17.40
N SER A 9 -8.24 -14.92 16.74
CA SER A 9 -9.38 -15.71 16.28
C SER A 9 -9.05 -16.43 14.98
N VAL A 10 -10.00 -17.23 14.49
CA VAL A 10 -9.81 -17.97 13.25
C VAL A 10 -9.87 -17.04 12.04
N ASP A 11 -10.78 -16.07 12.10
CA ASP A 11 -10.95 -15.12 11.01
C ASP A 11 -9.90 -14.01 11.10
N ALA A 12 -9.17 -13.98 12.20
CA ALA A 12 -8.14 -12.97 12.41
C ALA A 12 -7.07 -13.04 11.33
N VAL A 13 -6.70 -14.26 10.94
CA VAL A 13 -5.69 -14.47 9.92
C VAL A 13 -6.17 -13.96 8.57
N GLU A 14 -7.49 -13.98 8.36
CA GLU A 14 -8.07 -13.53 7.11
C GLU A 14 -7.90 -12.02 6.95
N ILE A 15 -8.55 -11.26 7.83
CA ILE A 15 -8.47 -9.80 7.78
C ILE A 15 -7.03 -9.34 7.65
N GLU A 16 -6.13 -9.99 8.37
CA GLU A 16 -4.72 -9.64 8.33
C GLU A 16 -4.14 -9.90 6.94
N THR A 17 -4.45 -11.07 6.38
CA THR A 17 -3.95 -11.44 5.07
C THR A 17 -4.47 -10.48 4.00
N LEU A 18 -5.68 -9.97 4.19
CA LEU A 18 -6.28 -9.04 3.25
C LEU A 18 -5.43 -7.77 3.11
N ARG A 19 -5.05 -7.21 4.25
CA ARG A 19 -4.24 -5.99 4.26
C ARG A 19 -2.91 -6.23 3.57
N LYS A 20 -2.28 -7.36 3.86
CA LYS A 20 -1.00 -7.70 3.26
C LYS A 20 -1.11 -7.80 1.74
N THR A 21 -2.08 -8.57 1.27
CA THR A 21 -2.29 -8.75 -0.16
C THR A 21 -2.40 -7.39 -0.86
N VAL A 22 -3.22 -6.51 -0.31
CA VAL A 22 -3.41 -5.18 -0.88
C VAL A 22 -2.14 -4.34 -0.77
N GLU A 23 -1.42 -4.52 0.32
CA GLU A 23 -0.18 -3.78 0.56
C GLU A 23 0.78 -3.97 -0.61
N ASP A 24 0.90 -5.21 -1.08
CA ASP A 24 1.79 -5.53 -2.18
C ASP A 24 1.30 -4.88 -3.48
N TYR A 25 0.03 -5.09 -3.79
CA TYR A 25 -0.56 -4.54 -5.00
C TYR A 25 -0.12 -3.09 -5.21
N PHE A 26 -0.51 -2.22 -4.29
CA PHE A 26 -0.15 -0.81 -4.37
C PHE A 26 1.31 -0.64 -4.76
N CYS A 27 2.16 -1.54 -4.27
CA CYS A 27 3.58 -1.50 -4.56
C CYS A 27 3.86 -1.92 -5.99
N PHE A 28 3.10 -2.90 -6.48
CA PHE A 28 3.26 -3.40 -7.84
C PHE A 28 2.88 -2.33 -8.86
N CYS A 29 1.73 -1.70 -8.64
CA CYS A 29 1.25 -0.66 -9.55
C CYS A 29 2.19 0.54 -9.55
N TYR A 30 2.69 0.89 -8.37
CA TYR A 30 3.61 2.03 -8.24
C TYR A 30 4.95 1.72 -8.88
N GLY A 31 5.50 0.54 -8.56
CA GLY A 31 6.78 0.14 -9.12
C GLY A 31 6.68 -0.24 -10.57
N LYS A 32 5.52 -0.73 -10.99
CA LYS A 32 5.30 -1.14 -12.37
C LYS A 32 5.32 0.07 -13.30
N ALA A 33 4.58 1.11 -12.92
CA ALA A 33 4.51 2.33 -13.72
C ALA A 33 5.88 3.00 -13.82
N LEU A 34 6.67 2.86 -12.76
CA LEU A 34 8.01 3.46 -12.72
C LEU A 34 8.89 2.89 -13.83
N GLY A 35 8.71 1.60 -14.10
CA GLY A 35 9.50 0.95 -15.14
C GLY A 35 10.65 0.14 -14.57
N LYS A 36 10.52 -0.27 -13.32
CA LYS A 36 11.55 -1.07 -12.66
C LYS A 36 11.28 -2.56 -12.82
N SER A 37 12.18 -3.38 -12.29
CA SER A 37 12.04 -4.83 -12.37
C SER A 37 11.66 -5.42 -11.01
N THR A 38 11.16 -4.56 -10.13
CA THR A 38 10.75 -4.99 -8.79
C THR A 38 9.68 -4.08 -8.23
N VAL A 39 8.99 -4.57 -7.18
CA VAL A 39 7.93 -3.80 -6.55
C VAL A 39 8.50 -2.71 -5.64
N VAL A 40 7.81 -1.58 -5.57
CA VAL A 40 8.26 -0.47 -4.73
C VAL A 40 7.23 -0.16 -3.64
N PRO A 41 7.72 0.03 -2.42
CA PRO A 41 6.86 0.33 -1.26
C PRO A 41 6.27 1.74 -1.34
N VAL A 42 4.94 1.81 -1.43
CA VAL A 42 4.26 3.09 -1.51
C VAL A 42 4.31 3.83 -0.17
N PRO A 43 5.05 4.95 -0.15
CA PRO A 43 5.20 5.77 1.06
C PRO A 43 3.90 6.49 1.43
N TYR A 44 2.99 5.77 2.07
CA TYR A 44 1.72 6.34 2.49
C TYR A 44 1.93 7.66 3.21
N GLU A 45 2.82 7.66 4.20
CA GLU A 45 3.12 8.86 4.97
C GLU A 45 3.28 10.07 4.07
N LYS A 46 4.12 9.91 3.05
CA LYS A 46 4.38 11.00 2.10
C LYS A 46 3.17 11.22 1.20
N MET A 47 2.74 10.17 0.53
CA MET A 47 1.59 10.26 -0.37
C MET A 47 0.40 10.93 0.32
N LEU A 48 0.44 10.94 1.66
CA LEU A 48 -0.63 11.56 2.44
C LEU A 48 -0.48 13.07 2.47
N ARG A 49 0.76 13.54 2.50
CA ARG A 49 1.03 14.97 2.53
C ARG A 49 0.89 15.59 1.15
N ASP A 50 1.36 14.86 0.14
CA ASP A 50 1.29 15.34 -1.24
C ASP A 50 0.75 14.24 -2.16
N GLN A 51 -0.54 14.32 -2.47
CA GLN A 51 -1.18 13.34 -3.34
C GLN A 51 -1.02 13.73 -4.81
N SER A 52 0.18 14.16 -5.18
CA SER A 52 0.47 14.56 -6.55
C SER A 52 1.55 13.68 -7.16
N ALA A 53 2.70 13.63 -6.51
CA ALA A 53 3.82 12.82 -6.98
C ALA A 53 3.33 11.55 -7.68
N VAL A 54 2.25 10.99 -7.14
CA VAL A 54 1.68 9.77 -7.71
C VAL A 54 0.18 9.68 -7.43
N VAL A 55 -0.61 9.56 -8.48
CA VAL A 55 -2.07 9.46 -8.34
C VAL A 55 -2.52 8.01 -8.31
N VAL A 56 -3.72 7.78 -7.81
CA VAL A 56 -4.28 6.43 -7.72
C VAL A 56 -5.72 6.40 -8.22
N GLN A 57 -5.97 5.57 -9.22
CA GLN A 57 -7.30 5.44 -9.79
C GLN A 57 -7.87 4.05 -9.54
N GLY A 58 -9.17 3.89 -9.76
CA GLY A 58 -9.82 2.61 -9.56
C GLY A 58 -10.39 2.47 -8.16
N LEU A 59 -10.28 3.53 -7.37
CA LEU A 59 -10.77 3.52 -5.99
C LEU A 59 -12.29 3.65 -5.97
N PRO A 60 -12.92 3.11 -4.92
CA PRO A 60 -14.37 3.16 -4.75
C PRO A 60 -14.88 4.55 -4.45
N GLU A 61 -16.17 4.67 -4.14
CA GLU A 61 -16.78 5.96 -3.84
C GLU A 61 -16.55 6.33 -2.38
N GLY A 62 -16.69 7.62 -2.08
CA GLY A 62 -16.49 8.09 -0.72
C GLY A 62 -15.24 7.52 -0.08
N VAL A 63 -14.23 7.25 -0.90
CA VAL A 63 -12.98 6.68 -0.41
C VAL A 63 -11.79 7.59 -0.74
N ALA A 64 -10.73 7.48 0.04
CA ALA A 64 -9.54 8.29 -0.17
C ALA A 64 -8.27 7.46 0.00
N PHE A 65 -7.44 7.43 -1.04
CA PHE A 65 -6.20 6.66 -1.00
C PHE A 65 -5.58 6.69 0.40
N LYS A 66 -5.43 5.52 0.99
CA LYS A 66 -4.86 5.41 2.33
C LYS A 66 -4.46 3.96 2.63
N HIS A 67 -3.75 3.77 3.74
CA HIS A 67 -3.32 2.44 4.14
C HIS A 67 -4.42 1.41 3.92
N PRO A 68 -4.03 0.21 3.45
CA PRO A 68 -4.97 -0.88 3.19
C PRO A 68 -5.56 -1.46 4.47
N GLU A 69 -5.11 -0.95 5.61
CA GLU A 69 -5.60 -1.41 6.90
C GLU A 69 -6.72 -0.52 7.41
N ASN A 70 -6.76 0.72 6.91
CA ASN A 70 -7.77 1.67 7.32
C ASN A 70 -9.11 1.39 6.63
N TYR A 71 -9.06 0.56 5.59
CA TYR A 71 -10.26 0.20 4.85
C TYR A 71 -10.99 -0.96 5.51
N ASP A 72 -12.23 -0.72 5.93
CA ASP A 72 -13.04 -1.74 6.57
C ASP A 72 -12.94 -3.06 5.83
N LEU A 73 -12.91 -4.16 6.59
CA LEU A 73 -12.81 -5.49 5.99
C LEU A 73 -13.59 -5.57 4.69
N ALA A 74 -14.88 -5.20 4.75
CA ALA A 74 -15.73 -5.22 3.56
C ALA A 74 -15.13 -4.40 2.43
N THR A 75 -14.58 -3.24 2.78
CA THR A 75 -13.97 -2.37 1.78
C THR A 75 -12.74 -3.01 1.15
N LEU A 76 -11.86 -3.52 2.00
CA LEU A 76 -10.63 -4.17 1.52
C LEU A 76 -10.95 -5.18 0.41
N LYS A 77 -11.92 -6.06 0.67
CA LYS A 77 -12.32 -7.06 -0.30
C LYS A 77 -12.61 -6.43 -1.66
N TRP A 78 -13.30 -5.29 -1.63
CA TRP A 78 -13.64 -4.58 -2.87
C TRP A 78 -12.38 -4.27 -3.68
N ILE A 79 -11.44 -3.58 -3.05
CA ILE A 79 -10.20 -3.21 -3.71
C ILE A 79 -9.60 -4.39 -4.46
N LEU A 80 -9.45 -5.52 -3.76
CA LEU A 80 -8.91 -6.72 -4.37
C LEU A 80 -9.76 -7.20 -5.54
N GLU A 81 -11.07 -6.96 -5.43
CA GLU A 81 -11.99 -7.37 -6.49
C GLU A 81 -11.77 -6.53 -7.75
N ASN A 82 -11.82 -5.22 -7.59
CA ASN A 82 -11.62 -4.31 -8.73
C ASN A 82 -10.21 -3.76 -8.74
N LYS A 83 -9.24 -4.62 -8.39
CA LYS A 83 -7.84 -4.22 -8.36
C LYS A 83 -7.26 -4.20 -9.78
N ALA A 84 -7.56 -5.25 -10.55
CA ALA A 84 -7.06 -5.34 -11.91
C ALA A 84 -7.18 -4.01 -12.64
N GLY A 85 -8.19 -3.22 -12.27
CA GLY A 85 -8.39 -1.92 -12.89
C GLY A 85 -7.55 -0.84 -12.26
N ILE A 86 -7.51 -0.82 -10.94
CA ILE A 86 -6.72 0.18 -10.22
C ILE A 86 -5.41 0.48 -10.95
N SER A 87 -5.23 1.73 -11.34
CA SER A 87 -4.02 2.15 -12.04
C SER A 87 -3.25 3.18 -11.22
N PHE A 88 -2.00 3.42 -11.61
CA PHE A 88 -1.14 4.37 -10.92
C PHE A 88 -0.43 5.28 -11.91
N ILE A 89 -0.62 6.59 -11.74
CA ILE A 89 0.02 7.57 -12.62
C ILE A 89 1.11 8.33 -11.89
N ILE A 90 2.36 8.10 -12.28
CA ILE A 90 3.49 8.77 -11.68
C ILE A 90 3.70 10.15 -12.27
N LYS A 91 3.49 11.19 -11.45
CA LYS A 91 3.65 12.56 -11.90
C LYS A 91 5.07 13.06 -11.61
N ARG A 92 5.67 12.54 -10.55
CA ARG A 92 7.02 12.93 -10.17
C ARG A 92 7.48 12.14 -8.94
N PRO A 93 8.76 11.74 -8.95
CA PRO A 93 9.36 10.97 -7.85
C PRO A 93 9.53 11.81 -6.59
N PHE A 94 9.43 11.17 -5.43
CA PHE A 94 9.58 11.86 -4.16
C PHE A 94 11.03 12.29 -3.94
N LEU A 95 11.24 13.59 -3.83
CA LEU A 95 12.58 14.13 -3.61
C LEU A 95 12.69 14.81 -2.25
N GLU A 96 13.69 14.43 -1.47
CA GLU A 96 13.89 15.01 -0.15
C GLU A 96 15.22 14.55 0.45
N PRO A 97 15.90 15.45 1.16
CA PRO A 97 17.19 15.16 1.80
C PRO A 97 17.05 14.19 2.97
N LYS A 98 18.15 13.97 3.69
CA LYS A 98 18.14 13.07 4.84
C LYS A 98 19.42 13.23 5.65
N LYS A 99 19.40 12.75 6.89
CA LYS A 99 20.55 12.83 7.78
C LYS A 99 21.84 12.63 7.00
N HIS A 100 22.00 11.43 6.41
CA HIS A 100 23.19 11.12 5.64
C HIS A 100 24.45 11.60 6.35
N VAL A 101 24.61 11.19 7.59
CA VAL A 101 25.77 11.58 8.38
C VAL A 101 26.88 10.53 8.31
N GLY A 102 27.21 10.12 7.09
CA GLY A 102 28.25 9.12 6.90
C GLY A 102 28.00 7.87 7.72
N GLY A 103 28.76 7.70 8.80
CA GLY A 103 28.60 6.54 9.64
C GLY A 103 29.26 6.71 10.99
N SER A 104 28.61 6.21 12.04
CA SER A 104 29.12 6.32 13.40
C SER A 104 28.91 5.02 14.17
N GLY A 105 30.02 4.39 14.57
CA GLY A 105 29.94 3.15 15.31
C GLY A 105 29.23 3.31 16.63
N PRO A 106 28.12 2.57 16.82
CA PRO A 106 27.33 2.62 18.05
C PRO A 106 28.06 1.99 19.23
N SER A 107 28.48 2.82 20.17
CA SER A 107 29.18 2.36 21.36
C SER A 107 28.22 2.12 22.52
N SER A 108 28.20 0.88 23.02
CA SER A 108 27.33 0.53 24.13
C SER A 108 28.11 0.41 25.43
N GLY A 109 27.70 1.17 26.43
CA GLY A 109 28.36 1.14 27.72
C GLY A 109 27.41 1.30 28.88
N GLY A 1 -13.66 -3.03 27.32
CA GLY A 1 -12.45 -3.73 27.71
C GLY A 1 -12.74 -4.91 28.60
N SER A 2 -13.68 -5.76 28.19
CA SER A 2 -14.06 -6.93 28.97
C SER A 2 -13.16 -8.11 28.64
N SER A 3 -12.98 -9.01 29.61
CA SER A 3 -12.14 -10.18 29.43
C SER A 3 -12.60 -11.00 28.22
N GLY A 4 -11.70 -11.19 27.27
CA GLY A 4 -12.02 -11.96 26.08
C GLY A 4 -10.98 -13.00 25.76
N SER A 5 -10.72 -13.21 24.47
CA SER A 5 -9.75 -14.19 24.02
C SER A 5 -8.43 -13.52 23.64
N SER A 6 -7.34 -14.28 23.70
CA SER A 6 -6.03 -13.76 23.36
C SER A 6 -5.35 -14.61 22.29
N GLY A 7 -4.46 -14.01 21.52
CA GLY A 7 -3.76 -14.73 20.47
C GLY A 7 -4.28 -14.38 19.10
N MET A 8 -4.30 -15.36 18.21
CA MET A 8 -4.79 -15.16 16.85
C MET A 8 -6.10 -15.89 16.61
N SER A 9 -7.15 -15.13 16.31
CA SER A 9 -8.47 -15.70 16.08
C SER A 9 -8.51 -16.43 14.74
N VAL A 10 -9.54 -17.24 14.53
CA VAL A 10 -9.70 -18.00 13.31
C VAL A 10 -9.90 -17.06 12.11
N ASP A 11 -10.71 -16.03 12.31
CA ASP A 11 -10.98 -15.06 11.25
C ASP A 11 -9.91 -13.96 11.23
N ALA A 12 -9.11 -13.91 12.28
CA ALA A 12 -8.06 -12.91 12.39
C ALA A 12 -7.04 -13.06 11.25
N VAL A 13 -6.69 -14.30 10.94
CA VAL A 13 -5.73 -14.58 9.88
C VAL A 13 -6.24 -14.05 8.54
N GLU A 14 -7.55 -14.09 8.35
CA GLU A 14 -8.15 -13.61 7.11
C GLU A 14 -7.99 -12.10 6.97
N ILE A 15 -8.66 -11.36 7.86
CA ILE A 15 -8.59 -9.90 7.84
C ILE A 15 -7.15 -9.42 7.75
N GLU A 16 -6.25 -10.14 8.41
CA GLU A 16 -4.83 -9.78 8.41
C GLU A 16 -4.21 -10.06 7.04
N THR A 17 -4.55 -11.21 6.46
CA THR A 17 -4.03 -11.59 5.16
C THR A 17 -4.50 -10.64 4.07
N LEU A 18 -5.76 -10.23 4.15
CA LEU A 18 -6.34 -9.32 3.17
C LEU A 18 -5.55 -8.02 3.11
N ARG A 19 -5.24 -7.46 4.28
CA ARG A 19 -4.49 -6.22 4.36
C ARG A 19 -3.16 -6.34 3.62
N LYS A 20 -2.57 -7.53 3.64
CA LYS A 20 -1.30 -7.78 2.97
C LYS A 20 -1.47 -7.76 1.46
N THR A 21 -2.35 -8.63 0.95
CA THR A 21 -2.61 -8.70 -0.48
C THR A 21 -2.66 -7.32 -1.11
N VAL A 22 -3.38 -6.41 -0.47
CA VAL A 22 -3.50 -5.04 -0.96
C VAL A 22 -2.20 -4.27 -0.78
N GLU A 23 -1.50 -4.54 0.32
CA GLU A 23 -0.24 -3.88 0.61
C GLU A 23 0.77 -4.08 -0.52
N ASP A 24 0.81 -5.31 -1.03
CA ASP A 24 1.73 -5.65 -2.13
C ASP A 24 1.25 -5.04 -3.44
N TYR A 25 -0.05 -5.12 -3.68
CA TYR A 25 -0.64 -4.60 -4.91
C TYR A 25 -0.19 -3.16 -5.15
N PHE A 26 -0.53 -2.28 -4.21
CA PHE A 26 -0.17 -0.88 -4.31
C PHE A 26 1.30 -0.72 -4.70
N CYS A 27 2.15 -1.60 -4.19
CA CYS A 27 3.57 -1.56 -4.48
C CYS A 27 3.84 -1.97 -5.93
N PHE A 28 3.16 -3.00 -6.38
CA PHE A 28 3.31 -3.48 -7.74
C PHE A 28 2.99 -2.40 -8.76
N CYS A 29 1.78 -1.86 -8.66
CA CYS A 29 1.34 -0.80 -9.57
C CYS A 29 2.33 0.36 -9.57
N TYR A 30 2.73 0.79 -8.38
CA TYR A 30 3.67 1.90 -8.25
C TYR A 30 4.98 1.58 -8.95
N GLY A 31 5.73 0.62 -8.43
CA GLY A 31 6.99 0.24 -9.02
C GLY A 31 6.85 -0.12 -10.49
N LYS A 32 5.70 -0.67 -10.86
CA LYS A 32 5.45 -1.05 -12.24
C LYS A 32 5.36 0.17 -13.15
N ALA A 33 4.69 1.21 -12.67
CA ALA A 33 4.53 2.44 -13.43
C ALA A 33 5.86 3.18 -13.55
N LEU A 34 6.72 3.00 -12.56
CA LEU A 34 8.04 3.64 -12.56
C LEU A 34 8.90 3.13 -13.70
N GLY A 35 8.71 1.87 -14.07
CA GLY A 35 9.48 1.29 -15.14
C GLY A 35 10.66 0.46 -14.65
N LYS A 36 10.55 -0.03 -13.42
CA LYS A 36 11.61 -0.82 -12.81
C LYS A 36 11.36 -2.31 -13.03
N SER A 37 12.27 -3.14 -12.53
CA SER A 37 12.14 -4.58 -12.66
C SER A 37 11.82 -5.23 -11.32
N THR A 38 11.28 -4.43 -10.40
CA THR A 38 10.92 -4.93 -9.07
C THR A 38 9.83 -4.07 -8.44
N VAL A 39 9.14 -4.63 -7.46
CA VAL A 39 8.07 -3.91 -6.78
C VAL A 39 8.63 -2.85 -5.84
N VAL A 40 7.92 -1.72 -5.74
CA VAL A 40 8.36 -0.62 -4.88
C VAL A 40 7.29 -0.29 -3.85
N PRO A 41 7.73 -0.02 -2.61
CA PRO A 41 6.83 0.31 -1.51
C PRO A 41 6.21 1.70 -1.67
N VAL A 42 4.88 1.76 -1.57
CA VAL A 42 4.16 3.02 -1.71
C VAL A 42 4.38 3.92 -0.50
N PRO A 43 5.10 5.03 -0.70
CA PRO A 43 5.40 6.00 0.36
C PRO A 43 4.15 6.76 0.81
N TYR A 44 3.36 6.13 1.67
CA TYR A 44 2.14 6.75 2.17
C TYR A 44 2.44 8.10 2.82
N GLU A 45 3.07 8.07 3.99
CA GLU A 45 3.41 9.29 4.70
C GLU A 45 3.62 10.45 3.73
N LYS A 46 4.61 10.30 2.85
CA LYS A 46 4.92 11.33 1.86
C LYS A 46 3.68 11.68 1.04
N MET A 47 3.01 10.66 0.53
CA MET A 47 1.81 10.85 -0.29
C MET A 47 0.76 11.62 0.49
N LEU A 48 0.37 11.11 1.65
CA LEU A 48 -0.63 11.75 2.49
C LEU A 48 -0.43 13.26 2.50
N ARG A 49 0.82 13.70 2.44
CA ARG A 49 1.15 15.12 2.44
C ARG A 49 0.91 15.73 1.06
N ASP A 50 1.31 15.01 0.02
CA ASP A 50 1.14 15.48 -1.35
C ASP A 50 0.59 14.37 -2.24
N GLN A 51 -0.73 14.36 -2.42
CA GLN A 51 -1.38 13.35 -3.25
C GLN A 51 -1.26 13.70 -4.73
N SER A 52 -0.06 14.15 -5.13
CA SER A 52 0.18 14.51 -6.52
C SER A 52 1.27 13.65 -7.13
N ALA A 53 2.45 13.66 -6.51
CA ALA A 53 3.58 12.87 -6.99
C ALA A 53 3.10 11.57 -7.63
N VAL A 54 2.07 10.98 -7.05
CA VAL A 54 1.52 9.73 -7.56
C VAL A 54 0.01 9.65 -7.32
N VAL A 55 -0.76 9.54 -8.40
CA VAL A 55 -2.20 9.45 -8.31
C VAL A 55 -2.68 8.01 -8.39
N VAL A 56 -3.76 7.71 -7.68
CA VAL A 56 -4.32 6.36 -7.68
C VAL A 56 -5.70 6.33 -8.31
N GLN A 57 -5.92 5.40 -9.23
CA GLN A 57 -7.21 5.28 -9.91
C GLN A 57 -7.79 3.88 -9.69
N GLY A 58 -9.08 3.73 -10.01
CA GLY A 58 -9.74 2.45 -9.86
C GLY A 58 -10.25 2.23 -8.44
N LEU A 59 -10.37 3.32 -7.69
CA LEU A 59 -10.84 3.24 -6.31
C LEU A 59 -12.35 3.44 -6.24
N PRO A 60 -12.97 2.95 -5.15
CA PRO A 60 -14.41 3.08 -4.94
C PRO A 60 -14.84 4.51 -4.67
N GLU A 61 -16.10 4.68 -4.26
CA GLU A 61 -16.63 6.00 -3.97
C GLU A 61 -16.55 6.30 -2.47
N GLY A 62 -16.70 7.57 -2.12
CA GLY A 62 -16.64 7.96 -0.73
C GLY A 62 -15.38 7.48 -0.04
N VAL A 63 -14.41 7.03 -0.83
CA VAL A 63 -13.16 6.53 -0.29
C VAL A 63 -12.02 7.54 -0.51
N ALA A 64 -10.84 7.22 0.02
CA ALA A 64 -9.69 8.09 -0.12
C ALA A 64 -8.39 7.30 0.05
N PHE A 65 -7.59 7.27 -1.00
CA PHE A 65 -6.32 6.55 -0.97
C PHE A 65 -5.69 6.62 0.42
N LYS A 66 -5.40 5.45 0.98
CA LYS A 66 -4.79 5.37 2.30
C LYS A 66 -4.31 3.95 2.60
N HIS A 67 -3.74 3.76 3.79
CA HIS A 67 -3.24 2.45 4.19
C HIS A 67 -4.32 1.39 4.02
N PRO A 68 -3.90 0.18 3.57
CA PRO A 68 -4.82 -0.94 3.35
C PRO A 68 -5.36 -1.50 4.66
N GLU A 69 -4.84 -1.00 5.78
CA GLU A 69 -5.26 -1.46 7.09
C GLU A 69 -6.38 -0.57 7.64
N ASN A 70 -6.51 0.62 7.08
CA ASN A 70 -7.54 1.56 7.51
C ASN A 70 -8.89 1.22 6.89
N TYR A 71 -8.86 0.40 5.85
CA TYR A 71 -10.08 -0.01 5.16
C TYR A 71 -10.73 -1.19 5.88
N ASP A 72 -12.05 -1.10 6.07
CA ASP A 72 -12.79 -2.15 6.74
C ASP A 72 -12.77 -3.44 5.92
N LEU A 73 -12.76 -4.58 6.61
CA LEU A 73 -12.74 -5.87 5.95
C LEU A 73 -13.60 -5.86 4.70
N ALA A 74 -14.77 -5.22 4.78
CA ALA A 74 -15.68 -5.13 3.66
C ALA A 74 -15.03 -4.41 2.48
N THR A 75 -14.50 -3.22 2.72
CA THR A 75 -13.85 -2.44 1.68
C THR A 75 -12.66 -3.19 1.09
N LEU A 76 -11.77 -3.64 1.96
CA LEU A 76 -10.58 -4.38 1.53
C LEU A 76 -10.92 -5.34 0.39
N LYS A 77 -11.94 -6.16 0.60
CA LYS A 77 -12.37 -7.12 -0.41
C LYS A 77 -12.62 -6.42 -1.74
N TRP A 78 -13.38 -5.34 -1.70
CA TRP A 78 -13.69 -4.58 -2.91
C TRP A 78 -12.43 -4.27 -3.71
N ILE A 79 -11.51 -3.55 -3.08
CA ILE A 79 -10.25 -3.20 -3.74
C ILE A 79 -9.70 -4.36 -4.55
N LEU A 80 -9.57 -5.51 -3.91
CA LEU A 80 -9.06 -6.71 -4.58
C LEU A 80 -9.96 -7.11 -5.74
N GLU A 81 -11.27 -6.95 -5.55
CA GLU A 81 -12.23 -7.29 -6.59
C GLU A 81 -12.02 -6.44 -7.84
N ASN A 82 -12.00 -5.12 -7.65
CA ASN A 82 -11.81 -4.19 -8.76
C ASN A 82 -10.37 -3.70 -8.81
N LYS A 83 -9.43 -4.59 -8.50
CA LYS A 83 -8.01 -4.24 -8.51
C LYS A 83 -7.46 -4.30 -9.93
N ALA A 84 -7.74 -5.39 -10.63
CA ALA A 84 -7.28 -5.56 -12.00
C ALA A 84 -7.32 -4.24 -12.77
N GLY A 85 -8.23 -3.35 -12.35
CA GLY A 85 -8.37 -2.07 -13.02
C GLY A 85 -7.55 -0.99 -12.35
N ILE A 86 -7.42 -1.08 -11.03
CA ILE A 86 -6.64 -0.09 -10.27
C ILE A 86 -5.34 0.26 -10.99
N SER A 87 -5.16 1.54 -11.27
CA SER A 87 -3.96 2.00 -11.96
C SER A 87 -3.25 3.09 -11.14
N PHE A 88 -1.99 3.34 -11.47
CA PHE A 88 -1.20 4.35 -10.78
C PHE A 88 -0.50 5.28 -11.76
N ILE A 89 -0.74 6.58 -11.61
CA ILE A 89 -0.14 7.57 -12.49
C ILE A 89 0.97 8.34 -11.78
N ILE A 90 2.21 8.11 -12.18
CA ILE A 90 3.35 8.79 -11.58
C ILE A 90 3.57 10.16 -12.20
N LYS A 91 3.37 11.20 -11.41
CA LYS A 91 3.54 12.57 -11.88
C LYS A 91 4.97 13.05 -11.62
N ARG A 92 5.60 12.51 -10.59
CA ARG A 92 6.96 12.89 -10.23
C ARG A 92 7.44 12.10 -9.02
N PRO A 93 8.70 11.61 -9.09
CA PRO A 93 9.31 10.84 -8.02
C PRO A 93 9.61 11.69 -6.78
N PHE A 94 9.20 11.19 -5.61
CA PHE A 94 9.43 11.90 -4.36
C PHE A 94 10.90 12.30 -4.22
N LEU A 95 11.17 13.15 -3.23
CA LEU A 95 12.54 13.60 -2.99
C LEU A 95 13.09 13.00 -1.70
N GLU A 96 14.18 12.25 -1.81
CA GLU A 96 14.81 11.62 -0.65
C GLU A 96 16.32 11.63 -0.78
N PRO A 97 17.01 11.96 0.32
CA PRO A 97 18.47 12.01 0.36
C PRO A 97 19.10 10.63 0.27
N LYS A 98 20.41 10.55 0.52
CA LYS A 98 21.12 9.29 0.47
C LYS A 98 21.70 8.93 1.84
N LYS A 99 21.86 7.64 2.09
CA LYS A 99 22.40 7.17 3.36
C LYS A 99 23.92 7.25 3.37
N HIS A 100 24.53 6.92 4.50
CA HIS A 100 25.98 6.96 4.64
C HIS A 100 26.41 6.41 5.99
N VAL A 101 27.31 5.43 5.97
CA VAL A 101 27.81 4.81 7.20
C VAL A 101 29.34 4.73 7.19
N GLY A 102 29.92 4.68 8.38
CA GLY A 102 31.36 4.59 8.49
C GLY A 102 31.89 3.20 8.21
N GLY A 103 33.03 2.86 8.82
CA GLY A 103 33.61 1.54 8.62
C GLY A 103 33.96 0.86 9.93
N SER A 104 32.95 0.57 10.73
CA SER A 104 33.15 -0.09 12.02
C SER A 104 32.47 -1.44 12.05
N GLY A 105 33.23 -2.48 12.36
CA GLY A 105 32.68 -3.82 12.42
C GLY A 105 33.75 -4.90 12.34
N PRO A 106 33.34 -6.11 11.94
CA PRO A 106 34.25 -7.26 11.82
C PRO A 106 35.21 -7.09 10.65
N SER A 107 36.49 -7.36 10.90
CA SER A 107 37.52 -7.24 9.87
C SER A 107 38.11 -8.61 9.54
N SER A 108 38.47 -8.80 8.27
CA SER A 108 39.04 -10.05 7.82
C SER A 108 40.57 -9.96 7.76
N GLY A 109 41.06 -8.87 7.18
CA GLY A 109 42.49 -8.68 7.06
C GLY A 109 42.91 -8.18 5.69
N GLY A 1 -13.71 7.07 21.30
CA GLY A 1 -14.60 6.02 20.84
C GLY A 1 -13.87 4.94 20.08
N SER A 2 -14.03 3.70 20.52
CA SER A 2 -13.38 2.56 19.88
C SER A 2 -14.38 1.72 19.11
N SER A 3 -13.88 0.95 18.15
CA SER A 3 -14.74 0.09 17.32
C SER A 3 -14.06 -1.25 17.05
N GLY A 4 -14.61 -2.31 17.64
CA GLY A 4 -14.04 -3.64 17.44
C GLY A 4 -13.50 -4.22 18.73
N SER A 5 -12.75 -5.32 18.60
CA SER A 5 -12.18 -5.99 19.76
C SER A 5 -10.71 -6.33 19.51
N SER A 6 -10.06 -6.90 20.53
CA SER A 6 -8.65 -7.27 20.42
C SER A 6 -8.45 -8.74 20.79
N GLY A 7 -7.37 -9.33 20.27
CA GLY A 7 -7.09 -10.72 20.55
C GLY A 7 -6.98 -11.56 19.29
N MET A 8 -6.56 -12.81 19.45
CA MET A 8 -6.43 -13.71 18.31
C MET A 8 -7.74 -14.41 18.01
N SER A 9 -7.91 -14.83 16.75
CA SER A 9 -9.13 -15.50 16.34
C SER A 9 -8.92 -16.24 15.01
N VAL A 10 -9.92 -16.99 14.59
CA VAL A 10 -9.85 -17.74 13.34
C VAL A 10 -9.83 -16.79 12.14
N ASP A 11 -10.75 -15.84 12.13
CA ASP A 11 -10.85 -14.87 11.05
C ASP A 11 -9.76 -13.81 11.17
N ALA A 12 -9.19 -13.69 12.36
CA ALA A 12 -8.14 -12.71 12.61
C ALA A 12 -7.06 -12.77 11.54
N VAL A 13 -6.71 -13.98 11.12
CA VAL A 13 -5.70 -14.17 10.09
C VAL A 13 -6.19 -13.70 8.73
N GLU A 14 -7.47 -13.96 8.45
CA GLU A 14 -8.06 -13.55 7.18
C GLU A 14 -7.98 -12.04 7.00
N ILE A 15 -8.65 -11.30 7.86
CA ILE A 15 -8.65 -9.85 7.79
C ILE A 15 -7.23 -9.30 7.66
N GLU A 16 -6.28 -9.99 8.31
CA GLU A 16 -4.89 -9.58 8.26
C GLU A 16 -4.28 -9.86 6.89
N THR A 17 -4.54 -11.04 6.36
CA THR A 17 -4.02 -11.44 5.06
C THR A 17 -4.52 -10.50 3.97
N LEU A 18 -5.76 -10.04 4.11
CA LEU A 18 -6.35 -9.14 3.13
C LEU A 18 -5.57 -7.83 3.04
N ARG A 19 -5.18 -7.31 4.21
CA ARG A 19 -4.43 -6.05 4.26
C ARG A 19 -3.08 -6.20 3.56
N LYS A 20 -2.42 -7.34 3.78
CA LYS A 20 -1.13 -7.60 3.17
C LYS A 20 -1.26 -7.72 1.65
N THR A 21 -2.15 -8.59 1.20
CA THR A 21 -2.37 -8.80 -0.23
C THR A 21 -2.46 -7.47 -0.97
N VAL A 22 -3.29 -6.56 -0.46
CA VAL A 22 -3.46 -5.26 -1.07
C VAL A 22 -2.20 -4.42 -0.94
N GLU A 23 -1.56 -4.49 0.22
CA GLU A 23 -0.34 -3.75 0.47
C GLU A 23 0.67 -3.96 -0.65
N ASP A 24 0.88 -5.22 -1.02
CA ASP A 24 1.81 -5.55 -2.09
C ASP A 24 1.36 -4.96 -3.42
N TYR A 25 0.11 -5.21 -3.78
CA TYR A 25 -0.44 -4.70 -5.04
C TYR A 25 -0.01 -3.26 -5.27
N PHE A 26 -0.45 -2.37 -4.39
CA PHE A 26 -0.12 -0.96 -4.50
C PHE A 26 1.34 -0.77 -4.89
N CYS A 27 2.21 -1.61 -4.33
CA CYS A 27 3.64 -1.53 -4.62
C CYS A 27 3.91 -1.91 -6.07
N PHE A 28 3.29 -2.99 -6.53
CA PHE A 28 3.47 -3.44 -7.90
C PHE A 28 3.10 -2.36 -8.90
N CYS A 29 1.91 -1.79 -8.73
CA CYS A 29 1.43 -0.74 -9.62
C CYS A 29 2.38 0.46 -9.60
N TYR A 30 2.82 0.83 -8.41
CA TYR A 30 3.73 1.96 -8.26
C TYR A 30 5.05 1.71 -8.99
N GLY A 31 5.77 0.69 -8.55
CA GLY A 31 7.04 0.35 -9.17
C GLY A 31 6.89 0.03 -10.65
N LYS A 32 5.73 -0.50 -11.02
CA LYS A 32 5.47 -0.85 -12.40
C LYS A 32 5.40 0.39 -13.29
N ALA A 33 4.73 1.43 -12.79
CA ALA A 33 4.60 2.67 -13.53
C ALA A 33 5.94 3.38 -13.65
N LEU A 34 6.77 3.25 -12.62
CA LEU A 34 8.09 3.88 -12.61
C LEU A 34 8.95 3.36 -13.75
N GLY A 35 8.79 2.08 -14.07
CA GLY A 35 9.56 1.48 -15.14
C GLY A 35 10.74 0.70 -14.62
N LYS A 36 10.62 0.16 -13.41
CA LYS A 36 11.70 -0.61 -12.80
C LYS A 36 11.48 -2.10 -13.02
N SER A 37 12.40 -2.92 -12.52
CA SER A 37 12.31 -4.36 -12.67
C SER A 37 11.98 -5.03 -11.33
N THR A 38 11.39 -4.25 -10.42
CA THR A 38 11.03 -4.76 -9.11
C THR A 38 9.88 -3.96 -8.51
N VAL A 39 9.39 -4.41 -7.35
CA VAL A 39 8.29 -3.73 -6.68
C VAL A 39 8.81 -2.64 -5.74
N VAL A 40 8.10 -1.53 -5.69
CA VAL A 40 8.48 -0.41 -4.84
C VAL A 40 7.42 -0.15 -3.76
N PRO A 41 7.87 0.01 -2.52
CA PRO A 41 6.99 0.27 -1.38
C PRO A 41 6.36 1.67 -1.44
N VAL A 42 5.03 1.72 -1.56
CA VAL A 42 4.33 2.99 -1.62
C VAL A 42 4.42 3.74 -0.30
N PRO A 43 5.12 4.87 -0.30
CA PRO A 43 5.31 5.70 0.89
C PRO A 43 4.02 6.40 1.30
N TYR A 44 3.14 5.67 1.98
CA TYR A 44 1.87 6.21 2.43
C TYR A 44 2.08 7.52 3.21
N GLU A 45 3.00 7.48 4.17
CA GLU A 45 3.30 8.66 4.97
C GLU A 45 3.53 9.88 4.09
N LYS A 46 4.36 9.73 3.07
CA LYS A 46 4.67 10.82 2.15
C LYS A 46 3.44 11.17 1.30
N MET A 47 2.96 10.19 0.54
CA MET A 47 1.79 10.41 -0.32
C MET A 47 0.68 11.12 0.45
N LEU A 48 0.57 10.81 1.73
CA LEU A 48 -0.46 11.44 2.57
C LEU A 48 -0.30 12.95 2.59
N ARG A 49 0.94 13.41 2.69
CA ARG A 49 1.22 14.84 2.72
C ARG A 49 0.83 15.49 1.40
N ASP A 50 1.22 14.87 0.29
CA ASP A 50 0.90 15.40 -1.03
C ASP A 50 0.41 14.28 -1.96
N GLN A 51 -0.90 14.21 -2.12
CA GLN A 51 -1.51 13.19 -2.97
C GLN A 51 -1.53 13.65 -4.43
N SER A 52 -0.40 14.17 -4.89
CA SER A 52 -0.28 14.64 -6.27
C SER A 52 0.83 13.91 -7.00
N ALA A 53 1.97 13.77 -6.34
CA ALA A 53 3.12 13.09 -6.93
C ALA A 53 2.69 11.81 -7.63
N VAL A 54 1.81 11.04 -6.99
CA VAL A 54 1.33 9.79 -7.56
C VAL A 54 -0.17 9.61 -7.29
N VAL A 55 -0.92 9.34 -8.34
CA VAL A 55 -2.36 9.14 -8.22
C VAL A 55 -2.72 7.65 -8.23
N VAL A 56 -3.88 7.32 -7.69
CA VAL A 56 -4.34 5.94 -7.63
C VAL A 56 -5.78 5.81 -8.14
N GLN A 57 -5.96 5.04 -9.20
CA GLN A 57 -7.29 4.84 -9.78
C GLN A 57 -7.85 3.47 -9.39
N GLY A 58 -9.07 3.19 -9.83
CA GLY A 58 -9.70 1.92 -9.53
C GLY A 58 -10.34 1.91 -8.16
N LEU A 59 -10.23 3.02 -7.44
CA LEU A 59 -10.79 3.13 -6.11
C LEU A 59 -12.30 3.34 -6.17
N PRO A 60 -13.00 2.92 -5.10
CA PRO A 60 -14.46 3.06 -5.01
C PRO A 60 -14.90 4.50 -4.86
N GLU A 61 -16.20 4.70 -4.61
CA GLU A 61 -16.74 6.03 -4.44
C GLU A 61 -16.56 6.53 -3.02
N GLY A 62 -16.69 7.84 -2.82
CA GLY A 62 -16.53 8.41 -1.50
C GLY A 62 -15.34 7.84 -0.76
N VAL A 63 -14.30 7.46 -1.49
CA VAL A 63 -13.11 6.89 -0.89
C VAL A 63 -11.88 7.75 -1.18
N ALA A 64 -10.83 7.56 -0.39
CA ALA A 64 -9.60 8.32 -0.57
C ALA A 64 -8.38 7.43 -0.35
N PHE A 65 -7.54 7.30 -1.38
CA PHE A 65 -6.34 6.48 -1.29
C PHE A 65 -5.74 6.55 0.11
N LYS A 66 -5.43 5.38 0.67
CA LYS A 66 -4.84 5.30 2.00
C LYS A 66 -4.47 3.87 2.35
N HIS A 67 -3.63 3.71 3.37
CA HIS A 67 -3.20 2.38 3.81
C HIS A 67 -4.35 1.38 3.69
N PRO A 68 -4.02 0.15 3.27
CA PRO A 68 -5.00 -0.92 3.11
C PRO A 68 -5.54 -1.43 4.45
N GLU A 69 -4.99 -0.89 5.54
CA GLU A 69 -5.43 -1.27 6.87
C GLU A 69 -6.58 -0.41 7.35
N ASN A 70 -6.64 0.82 6.82
CA ASN A 70 -7.70 1.75 7.20
C ASN A 70 -9.01 1.39 6.51
N TYR A 71 -8.92 0.60 5.44
CA TYR A 71 -10.09 0.19 4.68
C TYR A 71 -10.79 -0.97 5.36
N ASP A 72 -11.98 -0.72 5.90
CA ASP A 72 -12.76 -1.75 6.57
C ASP A 72 -12.71 -3.07 5.80
N LEU A 73 -12.71 -4.18 6.53
CA LEU A 73 -12.67 -5.50 5.91
C LEU A 73 -13.52 -5.53 4.66
N ALA A 74 -14.74 -5.02 4.75
CA ALA A 74 -15.65 -4.99 3.62
C ALA A 74 -15.04 -4.24 2.44
N THR A 75 -14.48 -3.07 2.71
CA THR A 75 -13.85 -2.26 1.66
C THR A 75 -12.66 -2.99 1.04
N LEU A 76 -11.82 -3.57 1.89
CA LEU A 76 -10.64 -4.29 1.44
C LEU A 76 -11.00 -5.27 0.32
N LYS A 77 -11.99 -6.12 0.58
CA LYS A 77 -12.44 -7.10 -0.40
C LYS A 77 -12.68 -6.45 -1.75
N TRP A 78 -13.35 -5.30 -1.74
CA TRP A 78 -13.66 -4.57 -2.98
C TRP A 78 -12.38 -4.30 -3.75
N ILE A 79 -11.49 -3.50 -3.17
CA ILE A 79 -10.22 -3.15 -3.82
C ILE A 79 -9.64 -4.36 -4.53
N LEU A 80 -9.54 -5.48 -3.83
CA LEU A 80 -9.00 -6.70 -4.42
C LEU A 80 -9.84 -7.18 -5.59
N GLU A 81 -11.15 -6.98 -5.49
CA GLU A 81 -12.07 -7.38 -6.55
C GLU A 81 -11.82 -6.58 -7.82
N ASN A 82 -11.87 -5.25 -7.70
CA ASN A 82 -11.65 -4.36 -8.83
C ASN A 82 -10.21 -3.85 -8.85
N LYS A 83 -9.27 -4.73 -8.55
CA LYS A 83 -7.86 -4.37 -8.53
C LYS A 83 -7.27 -4.43 -9.93
N ALA A 84 -7.49 -5.54 -10.62
CA ALA A 84 -6.98 -5.71 -11.98
C ALA A 84 -7.00 -4.40 -12.75
N GLY A 85 -8.04 -3.60 -12.53
CA GLY A 85 -8.16 -2.33 -13.21
C GLY A 85 -7.35 -1.24 -12.53
N ILE A 86 -7.33 -1.25 -11.20
CA ILE A 86 -6.58 -0.25 -10.44
C ILE A 86 -5.26 0.09 -11.12
N SER A 87 -5.06 1.37 -11.39
CA SER A 87 -3.84 1.84 -12.04
C SER A 87 -3.17 2.94 -11.22
N PHE A 88 -1.95 3.29 -11.61
CA PHE A 88 -1.20 4.32 -10.91
C PHE A 88 -0.59 5.32 -11.90
N ILE A 89 -0.88 6.61 -11.70
CA ILE A 89 -0.37 7.65 -12.57
C ILE A 89 0.69 8.48 -11.86
N ILE A 90 1.93 8.38 -12.33
CA ILE A 90 3.03 9.13 -11.74
C ILE A 90 3.12 10.54 -12.33
N LYS A 91 2.84 11.54 -11.50
CA LYS A 91 2.89 12.92 -11.93
C LYS A 91 4.27 13.52 -11.68
N ARG A 92 4.95 13.02 -10.66
CA ARG A 92 6.29 13.51 -10.32
C ARG A 92 6.84 12.75 -9.13
N PRO A 93 8.10 12.27 -9.26
CA PRO A 93 8.77 11.52 -8.20
C PRO A 93 9.13 12.40 -7.01
N PHE A 94 8.74 11.97 -5.82
CA PHE A 94 9.02 12.72 -4.60
C PHE A 94 10.47 13.20 -4.59
N LEU A 95 10.78 14.08 -3.65
CA LEU A 95 12.14 14.62 -3.52
C LEU A 95 12.82 14.11 -2.25
N GLU A 96 14.04 13.62 -2.40
CA GLU A 96 14.80 13.10 -1.28
C GLU A 96 16.29 13.30 -1.47
N PRO A 97 17.01 13.62 -0.38
CA PRO A 97 18.45 13.84 -0.42
C PRO A 97 19.24 12.56 -0.67
N LYS A 98 20.55 12.65 -0.54
CA LYS A 98 21.42 11.49 -0.75
C LYS A 98 21.15 10.42 0.30
N LYS A 99 20.99 9.18 -0.15
CA LYS A 99 20.74 8.07 0.76
C LYS A 99 21.66 8.13 1.97
N HIS A 100 21.08 8.13 3.16
CA HIS A 100 21.85 8.17 4.39
C HIS A 100 21.24 7.28 5.47
N VAL A 101 22.03 6.33 5.97
CA VAL A 101 21.56 5.41 6.99
C VAL A 101 21.14 6.16 8.26
N GLY A 102 19.84 6.23 8.50
CA GLY A 102 19.33 6.92 9.66
C GLY A 102 17.87 7.29 9.53
N GLY A 103 16.99 6.41 10.00
CA GLY A 103 15.56 6.65 9.91
C GLY A 103 14.74 5.41 10.17
N SER A 104 13.81 5.50 11.12
CA SER A 104 12.96 4.37 11.46
C SER A 104 11.82 4.81 12.38
N GLY A 105 10.74 4.03 12.37
CA GLY A 105 9.59 4.36 13.21
C GLY A 105 8.46 3.36 13.05
N PRO A 106 7.74 3.45 11.92
CA PRO A 106 6.61 2.56 11.62
C PRO A 106 7.06 1.13 11.34
N SER A 107 8.38 0.91 11.37
CA SER A 107 8.94 -0.42 11.11
C SER A 107 8.14 -1.49 11.84
N SER A 108 7.95 -1.31 13.15
CA SER A 108 7.20 -2.26 13.94
C SER A 108 5.72 -1.91 13.98
N GLY A 109 5.41 -0.74 14.54
CA GLY A 109 4.04 -0.30 14.63
C GLY A 109 3.54 0.32 13.34
N GLY A 1 -20.15 -13.30 18.23
CA GLY A 1 -21.09 -14.31 18.67
C GLY A 1 -20.60 -15.09 19.87
N SER A 2 -19.49 -15.80 19.70
CA SER A 2 -18.91 -16.59 20.76
C SER A 2 -17.52 -16.10 21.11
N SER A 3 -16.67 -15.93 20.10
CA SER A 3 -15.31 -15.45 20.31
C SER A 3 -15.18 -13.98 19.95
N GLY A 4 -14.03 -13.40 20.26
CA GLY A 4 -13.80 -12.00 19.97
C GLY A 4 -13.39 -11.21 21.20
N SER A 5 -14.10 -11.42 22.31
CA SER A 5 -13.81 -10.72 23.55
C SER A 5 -12.41 -11.08 24.05
N SER A 6 -12.07 -12.36 24.00
CA SER A 6 -10.77 -12.83 24.45
C SER A 6 -10.26 -13.97 23.57
N GLY A 7 -8.98 -13.90 23.21
CA GLY A 7 -8.40 -14.94 22.37
C GLY A 7 -8.44 -14.58 20.90
N MET A 8 -7.84 -15.43 20.07
CA MET A 8 -7.81 -15.19 18.62
C MET A 8 -8.98 -15.91 17.94
N SER A 9 -9.33 -15.44 16.75
CA SER A 9 -10.42 -16.03 15.99
C SER A 9 -9.91 -16.72 14.74
N VAL A 10 -10.79 -17.43 14.05
CA VAL A 10 -10.42 -18.15 12.83
C VAL A 10 -10.35 -17.20 11.65
N ASP A 11 -11.32 -16.28 11.56
CA ASP A 11 -11.36 -15.32 10.47
C ASP A 11 -10.39 -14.17 10.73
N ALA A 12 -9.90 -14.08 11.96
CA ALA A 12 -8.96 -13.03 12.32
C ALA A 12 -7.80 -12.97 11.35
N VAL A 13 -7.16 -14.11 11.11
CA VAL A 13 -6.04 -14.19 10.19
C VAL A 13 -6.43 -13.74 8.78
N GLU A 14 -7.74 -13.75 8.52
CA GLU A 14 -8.25 -13.35 7.21
C GLU A 14 -8.11 -11.84 7.01
N ILE A 15 -8.53 -11.08 8.01
CA ILE A 15 -8.45 -9.62 7.95
C ILE A 15 -7.01 -9.16 7.86
N GLU A 16 -6.10 -9.91 8.48
CA GLU A 16 -4.68 -9.56 8.47
C GLU A 16 -4.05 -9.93 7.12
N THR A 17 -4.47 -11.07 6.57
CA THR A 17 -3.95 -11.54 5.29
C THR A 17 -4.36 -10.60 4.16
N LEU A 18 -5.57 -10.06 4.26
CA LEU A 18 -6.08 -9.15 3.24
C LEU A 18 -5.24 -7.88 3.16
N ARG A 19 -4.89 -7.35 4.33
CA ARG A 19 -4.08 -6.13 4.40
C ARG A 19 -2.75 -6.33 3.69
N LYS A 20 -2.16 -7.51 3.85
CA LYS A 20 -0.88 -7.82 3.23
C LYS A 20 -1.01 -7.86 1.72
N THR A 21 -1.97 -8.64 1.23
CA THR A 21 -2.20 -8.77 -0.20
C THR A 21 -2.34 -7.40 -0.86
N VAL A 22 -3.18 -6.55 -0.26
CA VAL A 22 -3.40 -5.21 -0.79
C VAL A 22 -2.13 -4.35 -0.69
N GLU A 23 -1.41 -4.52 0.41
CA GLU A 23 -0.18 -3.77 0.63
C GLU A 23 0.81 -3.98 -0.51
N ASP A 24 0.91 -5.24 -0.97
CA ASP A 24 1.82 -5.58 -2.06
C ASP A 24 1.33 -4.97 -3.37
N TYR A 25 0.05 -5.15 -3.67
CA TYR A 25 -0.53 -4.64 -4.90
C TYR A 25 -0.08 -3.21 -5.15
N PHE A 26 -0.44 -2.30 -4.25
CA PHE A 26 -0.07 -0.89 -4.37
C PHE A 26 1.39 -0.76 -4.80
N CYS A 27 2.24 -1.62 -4.26
CA CYS A 27 3.67 -1.59 -4.59
C CYS A 27 3.90 -1.94 -6.05
N PHE A 28 3.23 -3.00 -6.52
CA PHE A 28 3.37 -3.44 -7.90
C PHE A 28 3.01 -2.32 -8.86
N CYS A 29 1.79 -1.80 -8.75
CA CYS A 29 1.33 -0.72 -9.62
C CYS A 29 2.30 0.45 -9.58
N TYR A 30 2.80 0.76 -8.38
CA TYR A 30 3.72 1.88 -8.21
C TYR A 30 5.03 1.61 -8.95
N GLY A 31 5.77 0.60 -8.49
CA GLY A 31 7.03 0.26 -9.12
C GLY A 31 6.88 -0.06 -10.59
N LYS A 32 5.70 -0.53 -10.97
CA LYS A 32 5.42 -0.88 -12.37
C LYS A 32 5.34 0.37 -13.23
N ALA A 33 4.69 1.40 -12.71
CA ALA A 33 4.53 2.66 -13.43
C ALA A 33 5.86 3.41 -13.52
N LEU A 34 6.73 3.18 -12.54
CA LEU A 34 8.03 3.83 -12.51
C LEU A 34 8.90 3.37 -13.67
N GLY A 35 8.74 2.11 -14.07
CA GLY A 35 9.51 1.57 -15.18
C GLY A 35 10.68 0.72 -14.70
N LYS A 36 10.55 0.16 -13.51
CA LYS A 36 11.61 -0.68 -12.95
C LYS A 36 11.33 -2.15 -13.22
N SER A 37 12.24 -3.01 -12.76
CA SER A 37 12.08 -4.45 -12.94
C SER A 37 11.73 -5.14 -11.63
N THR A 38 11.45 -4.33 -10.61
CA THR A 38 11.10 -4.86 -9.29
C THR A 38 9.99 -4.03 -8.65
N VAL A 39 9.41 -4.56 -7.58
CA VAL A 39 8.34 -3.87 -6.88
C VAL A 39 8.89 -2.81 -5.94
N VAL A 40 8.12 -1.73 -5.76
CA VAL A 40 8.54 -0.63 -4.88
C VAL A 40 7.47 -0.31 -3.85
N PRO A 41 7.90 -0.12 -2.59
CA PRO A 41 6.99 0.19 -1.49
C PRO A 41 6.40 1.59 -1.60
N VAL A 42 5.07 1.67 -1.66
CA VAL A 42 4.38 2.94 -1.78
C VAL A 42 4.57 3.78 -0.51
N PRO A 43 5.31 4.89 -0.64
CA PRO A 43 5.57 5.80 0.48
C PRO A 43 4.32 6.56 0.92
N TYR A 44 3.47 5.89 1.70
CA TYR A 44 2.24 6.50 2.18
C TYR A 44 2.51 7.89 2.75
N GLU A 45 3.17 7.93 3.91
CA GLU A 45 3.49 9.20 4.56
C GLU A 45 3.67 10.30 3.54
N LYS A 46 4.63 10.13 2.64
CA LYS A 46 4.90 11.11 1.60
C LYS A 46 3.67 11.34 0.72
N MET A 47 2.98 10.24 0.40
CA MET A 47 1.78 10.32 -0.43
C MET A 47 0.69 11.12 0.25
N LEU A 48 0.40 10.77 1.51
CA LEU A 48 -0.62 11.45 2.28
C LEU A 48 -0.42 12.97 2.25
N ARG A 49 0.84 13.39 2.27
CA ARG A 49 1.18 14.81 2.25
C ARG A 49 1.35 15.30 0.81
N ASP A 50 1.73 14.38 -0.08
CA ASP A 50 1.93 14.71 -1.48
C ASP A 50 1.30 13.66 -2.39
N GLN A 51 -0.03 13.74 -2.53
CA GLN A 51 -0.76 12.79 -3.37
C GLN A 51 -0.51 13.06 -4.85
N SER A 52 -0.47 14.34 -5.22
CA SER A 52 -0.24 14.74 -6.60
C SER A 52 0.88 13.90 -7.22
N ALA A 53 2.05 13.94 -6.59
CA ALA A 53 3.20 13.18 -7.08
C ALA A 53 2.76 11.88 -7.75
N VAL A 54 1.76 11.23 -7.15
CA VAL A 54 1.24 9.97 -7.67
C VAL A 54 -0.24 9.82 -7.37
N VAL A 55 -1.04 9.70 -8.42
CA VAL A 55 -2.49 9.54 -8.27
C VAL A 55 -2.88 8.07 -8.32
N VAL A 56 -4.00 7.75 -7.67
CA VAL A 56 -4.50 6.37 -7.63
C VAL A 56 -5.91 6.29 -8.20
N GLN A 57 -6.08 5.43 -9.20
CA GLN A 57 -7.38 5.25 -9.84
C GLN A 57 -7.90 3.83 -9.62
N GLY A 58 -9.21 3.65 -9.79
CA GLY A 58 -9.80 2.33 -9.62
C GLY A 58 -10.34 2.13 -8.22
N LEU A 59 -10.38 3.20 -7.44
CA LEU A 59 -10.87 3.13 -6.07
C LEU A 59 -12.39 3.26 -6.02
N PRO A 60 -13.01 2.76 -4.94
CA PRO A 60 -14.45 2.81 -4.76
C PRO A 60 -14.96 4.23 -4.51
N GLU A 61 -16.21 4.35 -4.08
CA GLU A 61 -16.81 5.65 -3.81
C GLU A 61 -16.71 5.99 -2.32
N GLY A 62 -16.75 7.29 -2.02
CA GLY A 62 -16.66 7.73 -0.64
C GLY A 62 -15.40 7.24 0.04
N VAL A 63 -14.42 6.82 -0.75
CA VAL A 63 -13.16 6.33 -0.21
C VAL A 63 -12.03 7.32 -0.47
N ALA A 64 -10.90 7.10 0.20
CA ALA A 64 -9.74 7.97 0.05
C ALA A 64 -8.44 7.18 0.13
N PHE A 65 -7.72 7.11 -0.98
CA PHE A 65 -6.46 6.38 -1.03
C PHE A 65 -5.72 6.48 0.30
N LYS A 66 -5.63 5.36 1.01
CA LYS A 66 -4.94 5.33 2.29
C LYS A 66 -4.47 3.91 2.62
N HIS A 67 -3.85 3.76 3.78
CA HIS A 67 -3.36 2.45 4.22
C HIS A 67 -4.43 1.38 4.06
N PRO A 68 -4.01 0.18 3.63
CA PRO A 68 -4.92 -0.95 3.43
C PRO A 68 -5.47 -1.49 4.74
N GLU A 69 -4.95 -0.98 5.85
CA GLU A 69 -5.39 -1.43 7.17
C GLU A 69 -6.52 -0.55 7.69
N ASN A 70 -6.63 0.65 7.12
CA ASN A 70 -7.67 1.59 7.53
C ASN A 70 -9.00 1.27 6.86
N TYR A 71 -8.94 0.46 5.80
CA TYR A 71 -10.14 0.06 5.07
C TYR A 71 -10.82 -1.12 5.73
N ASP A 72 -12.06 -0.93 6.14
CA ASP A 72 -12.83 -2.00 6.79
C ASP A 72 -12.76 -3.29 5.99
N LEU A 73 -12.71 -4.41 6.69
CA LEU A 73 -12.64 -5.72 6.04
C LEU A 73 -13.49 -5.74 4.77
N ALA A 74 -14.72 -5.23 4.87
CA ALA A 74 -15.63 -5.20 3.75
C ALA A 74 -15.01 -4.45 2.57
N THR A 75 -14.39 -3.31 2.84
CA THR A 75 -13.75 -2.50 1.81
C THR A 75 -12.55 -3.23 1.22
N LEU A 76 -11.66 -3.69 2.09
CA LEU A 76 -10.47 -4.39 1.66
C LEU A 76 -10.78 -5.38 0.54
N LYS A 77 -11.78 -6.23 0.77
CA LYS A 77 -12.19 -7.21 -0.22
C LYS A 77 -12.46 -6.56 -1.57
N TRP A 78 -13.20 -5.46 -1.55
CA TRP A 78 -13.52 -4.74 -2.77
C TRP A 78 -12.26 -4.42 -3.57
N ILE A 79 -11.37 -3.64 -2.98
CA ILE A 79 -10.13 -3.26 -3.63
C ILE A 79 -9.54 -4.44 -4.41
N LEU A 80 -9.37 -5.57 -3.73
CA LEU A 80 -8.82 -6.77 -4.36
C LEU A 80 -9.69 -7.20 -5.53
N GLU A 81 -11.01 -7.11 -5.36
CA GLU A 81 -11.95 -7.51 -6.40
C GLU A 81 -11.74 -6.67 -7.66
N ASN A 82 -11.79 -5.35 -7.50
CA ASN A 82 -11.62 -4.43 -8.62
C ASN A 82 -10.19 -3.89 -8.65
N LYS A 83 -9.22 -4.75 -8.33
CA LYS A 83 -7.82 -4.34 -8.32
C LYS A 83 -7.24 -4.37 -9.74
N ALA A 84 -7.43 -5.49 -10.43
CA ALA A 84 -6.93 -5.64 -11.79
C ALA A 84 -7.07 -4.34 -12.57
N GLY A 85 -8.05 -3.53 -12.19
CA GLY A 85 -8.27 -2.26 -12.87
C GLY A 85 -7.49 -1.12 -12.23
N ILE A 86 -7.36 -1.16 -10.91
CA ILE A 86 -6.63 -0.12 -10.19
C ILE A 86 -5.33 0.25 -10.91
N SER A 87 -5.18 1.53 -11.23
CA SER A 87 -4.00 2.01 -11.91
C SER A 87 -3.29 3.09 -11.10
N PHE A 88 -2.08 3.43 -11.51
CA PHE A 88 -1.29 4.45 -10.81
C PHE A 88 -0.64 5.41 -11.80
N ILE A 89 -0.96 6.69 -11.68
CA ILE A 89 -0.39 7.71 -12.56
C ILE A 89 0.68 8.52 -11.85
N ILE A 90 1.93 8.35 -12.28
CA ILE A 90 3.05 9.07 -11.69
C ILE A 90 3.20 10.46 -12.30
N LYS A 91 2.95 11.48 -11.49
CA LYS A 91 3.05 12.87 -11.95
C LYS A 91 4.44 13.42 -11.69
N ARG A 92 5.08 12.92 -10.64
CA ARG A 92 6.42 13.37 -10.27
C ARG A 92 6.94 12.62 -9.05
N PRO A 93 8.20 12.16 -9.13
CA PRO A 93 8.83 11.41 -8.03
C PRO A 93 9.12 12.30 -6.82
N PHE A 94 8.66 11.86 -5.65
CA PHE A 94 8.88 12.62 -4.42
C PHE A 94 10.33 13.09 -4.32
N LEU A 95 10.51 14.39 -4.12
CA LEU A 95 11.84 14.97 -3.99
C LEU A 95 12.05 15.58 -2.62
N GLU A 96 13.28 15.52 -2.12
CA GLU A 96 13.60 16.07 -0.80
C GLU A 96 14.95 16.80 -0.85
N PRO A 97 15.09 17.81 0.02
CA PRO A 97 16.32 18.60 0.12
C PRO A 97 17.49 17.81 0.68
N LYS A 98 18.68 18.39 0.62
CA LYS A 98 19.88 17.75 1.13
C LYS A 98 20.19 16.48 0.34
N LYS A 99 20.02 16.55 -0.97
CA LYS A 99 20.28 15.41 -1.85
C LYS A 99 19.84 14.11 -1.19
N HIS A 100 18.66 14.14 -0.58
CA HIS A 100 18.12 12.95 0.09
C HIS A 100 18.51 11.68 -0.66
N VAL A 101 19.05 10.72 0.07
CA VAL A 101 19.47 9.46 -0.52
C VAL A 101 18.39 8.38 -0.36
N GLY A 102 17.44 8.38 -1.29
CA GLY A 102 16.35 7.41 -1.23
C GLY A 102 15.22 7.85 -0.34
N GLY A 103 15.53 8.04 0.95
CA GLY A 103 14.52 8.46 1.90
C GLY A 103 14.84 8.05 3.32
N SER A 104 13.82 7.62 4.06
CA SER A 104 14.01 7.20 5.44
C SER A 104 12.88 6.28 5.89
N GLY A 105 13.18 5.00 6.05
CA GLY A 105 12.19 4.04 6.47
C GLY A 105 12.76 2.65 6.68
N PRO A 106 12.00 1.79 7.37
CA PRO A 106 12.43 0.42 7.65
C PRO A 106 12.46 -0.45 6.40
N SER A 107 13.24 -1.53 6.46
CA SER A 107 13.36 -2.45 5.33
C SER A 107 12.18 -3.42 5.28
N SER A 108 12.10 -4.19 4.20
CA SER A 108 11.03 -5.16 4.03
C SER A 108 11.55 -6.46 3.43
N GLY A 109 10.69 -7.46 3.35
CA GLY A 109 11.07 -8.74 2.79
C GLY A 109 10.16 -9.87 3.23
#